data_2DJN
#
_entry.id   2DJN
#
_entity_poly.entity_id   1
_entity_poly.type   'polypeptide(L)'
_entity_poly.pdbx_seq_one_letter_code
;GSSGSSGRKPRTIYSSFQLAALQRRFQKTQYLALPERAELAASLGLTQTQVKIWFQNKRSKIKKSGPSSG
;
_entity_poly.pdbx_strand_id   A
#
# COMPACT_ATOMS: atom_id res chain seq x y z
N GLY A 1 14.54 15.27 -9.76
CA GLY A 1 14.34 16.70 -9.95
C GLY A 1 15.38 17.53 -9.23
N SER A 2 15.40 17.44 -7.91
CA SER A 2 16.35 18.19 -7.10
C SER A 2 17.15 17.27 -6.19
N SER A 3 16.45 16.59 -5.29
CA SER A 3 17.09 15.67 -4.35
C SER A 3 17.09 14.25 -4.91
N GLY A 4 15.90 13.75 -5.25
CA GLY A 4 15.80 12.40 -5.79
C GLY A 4 15.62 11.36 -4.70
N SER A 5 14.42 10.77 -4.65
CA SER A 5 14.12 9.76 -3.64
C SER A 5 14.78 8.43 -4.00
N SER A 6 16.03 8.25 -3.57
CA SER A 6 16.78 7.04 -3.84
C SER A 6 17.32 6.43 -2.56
N GLY A 7 17.53 5.11 -2.58
CA GLY A 7 18.05 4.43 -1.40
C GLY A 7 17.81 2.94 -1.44
N ARG A 8 18.68 2.18 -0.80
CA ARG A 8 18.55 0.72 -0.76
C ARG A 8 18.65 0.20 0.67
N LYS A 9 17.61 -0.50 1.10
CA LYS A 9 17.58 -1.07 2.45
C LYS A 9 16.76 -2.35 2.48
N PRO A 10 17.18 -3.31 3.33
CA PRO A 10 16.50 -4.59 3.48
C PRO A 10 15.15 -4.46 4.16
N ARG A 11 15.01 -3.43 5.00
CA ARG A 11 13.77 -3.19 5.72
C ARG A 11 12.76 -2.45 4.84
N THR A 12 11.95 -3.21 4.12
CA THR A 12 10.95 -2.63 3.25
C THR A 12 10.38 -1.33 3.81
N ILE A 13 9.95 -0.44 2.93
CA ILE A 13 9.39 0.83 3.36
C ILE A 13 8.32 0.65 4.42
N TYR A 14 7.81 -0.58 4.52
CA TYR A 14 6.78 -0.89 5.51
C TYR A 14 7.02 -2.26 6.13
N SER A 15 6.71 -2.38 7.42
CA SER A 15 6.89 -3.64 8.14
C SER A 15 5.89 -4.68 7.68
N SER A 16 6.17 -5.94 8.01
CA SER A 16 5.29 -7.04 7.63
C SER A 16 3.93 -6.91 8.30
N PHE A 17 3.94 -6.47 9.56
CA PHE A 17 2.70 -6.31 10.31
C PHE A 17 1.82 -5.25 9.68
N GLN A 18 2.41 -4.11 9.34
CA GLN A 18 1.68 -3.01 8.72
C GLN A 18 1.22 -3.39 7.31
N LEU A 19 2.11 -4.01 6.55
CA LEU A 19 1.80 -4.42 5.19
C LEU A 19 0.66 -5.44 5.17
N ALA A 20 0.86 -6.56 5.85
CA ALA A 20 -0.15 -7.61 5.91
C ALA A 20 -1.55 -7.02 5.92
N ALA A 21 -1.86 -6.23 6.94
CA ALA A 21 -3.16 -5.60 7.07
C ALA A 21 -3.44 -4.69 5.88
N LEU A 22 -2.46 -3.88 5.51
CA LEU A 22 -2.60 -2.96 4.40
C LEU A 22 -3.04 -3.70 3.13
N GLN A 23 -2.15 -4.54 2.61
CA GLN A 23 -2.45 -5.30 1.41
C GLN A 23 -3.76 -6.07 1.56
N ARG A 24 -3.98 -6.63 2.75
CA ARG A 24 -5.20 -7.39 3.02
C ARG A 24 -6.43 -6.50 2.91
N ARG A 25 -6.24 -5.20 3.11
CA ARG A 25 -7.34 -4.25 3.03
C ARG A 25 -7.49 -3.70 1.61
N PHE A 26 -6.36 -3.51 0.94
CA PHE A 26 -6.37 -2.99 -0.42
C PHE A 26 -7.08 -3.94 -1.37
N GLN A 27 -6.74 -5.22 -1.29
CA GLN A 27 -7.36 -6.23 -2.15
C GLN A 27 -8.88 -6.12 -2.10
N LYS A 28 -9.41 -5.75 -0.94
CA LYS A 28 -10.85 -5.60 -0.77
C LYS A 28 -11.37 -4.40 -1.53
N THR A 29 -10.63 -3.29 -1.46
CA THR A 29 -11.02 -2.07 -2.15
C THR A 29 -9.83 -1.13 -2.31
N GLN A 30 -9.80 -0.40 -3.43
CA GLN A 30 -8.71 0.54 -3.70
C GLN A 30 -8.88 1.81 -2.89
N TYR A 31 -10.13 2.20 -2.65
CA TYR A 31 -10.43 3.41 -1.90
C TYR A 31 -10.91 3.07 -0.50
N LEU A 32 -10.54 3.90 0.47
CA LEU A 32 -10.94 3.69 1.86
C LEU A 32 -11.66 4.91 2.41
N ALA A 33 -12.84 4.69 2.99
CA ALA A 33 -13.62 5.78 3.56
C ALA A 33 -12.84 6.52 4.63
N LEU A 34 -13.48 7.50 5.26
CA LEU A 34 -12.84 8.29 6.31
C LEU A 34 -12.40 7.41 7.46
N PRO A 35 -13.37 6.72 8.09
CA PRO A 35 -13.10 5.82 9.22
C PRO A 35 -12.35 4.56 8.79
N GLU A 36 -12.35 4.30 7.49
CA GLU A 36 -11.67 3.12 6.96
C GLU A 36 -10.17 3.36 6.84
N ARG A 37 -9.81 4.52 6.28
CA ARG A 37 -8.41 4.88 6.10
C ARG A 37 -7.74 5.14 7.46
N ALA A 38 -8.50 5.71 8.39
CA ALA A 38 -7.98 6.01 9.72
C ALA A 38 -7.78 4.73 10.53
N GLU A 39 -8.58 3.71 10.24
CA GLU A 39 -8.50 2.44 10.94
C GLU A 39 -7.10 1.84 10.80
N LEU A 40 -6.54 1.92 9.60
CA LEU A 40 -5.21 1.39 9.34
C LEU A 40 -4.14 2.22 10.05
N ALA A 41 -4.33 3.53 10.06
CA ALA A 41 -3.38 4.43 10.72
C ALA A 41 -3.45 4.29 12.23
N ALA A 42 -4.65 4.06 12.75
CA ALA A 42 -4.86 3.91 14.19
C ALA A 42 -4.52 2.49 14.63
N SER A 43 -4.77 1.52 13.76
CA SER A 43 -4.50 0.12 14.07
C SER A 43 -3.03 -0.22 13.83
N LEU A 44 -2.59 -0.04 12.58
CA LEU A 44 -1.21 -0.33 12.22
C LEU A 44 -0.25 0.65 12.90
N GLY A 45 -0.80 1.74 13.41
CA GLY A 45 0.02 2.73 14.08
C GLY A 45 0.59 3.77 13.13
N LEU A 46 0.03 3.82 11.92
CA LEU A 46 0.49 4.77 10.91
C LEU A 46 -0.42 6.00 10.86
N THR A 47 -0.10 6.93 9.97
CA THR A 47 -0.88 8.15 9.82
C THR A 47 -1.60 8.18 8.48
N GLN A 48 -2.66 8.99 8.40
CA GLN A 48 -3.43 9.10 7.17
C GLN A 48 -2.54 9.48 5.99
N THR A 49 -1.47 10.21 6.29
CA THR A 49 -0.54 10.65 5.25
C THR A 49 0.30 9.49 4.74
N GLN A 50 0.41 8.44 5.56
CA GLN A 50 1.18 7.26 5.17
C GLN A 50 0.30 6.25 4.44
N VAL A 51 -0.83 5.92 5.05
CA VAL A 51 -1.76 4.95 4.46
C VAL A 51 -2.31 5.48 3.14
N LYS A 52 -2.29 6.80 2.97
CA LYS A 52 -2.79 7.42 1.76
C LYS A 52 -1.83 7.22 0.59
N ILE A 53 -0.56 7.56 0.82
CA ILE A 53 0.46 7.42 -0.21
C ILE A 53 0.68 5.95 -0.56
N TRP A 54 0.47 5.07 0.42
CA TRP A 54 0.65 3.64 0.22
C TRP A 54 -0.42 3.09 -0.72
N PHE A 55 -1.66 3.52 -0.51
CA PHE A 55 -2.77 3.06 -1.34
C PHE A 55 -2.68 3.66 -2.75
N GLN A 56 -2.21 4.90 -2.84
CA GLN A 56 -2.07 5.57 -4.11
C GLN A 56 -0.96 4.94 -4.95
N ASN A 57 0.25 4.91 -4.39
CA ASN A 57 1.40 4.34 -5.08
C ASN A 57 1.06 2.94 -5.62
N LYS A 58 0.61 2.06 -4.72
CA LYS A 58 0.26 0.70 -5.11
C LYS A 58 -0.53 0.69 -6.41
N ARG A 59 -1.63 1.43 -6.44
CA ARG A 59 -2.47 1.50 -7.62
C ARG A 59 -1.62 1.60 -8.89
N SER A 60 -0.52 2.34 -8.80
CA SER A 60 0.37 2.53 -9.93
C SER A 60 1.24 1.28 -10.14
N LYS A 61 1.62 0.64 -9.05
CA LYS A 61 2.45 -0.56 -9.11
C LYS A 61 1.65 -1.80 -8.73
N ILE A 62 0.43 -1.91 -9.27
CA ILE A 62 -0.42 -3.04 -8.99
C ILE A 62 0.10 -4.32 -9.64
N LYS A 63 0.63 -5.23 -8.83
CA LYS A 63 1.16 -6.49 -9.34
C LYS A 63 0.34 -6.99 -10.52
N LYS A 64 -0.97 -6.76 -10.47
CA LYS A 64 -1.87 -7.18 -11.53
C LYS A 64 -1.71 -6.31 -12.76
N SER A 65 -1.59 -6.94 -13.93
CA SER A 65 -1.43 -6.21 -15.18
C SER A 65 -2.78 -5.93 -15.82
N GLY A 66 -2.91 -4.75 -16.42
CA GLY A 66 -4.16 -4.38 -17.06
C GLY A 66 -4.45 -2.89 -16.97
N PRO A 67 -4.89 -2.45 -15.78
CA PRO A 67 -5.21 -1.05 -15.52
C PRO A 67 -3.97 -0.17 -15.49
N SER A 68 -2.84 -0.74 -15.08
CA SER A 68 -1.59 0.00 -15.01
C SER A 68 -1.17 0.51 -16.39
N SER A 69 -0.55 1.67 -16.43
CA SER A 69 -0.11 2.28 -17.68
C SER A 69 1.14 1.57 -18.21
N GLY A 70 1.61 2.01 -19.37
CA GLY A 70 2.80 1.41 -19.95
C GLY A 70 3.45 2.30 -21.00
N GLY A 1 7.48 11.36 -8.83
CA GLY A 1 7.97 11.55 -7.49
C GLY A 1 8.63 12.91 -7.29
N SER A 2 9.54 12.98 -6.34
CA SER A 2 10.24 14.24 -6.05
C SER A 2 11.65 14.21 -6.64
N SER A 3 11.78 13.70 -7.85
CA SER A 3 13.06 13.62 -8.52
C SER A 3 14.16 13.20 -7.54
N GLY A 4 13.84 12.25 -6.67
CA GLY A 4 14.81 11.80 -5.69
C GLY A 4 14.60 10.34 -5.31
N SER A 5 15.69 9.57 -5.33
CA SER A 5 15.62 8.14 -4.99
C SER A 5 16.86 7.72 -4.20
N SER A 6 16.71 6.64 -3.43
CA SER A 6 17.82 6.13 -2.63
C SER A 6 18.30 4.79 -3.17
N GLY A 7 17.41 3.80 -3.14
CA GLY A 7 17.77 2.47 -3.63
C GLY A 7 17.82 1.44 -2.52
N ARG A 8 18.93 0.72 -2.43
CA ARG A 8 19.10 -0.31 -1.41
C ARG A 8 18.53 0.15 -0.07
N LYS A 9 18.14 -0.80 0.77
CA LYS A 9 17.58 -0.49 2.08
C LYS A 9 17.43 -1.75 2.92
N PRO A 10 17.63 -1.62 4.24
CA PRO A 10 17.53 -2.74 5.17
C PRO A 10 16.09 -3.22 5.34
N ARG A 11 15.19 -2.28 5.62
CA ARG A 11 13.78 -2.61 5.80
C ARG A 11 12.91 -1.87 4.80
N THR A 12 11.87 -2.55 4.30
CA THR A 12 10.96 -1.96 3.33
C THR A 12 10.27 -0.73 3.91
N ILE A 13 9.78 0.14 3.02
CA ILE A 13 9.09 1.36 3.43
C ILE A 13 8.04 1.06 4.49
N TYR A 14 7.64 -0.20 4.58
CA TYR A 14 6.64 -0.63 5.55
C TYR A 14 6.99 -1.97 6.16
N SER A 15 6.60 -2.17 7.41
CA SER A 15 6.88 -3.42 8.12
C SER A 15 5.97 -4.54 7.64
N SER A 16 6.37 -5.78 7.90
CA SER A 16 5.58 -6.94 7.49
C SER A 16 4.19 -6.91 8.12
N PHE A 17 4.14 -6.58 9.42
CA PHE A 17 2.88 -6.52 10.14
C PHE A 17 1.95 -5.48 9.52
N GLN A 18 2.42 -4.24 9.47
CA GLN A 18 1.63 -3.15 8.90
C GLN A 18 1.19 -3.48 7.48
N LEU A 19 2.09 -4.08 6.71
CA LEU A 19 1.79 -4.45 5.33
C LEU A 19 0.70 -5.51 5.27
N ALA A 20 0.96 -6.66 5.90
CA ALA A 20 -0.01 -7.75 5.93
C ALA A 20 -1.44 -7.22 5.97
N ALA A 21 -1.71 -6.37 6.94
CA ALA A 21 -3.04 -5.79 7.10
C ALA A 21 -3.35 -4.82 5.96
N LEU A 22 -2.38 -3.97 5.63
CA LEU A 22 -2.54 -3.00 4.55
C LEU A 22 -3.06 -3.67 3.28
N GLN A 23 -2.28 -4.60 2.74
CA GLN A 23 -2.66 -5.30 1.53
C GLN A 23 -4.01 -5.97 1.70
N ARG A 24 -4.22 -6.61 2.86
CA ARG A 24 -5.48 -7.28 3.13
C ARG A 24 -6.67 -6.36 2.90
N ARG A 25 -6.47 -5.07 3.18
CA ARG A 25 -7.53 -4.08 3.01
C ARG A 25 -7.51 -3.53 1.59
N PHE A 26 -6.32 -3.38 1.02
CA PHE A 26 -6.17 -2.86 -0.33
C PHE A 26 -6.81 -3.79 -1.35
N GLN A 27 -6.63 -5.09 -1.16
CA GLN A 27 -7.19 -6.09 -2.06
C GLN A 27 -8.71 -6.04 -2.04
N LYS A 28 -9.28 -5.75 -0.88
CA LYS A 28 -10.72 -5.68 -0.73
C LYS A 28 -11.28 -4.46 -1.46
N THR A 29 -10.65 -3.31 -1.27
CA THR A 29 -11.09 -2.08 -1.91
C THR A 29 -9.90 -1.14 -2.15
N GLN A 30 -9.83 -0.59 -3.36
CA GLN A 30 -8.75 0.32 -3.72
C GLN A 30 -8.89 1.64 -2.96
N TYR A 31 -10.13 2.04 -2.71
CA TYR A 31 -10.40 3.29 -2.00
C TYR A 31 -11.02 3.02 -0.63
N LEU A 32 -10.45 3.63 0.40
CA LEU A 32 -10.95 3.46 1.76
C LEU A 32 -11.66 4.72 2.25
N ALA A 33 -12.85 4.54 2.81
CA ALA A 33 -13.63 5.66 3.33
C ALA A 33 -12.81 6.49 4.32
N LEU A 34 -13.41 7.57 4.79
CA LEU A 34 -12.74 8.45 5.74
C LEU A 34 -12.29 7.68 6.98
N PRO A 35 -13.25 7.08 7.68
CA PRO A 35 -12.98 6.29 8.89
C PRO A 35 -12.25 4.98 8.58
N GLU A 36 -12.49 4.45 7.39
CA GLU A 36 -11.86 3.21 6.97
C GLU A 36 -10.35 3.38 6.81
N ARG A 37 -9.95 4.50 6.22
CA ARG A 37 -8.54 4.79 6.00
C ARG A 37 -7.83 5.05 7.33
N ALA A 38 -8.52 5.73 8.24
CA ALA A 38 -7.96 6.04 9.54
C ALA A 38 -7.72 4.77 10.36
N GLU A 39 -8.68 3.84 10.27
CA GLU A 39 -8.57 2.58 11.01
C GLU A 39 -7.19 1.96 10.83
N LEU A 40 -6.68 2.01 9.61
CA LEU A 40 -5.36 1.45 9.31
C LEU A 40 -4.26 2.21 10.04
N ALA A 41 -4.38 3.53 10.07
CA ALA A 41 -3.41 4.38 10.74
C ALA A 41 -3.51 4.24 12.26
N ALA A 42 -4.68 3.84 12.72
CA ALA A 42 -4.91 3.67 14.16
C ALA A 42 -4.46 2.29 14.62
N SER A 43 -4.78 1.27 13.83
CA SER A 43 -4.41 -0.11 14.17
C SER A 43 -2.93 -0.35 13.89
N LEU A 44 -2.54 -0.19 12.62
CA LEU A 44 -1.15 -0.40 12.22
C LEU A 44 -0.24 0.63 12.86
N GLY A 45 -0.85 1.64 13.50
CA GLY A 45 -0.07 2.67 14.15
C GLY A 45 0.54 3.65 13.16
N LEU A 46 -0.04 3.72 11.96
CA LEU A 46 0.46 4.61 10.92
C LEU A 46 -0.39 5.88 10.86
N THR A 47 -0.03 6.78 9.94
CA THR A 47 -0.74 8.03 9.77
C THR A 47 -1.45 8.09 8.42
N GLN A 48 -2.55 8.84 8.36
CA GLN A 48 -3.30 8.97 7.12
C GLN A 48 -2.39 9.31 5.95
N THR A 49 -1.46 10.25 6.18
CA THR A 49 -0.53 10.65 5.14
C THR A 49 0.30 9.49 4.65
N GLN A 50 0.42 8.45 5.49
CA GLN A 50 1.18 7.26 5.13
C GLN A 50 0.31 6.23 4.42
N VAL A 51 -0.79 5.84 5.07
CA VAL A 51 -1.71 4.87 4.49
C VAL A 51 -2.34 5.40 3.22
N LYS A 52 -2.38 6.72 3.08
CA LYS A 52 -2.96 7.35 1.91
C LYS A 52 -2.04 7.19 0.70
N ILE A 53 -0.77 7.54 0.87
CA ILE A 53 0.20 7.42 -0.21
C ILE A 53 0.42 5.96 -0.60
N TRP A 54 0.51 5.09 0.39
CA TRP A 54 0.71 3.67 0.16
C TRP A 54 -0.33 3.13 -0.80
N PHE A 55 -1.57 3.57 -0.64
CA PHE A 55 -2.66 3.12 -1.51
C PHE A 55 -2.56 3.76 -2.89
N GLN A 56 -2.12 5.02 -2.92
CA GLN A 56 -1.99 5.75 -4.18
C GLN A 56 -0.90 5.14 -5.04
N ASN A 57 0.25 4.83 -4.42
CA ASN A 57 1.38 4.25 -5.14
C ASN A 57 0.99 2.90 -5.75
N LYS A 58 0.64 1.95 -4.89
CA LYS A 58 0.24 0.62 -5.34
C LYS A 58 -0.59 0.71 -6.62
N ARG A 59 -1.72 1.41 -6.55
CA ARG A 59 -2.60 1.56 -7.70
C ARG A 59 -1.79 1.79 -8.97
N SER A 60 -0.72 2.57 -8.85
CA SER A 60 0.13 2.88 -10.00
C SER A 60 0.85 1.63 -10.49
N LYS A 61 1.29 0.80 -9.55
CA LYS A 61 1.99 -0.43 -9.88
C LYS A 61 1.02 -1.49 -10.41
N ILE A 62 -0.26 -1.16 -10.38
CA ILE A 62 -1.29 -2.09 -10.86
C ILE A 62 -1.57 -1.86 -12.34
N LYS A 63 -1.27 -2.87 -13.16
CA LYS A 63 -1.50 -2.79 -14.60
C LYS A 63 -0.45 -1.89 -15.26
N LYS A 64 0.81 -2.06 -14.87
CA LYS A 64 1.89 -1.25 -15.43
C LYS A 64 2.44 -1.90 -16.70
N SER A 65 3.01 -1.08 -17.57
CA SER A 65 3.58 -1.56 -18.82
C SER A 65 4.65 -2.62 -18.56
N GLY A 66 4.28 -3.89 -18.72
CA GLY A 66 5.21 -4.97 -18.49
C GLY A 66 4.68 -6.01 -17.52
N PRO A 67 3.86 -6.94 -18.04
CA PRO A 67 3.27 -8.00 -17.23
C PRO A 67 4.30 -9.03 -16.77
N SER A 68 5.18 -9.42 -17.68
CA SER A 68 6.22 -10.40 -17.37
C SER A 68 5.69 -11.47 -16.43
N SER A 69 4.47 -11.94 -16.70
CA SER A 69 3.85 -12.96 -15.86
C SER A 69 4.42 -14.34 -16.18
N GLY A 70 5.56 -14.65 -15.56
CA GLY A 70 6.20 -15.94 -15.79
C GLY A 70 5.31 -17.10 -15.41
N GLY A 1 18.89 6.01 -2.69
CA GLY A 1 18.58 5.19 -1.53
C GLY A 1 17.90 3.89 -1.90
N SER A 2 18.68 2.94 -2.40
CA SER A 2 18.15 1.64 -2.80
C SER A 2 17.79 0.80 -1.57
N SER A 3 18.75 0.62 -0.67
CA SER A 3 18.53 -0.15 0.54
C SER A 3 19.73 -0.07 1.46
N GLY A 4 19.63 -0.69 2.63
CA GLY A 4 20.71 -0.66 3.59
C GLY A 4 20.23 -0.53 5.03
N SER A 5 20.28 -1.63 5.77
CA SER A 5 19.84 -1.64 7.16
C SER A 5 20.18 -2.96 7.83
N SER A 6 20.60 -2.88 9.10
CA SER A 6 20.97 -4.07 9.85
C SER A 6 20.27 -4.08 11.21
N GLY A 7 19.25 -4.93 11.33
CA GLY A 7 18.51 -5.03 12.57
C GLY A 7 17.43 -6.10 12.53
N ARG A 8 16.36 -5.88 13.29
CA ARG A 8 15.26 -6.84 13.32
C ARG A 8 14.09 -6.37 12.48
N LYS A 9 14.39 -5.89 11.27
CA LYS A 9 13.37 -5.40 10.35
C LYS A 9 13.39 -6.18 9.04
N PRO A 10 12.23 -6.25 8.38
CA PRO A 10 12.10 -6.97 7.11
C PRO A 10 12.82 -6.25 5.97
N ARG A 11 13.38 -5.08 6.26
CA ARG A 11 14.10 -4.31 5.26
C ARG A 11 13.16 -3.82 4.17
N THR A 12 12.04 -3.22 4.57
CA THR A 12 11.05 -2.71 3.63
C THR A 12 10.50 -1.37 4.09
N ILE A 13 10.08 -0.55 3.13
CA ILE A 13 9.53 0.76 3.43
C ILE A 13 8.41 0.66 4.46
N TYR A 14 7.90 -0.55 4.65
CA TYR A 14 6.82 -0.78 5.62
C TYR A 14 7.04 -2.08 6.37
N SER A 15 6.59 -2.12 7.62
CA SER A 15 6.73 -3.31 8.45
C SER A 15 5.81 -4.42 7.98
N SER A 16 6.21 -5.66 8.24
CA SER A 16 5.42 -6.82 7.83
C SER A 16 4.03 -6.77 8.46
N PHE A 17 3.97 -6.33 9.71
CA PHE A 17 2.71 -6.24 10.43
C PHE A 17 1.78 -5.22 9.77
N GLN A 18 2.35 -4.09 9.37
CA GLN A 18 1.59 -3.03 8.73
C GLN A 18 1.19 -3.42 7.31
N LEU A 19 2.10 -4.09 6.61
CA LEU A 19 1.84 -4.53 5.25
C LEU A 19 0.80 -5.64 5.22
N ALA A 20 0.99 -6.65 6.06
CA ALA A 20 0.07 -7.77 6.13
C ALA A 20 -1.38 -7.30 6.10
N ALA A 21 -1.68 -6.29 6.92
CA ALA A 21 -3.03 -5.74 6.99
C ALA A 21 -3.32 -4.86 5.78
N LEU A 22 -2.35 -4.03 5.41
CA LEU A 22 -2.51 -3.13 4.27
C LEU A 22 -2.85 -3.92 3.00
N GLN A 23 -1.92 -4.78 2.57
CA GLN A 23 -2.13 -5.58 1.37
C GLN A 23 -3.44 -6.35 1.44
N ARG A 24 -3.92 -6.58 2.66
CA ARG A 24 -5.18 -7.29 2.86
C ARG A 24 -6.37 -6.38 2.62
N ARG A 25 -6.23 -5.11 3.02
CA ARG A 25 -7.29 -4.13 2.84
C ARG A 25 -7.36 -3.64 1.40
N PHE A 26 -6.20 -3.43 0.80
CA PHE A 26 -6.12 -2.97 -0.58
C PHE A 26 -6.99 -3.83 -1.50
N GLN A 27 -6.89 -5.14 -1.34
CA GLN A 27 -7.66 -6.07 -2.15
C GLN A 27 -9.16 -5.75 -2.05
N LYS A 28 -9.64 -5.56 -0.84
CA LYS A 28 -11.05 -5.25 -0.60
C LYS A 28 -11.47 -4.03 -1.42
N THR A 29 -10.71 -2.95 -1.29
CA THR A 29 -11.01 -1.72 -2.02
C THR A 29 -9.77 -0.85 -2.17
N GLN A 30 -9.62 -0.24 -3.34
CA GLN A 30 -8.46 0.62 -3.60
C GLN A 30 -8.64 1.97 -2.92
N TYR A 31 -9.88 2.34 -2.64
CA TYR A 31 -10.17 3.62 -1.98
C TYR A 31 -10.83 3.39 -0.63
N LEU A 32 -10.28 4.02 0.40
CA LEU A 32 -10.82 3.89 1.75
C LEU A 32 -11.54 5.17 2.17
N ALA A 33 -12.57 5.03 2.99
CA ALA A 33 -13.33 6.17 3.47
C ALA A 33 -12.57 6.91 4.57
N LEU A 34 -13.23 7.92 5.15
CA LEU A 34 -12.61 8.71 6.21
C LEU A 34 -12.15 7.83 7.36
N PRO A 35 -13.10 7.09 7.97
CA PRO A 35 -12.80 6.19 9.08
C PRO A 35 -12.02 4.97 8.65
N GLU A 36 -12.46 4.34 7.56
CA GLU A 36 -11.80 3.16 7.04
C GLU A 36 -10.29 3.39 6.88
N ARG A 37 -9.94 4.56 6.39
CA ARG A 37 -8.54 4.91 6.18
C ARG A 37 -7.84 5.10 7.53
N ALA A 38 -8.52 5.75 8.46
CA ALA A 38 -7.96 5.99 9.79
C ALA A 38 -7.74 4.69 10.54
N GLU A 39 -8.64 3.73 10.33
CA GLU A 39 -8.54 2.43 11.00
C GLU A 39 -7.13 1.85 10.84
N LEU A 40 -6.60 1.93 9.63
CA LEU A 40 -5.27 1.41 9.33
C LEU A 40 -4.19 2.24 10.05
N ALA A 41 -4.40 3.54 10.10
CA ALA A 41 -3.46 4.44 10.75
C ALA A 41 -3.54 4.31 12.27
N ALA A 42 -4.67 3.82 12.76
CA ALA A 42 -4.88 3.65 14.19
C ALA A 42 -4.45 2.25 14.64
N SER A 43 -4.73 1.25 13.81
CA SER A 43 -4.38 -0.12 14.12
C SER A 43 -2.92 -0.41 13.77
N LEU A 44 -2.58 -0.19 12.50
CA LEU A 44 -1.21 -0.42 12.04
C LEU A 44 -0.24 0.55 12.71
N GLY A 45 -0.77 1.66 13.21
CA GLY A 45 0.08 2.64 13.87
C GLY A 45 0.64 3.66 12.91
N LEU A 46 0.03 3.75 11.73
CA LEU A 46 0.48 4.70 10.71
C LEU A 46 -0.40 5.95 10.70
N THR A 47 -0.04 6.91 9.85
CA THR A 47 -0.80 8.14 9.74
C THR A 47 -1.58 8.20 8.43
N GLN A 48 -2.63 9.02 8.41
CA GLN A 48 -3.46 9.16 7.21
C GLN A 48 -2.61 9.51 6.00
N THR A 49 -1.52 10.22 6.24
CA THR A 49 -0.62 10.62 5.16
C THR A 49 0.21 9.45 4.66
N GLN A 50 0.30 8.40 5.49
CA GLN A 50 1.06 7.21 5.14
C GLN A 50 0.18 6.20 4.40
N VAL A 51 -0.93 5.84 5.03
CA VAL A 51 -1.86 4.88 4.44
C VAL A 51 -2.40 5.38 3.11
N LYS A 52 -2.42 6.70 2.95
CA LYS A 52 -2.91 7.31 1.71
C LYS A 52 -1.93 7.09 0.57
N ILE A 53 -0.69 7.53 0.76
CA ILE A 53 0.34 7.38 -0.24
C ILE A 53 0.56 5.91 -0.59
N TRP A 54 0.47 5.05 0.41
CA TRP A 54 0.65 3.62 0.22
C TRP A 54 -0.37 3.06 -0.76
N PHE A 55 -1.64 3.38 -0.52
CA PHE A 55 -2.72 2.91 -1.38
C PHE A 55 -2.62 3.53 -2.77
N GLN A 56 -2.30 4.82 -2.82
CA GLN A 56 -2.17 5.53 -4.09
C GLN A 56 -1.03 4.94 -4.92
N ASN A 57 0.13 4.76 -4.30
CA ASN A 57 1.29 4.21 -4.98
C ASN A 57 0.97 2.84 -5.57
N LYS A 58 0.48 1.94 -4.72
CA LYS A 58 0.14 0.58 -5.16
C LYS A 58 -0.70 0.63 -6.43
N ARG A 59 -1.73 1.47 -6.45
CA ARG A 59 -2.59 1.60 -7.61
C ARG A 59 -1.78 1.69 -8.90
N SER A 60 -0.74 2.52 -8.86
CA SER A 60 0.12 2.71 -10.03
C SER A 60 0.86 1.43 -10.37
N LYS A 61 1.05 0.58 -9.37
CA LYS A 61 1.75 -0.69 -9.55
C LYS A 61 0.76 -1.83 -9.76
N ILE A 62 -0.17 -1.65 -10.70
CA ILE A 62 -1.17 -2.65 -10.99
C ILE A 62 -1.35 -2.82 -12.50
N LYS A 63 -1.68 -4.04 -12.92
CA LYS A 63 -1.89 -4.33 -14.34
C LYS A 63 -0.57 -4.32 -15.10
N LYS A 64 0.47 -4.87 -14.47
CA LYS A 64 1.79 -4.94 -15.09
C LYS A 64 2.01 -6.28 -15.78
N SER A 65 2.83 -6.27 -16.81
CA SER A 65 3.12 -7.49 -17.57
C SER A 65 4.08 -8.39 -16.81
N GLY A 66 3.54 -9.40 -16.15
CA GLY A 66 4.37 -10.32 -15.38
C GLY A 66 4.52 -11.67 -16.06
N PRO A 67 5.62 -12.37 -15.77
CA PRO A 67 5.90 -13.69 -16.34
C PRO A 67 4.97 -14.76 -15.81
N SER A 68 4.16 -14.40 -14.81
CA SER A 68 3.22 -15.33 -14.21
C SER A 68 2.12 -14.59 -13.45
N SER A 69 0.90 -15.12 -13.52
CA SER A 69 -0.24 -14.50 -12.84
C SER A 69 -0.38 -15.04 -11.42
N GLY A 70 -0.36 -16.37 -11.30
CA GLY A 70 -0.49 -17.00 -10.00
C GLY A 70 -1.77 -17.81 -9.87
N GLY A 1 12.47 10.49 -8.58
CA GLY A 1 12.61 9.05 -8.42
C GLY A 1 13.73 8.69 -7.46
N SER A 2 13.35 8.36 -6.22
CA SER A 2 14.33 8.00 -5.20
C SER A 2 15.17 6.80 -5.65
N SER A 3 14.50 5.80 -6.20
CA SER A 3 15.18 4.59 -6.67
C SER A 3 14.23 3.72 -7.49
N GLY A 4 14.78 3.04 -8.50
CA GLY A 4 13.97 2.19 -9.35
C GLY A 4 14.46 0.76 -9.34
N SER A 5 14.23 0.05 -8.25
CA SER A 5 14.67 -1.34 -8.12
C SER A 5 13.53 -2.22 -7.63
N SER A 6 13.61 -3.51 -7.94
CA SER A 6 12.57 -4.46 -7.53
C SER A 6 13.17 -5.85 -7.30
N GLY A 7 13.13 -6.30 -6.05
CA GLY A 7 13.68 -7.60 -5.73
C GLY A 7 13.37 -8.02 -4.31
N ARG A 8 14.38 -8.54 -3.61
CA ARG A 8 14.21 -8.98 -2.23
C ARG A 8 15.08 -8.15 -1.29
N LYS A 9 14.43 -7.49 -0.33
CA LYS A 9 15.13 -6.65 0.63
C LYS A 9 14.76 -7.04 2.07
N PRO A 10 15.74 -6.98 2.97
CA PRO A 10 15.54 -7.32 4.39
C PRO A 10 14.67 -6.30 5.11
N ARG A 11 14.67 -5.07 4.62
CA ARG A 11 13.88 -4.00 5.21
C ARG A 11 13.03 -3.30 4.16
N THR A 12 11.73 -3.21 4.41
CA THR A 12 10.81 -2.56 3.48
C THR A 12 10.26 -1.27 4.07
N ILE A 13 9.78 -0.39 3.20
CA ILE A 13 9.22 0.89 3.63
C ILE A 13 8.18 0.69 4.74
N TYR A 14 7.68 -0.53 4.85
CA TYR A 14 6.67 -0.85 5.86
C TYR A 14 6.94 -2.22 6.47
N SER A 15 6.60 -2.37 7.76
CA SER A 15 6.81 -3.62 8.47
C SER A 15 5.86 -4.70 7.96
N SER A 16 6.27 -5.96 8.11
CA SER A 16 5.45 -7.09 7.65
C SER A 16 4.06 -7.03 8.27
N PHE A 17 4.00 -6.61 9.53
CA PHE A 17 2.73 -6.50 10.24
C PHE A 17 1.83 -5.44 9.62
N GLN A 18 2.39 -4.25 9.41
CA GLN A 18 1.64 -3.15 8.82
C GLN A 18 1.23 -3.47 7.39
N LEU A 19 2.10 -4.18 6.68
CA LEU A 19 1.83 -4.56 5.29
C LEU A 19 0.76 -5.64 5.22
N ALA A 20 0.98 -6.73 5.93
CA ALA A 20 0.02 -7.84 5.95
C ALA A 20 -1.41 -7.32 5.91
N ALA A 21 -1.70 -6.32 6.74
CA ALA A 21 -3.03 -5.74 6.80
C ALA A 21 -3.29 -4.82 5.61
N LEU A 22 -2.36 -3.91 5.35
CA LEU A 22 -2.49 -2.99 4.23
C LEU A 22 -2.83 -3.73 2.95
N GLN A 23 -1.96 -4.66 2.55
CA GLN A 23 -2.17 -5.43 1.33
C GLN A 23 -3.49 -6.19 1.40
N ARG A 24 -3.81 -6.72 2.58
CA ARG A 24 -5.05 -7.47 2.77
C ARG A 24 -6.26 -6.56 2.57
N ARG A 25 -6.08 -5.27 2.82
CA ARG A 25 -7.17 -4.31 2.69
C ARG A 25 -7.25 -3.80 1.25
N PHE A 26 -6.10 -3.65 0.61
CA PHE A 26 -6.05 -3.17 -0.77
C PHE A 26 -6.86 -4.06 -1.69
N GLN A 27 -6.71 -5.37 -1.52
CA GLN A 27 -7.43 -6.34 -2.33
C GLN A 27 -8.94 -6.13 -2.23
N LYS A 28 -9.43 -6.07 -1.00
CA LYS A 28 -10.86 -5.86 -0.76
C LYS A 28 -11.37 -4.65 -1.53
N THR A 29 -10.82 -3.48 -1.22
CA THR A 29 -11.21 -2.25 -1.88
C THR A 29 -10.00 -1.39 -2.24
N GLN A 30 -10.16 -0.55 -3.25
CA GLN A 30 -9.07 0.32 -3.69
C GLN A 30 -9.08 1.63 -2.91
N TYR A 31 -10.27 2.08 -2.52
CA TYR A 31 -10.42 3.32 -1.77
C TYR A 31 -11.02 3.06 -0.40
N LEU A 32 -10.67 3.91 0.56
CA LEU A 32 -11.19 3.77 1.92
C LEU A 32 -11.88 5.06 2.37
N ALA A 33 -12.96 4.91 3.13
CA ALA A 33 -13.70 6.06 3.64
C ALA A 33 -12.86 6.87 4.62
N LEU A 34 -13.45 7.92 5.16
CA LEU A 34 -12.77 8.78 6.13
C LEU A 34 -12.31 7.98 7.34
N PRO A 35 -13.28 7.37 8.05
CA PRO A 35 -12.99 6.56 9.24
C PRO A 35 -12.29 5.25 8.89
N GLU A 36 -12.53 4.75 7.69
CA GLU A 36 -11.92 3.50 7.25
C GLU A 36 -10.40 3.67 7.10
N ARG A 37 -9.99 4.68 6.34
CA ARG A 37 -8.58 4.94 6.11
C ARG A 37 -7.85 5.13 7.43
N ALA A 38 -8.49 5.84 8.37
CA ALA A 38 -7.89 6.10 9.68
C ALA A 38 -7.67 4.80 10.43
N GLU A 39 -8.68 3.93 10.43
CA GLU A 39 -8.57 2.65 11.12
C GLU A 39 -7.20 2.02 10.92
N LEU A 40 -6.71 2.08 9.68
CA LEU A 40 -5.41 1.52 9.35
C LEU A 40 -4.28 2.30 10.02
N ALA A 41 -4.43 3.63 10.05
CA ALA A 41 -3.43 4.49 10.67
C ALA A 41 -3.37 4.27 12.17
N ALA A 42 -4.54 4.17 12.79
CA ALA A 42 -4.62 3.96 14.23
C ALA A 42 -4.29 2.51 14.60
N SER A 43 -4.75 1.58 13.77
CA SER A 43 -4.49 0.17 14.01
C SER A 43 -3.05 -0.19 13.70
N LEU A 44 -2.65 0.02 12.45
CA LEU A 44 -1.28 -0.28 12.03
C LEU A 44 -0.28 0.65 12.69
N GLY A 45 -0.79 1.71 13.32
CA GLY A 45 0.07 2.66 13.99
C GLY A 45 0.65 3.70 13.04
N LEU A 46 0.04 3.82 11.86
CA LEU A 46 0.50 4.77 10.86
C LEU A 46 -0.39 6.02 10.85
N THR A 47 -0.03 6.98 10.00
CA THR A 47 -0.80 8.22 9.90
C THR A 47 -1.58 8.26 8.58
N GLN A 48 -2.59 9.12 8.53
CA GLN A 48 -3.42 9.25 7.34
C GLN A 48 -2.57 9.62 6.13
N THR A 49 -1.43 10.24 6.38
CA THR A 49 -0.53 10.65 5.31
C THR A 49 0.34 9.49 4.85
N GLN A 50 0.35 8.42 5.64
CA GLN A 50 1.15 7.24 5.32
C GLN A 50 0.30 6.19 4.60
N VAL A 51 -0.92 5.98 5.09
CA VAL A 51 -1.82 5.01 4.50
C VAL A 51 -2.40 5.53 3.18
N LYS A 52 -2.37 6.85 3.00
CA LYS A 52 -2.87 7.47 1.79
C LYS A 52 -1.93 7.25 0.62
N ILE A 53 -0.65 7.51 0.85
CA ILE A 53 0.37 7.34 -0.18
C ILE A 53 0.55 5.87 -0.54
N TRP A 54 0.57 5.02 0.48
CA TRP A 54 0.74 3.58 0.27
C TRP A 54 -0.34 3.05 -0.68
N PHE A 55 -1.58 3.44 -0.46
CA PHE A 55 -2.69 3.00 -1.30
C PHE A 55 -2.58 3.61 -2.70
N GLN A 56 -2.48 4.94 -2.76
CA GLN A 56 -2.37 5.64 -4.03
C GLN A 56 -1.35 4.96 -4.94
N ASN A 57 -0.09 4.98 -4.51
CA ASN A 57 0.98 4.37 -5.28
C ASN A 57 0.61 2.96 -5.72
N LYS A 58 0.12 2.16 -4.77
CA LYS A 58 -0.27 0.79 -5.05
C LYS A 58 -1.17 0.72 -6.28
N ARG A 59 -2.15 1.62 -6.34
CA ARG A 59 -3.07 1.66 -7.46
C ARG A 59 -2.33 1.81 -8.78
N SER A 60 -1.27 2.63 -8.77
CA SER A 60 -0.47 2.86 -9.96
C SER A 60 0.10 1.55 -10.51
N LYS A 61 0.58 0.70 -9.60
CA LYS A 61 1.15 -0.58 -9.99
C LYS A 61 0.12 -1.43 -10.73
N ILE A 62 -1.16 -1.24 -10.39
CA ILE A 62 -2.23 -1.99 -11.02
C ILE A 62 -2.00 -2.13 -12.53
N LYS A 63 -1.62 -3.32 -12.96
CA LYS A 63 -1.36 -3.59 -14.37
C LYS A 63 -2.61 -4.15 -15.04
N LYS A 64 -2.89 -3.67 -16.26
CA LYS A 64 -4.05 -4.12 -17.01
C LYS A 64 -4.02 -5.64 -17.19
N SER A 65 -5.21 -6.24 -17.22
CA SER A 65 -5.33 -7.69 -17.38
C SER A 65 -5.22 -8.08 -18.85
N GLY A 66 -4.35 -9.05 -19.13
CA GLY A 66 -4.18 -9.50 -20.50
C GLY A 66 -2.71 -9.49 -20.93
N PRO A 67 -2.34 -10.47 -21.77
CA PRO A 67 -0.97 -10.59 -22.28
C PRO A 67 -0.61 -9.47 -23.24
N SER A 68 -1.47 -9.25 -24.23
CA SER A 68 -1.23 -8.21 -25.23
C SER A 68 -1.20 -6.83 -24.58
N SER A 69 -0.41 -5.93 -25.16
CA SER A 69 -0.28 -4.57 -24.64
C SER A 69 -1.05 -3.58 -25.51
N GLY A 70 -1.63 -2.58 -24.87
CA GLY A 70 -2.39 -1.57 -25.59
C GLY A 70 -3.88 -1.67 -25.35
N GLY A 1 5.60 14.90 -5.37
CA GLY A 1 6.88 14.98 -6.07
C GLY A 1 7.08 13.86 -7.05
N SER A 2 8.27 13.27 -7.04
CA SER A 2 8.59 12.16 -7.95
C SER A 2 8.53 10.82 -7.22
N SER A 3 8.65 9.74 -7.98
CA SER A 3 8.60 8.40 -7.41
C SER A 3 9.94 7.70 -7.56
N GLY A 4 10.21 6.76 -6.65
CA GLY A 4 11.47 6.03 -6.70
C GLY A 4 11.28 4.55 -6.41
N SER A 5 11.25 3.74 -7.47
CA SER A 5 11.07 2.31 -7.32
C SER A 5 12.26 1.68 -6.61
N SER A 6 13.47 1.99 -7.10
CA SER A 6 14.69 1.45 -6.51
C SER A 6 14.56 1.35 -4.99
N GLY A 7 15.13 0.29 -4.43
CA GLY A 7 15.08 0.09 -2.99
C GLY A 7 15.39 -1.34 -2.60
N ARG A 8 16.63 -1.75 -2.79
CA ARG A 8 17.06 -3.11 -2.45
C ARG A 8 17.70 -3.14 -1.07
N LYS A 9 16.88 -3.42 -0.05
CA LYS A 9 17.37 -3.49 1.32
C LYS A 9 16.59 -4.54 2.11
N PRO A 10 17.17 -4.98 3.23
CA PRO A 10 16.56 -5.98 4.11
C PRO A 10 15.34 -5.44 4.85
N ARG A 11 15.16 -4.12 4.79
CA ARG A 11 14.04 -3.46 5.45
C ARG A 11 13.16 -2.72 4.44
N THR A 12 11.94 -3.20 4.28
CA THR A 12 11.00 -2.58 3.34
C THR A 12 10.41 -1.29 3.92
N ILE A 13 9.97 -0.40 3.04
CA ILE A 13 9.38 0.87 3.46
C ILE A 13 8.34 0.66 4.55
N TYR A 14 7.85 -0.57 4.65
CA TYR A 14 6.84 -0.91 5.66
C TYR A 14 7.11 -2.27 6.27
N SER A 15 6.78 -2.41 7.55
CA SER A 15 6.99 -3.67 8.26
C SER A 15 5.98 -4.73 7.81
N SER A 16 6.37 -5.99 7.93
CA SER A 16 5.50 -7.09 7.53
C SER A 16 4.16 -7.00 8.23
N PHE A 17 4.18 -6.61 9.50
CA PHE A 17 2.95 -6.48 10.29
C PHE A 17 2.04 -5.42 9.69
N GLN A 18 2.60 -4.25 9.40
CA GLN A 18 1.83 -3.15 8.83
C GLN A 18 1.36 -3.49 7.42
N LEU A 19 2.22 -4.17 6.66
CA LEU A 19 1.90 -4.56 5.29
C LEU A 19 0.79 -5.59 5.27
N ALA A 20 1.02 -6.72 5.93
CA ALA A 20 0.04 -7.80 5.98
C ALA A 20 -1.38 -7.23 6.01
N ALA A 21 -1.63 -6.31 6.93
CA ALA A 21 -2.95 -5.70 7.05
C ALA A 21 -3.24 -4.77 5.87
N LEU A 22 -2.29 -3.91 5.55
CA LEU A 22 -2.45 -2.98 4.44
C LEU A 22 -2.93 -3.70 3.18
N GLN A 23 -2.10 -4.63 2.70
CA GLN A 23 -2.45 -5.39 1.50
C GLN A 23 -3.81 -6.06 1.66
N ARG A 24 -4.03 -6.67 2.82
CA ARG A 24 -5.30 -7.34 3.08
C ARG A 24 -6.48 -6.45 2.73
N ARG A 25 -6.31 -5.15 2.93
CA ARG A 25 -7.36 -4.19 2.63
C ARG A 25 -7.37 -3.82 1.15
N PHE A 26 -6.17 -3.62 0.59
CA PHE A 26 -6.03 -3.26 -0.81
C PHE A 26 -6.90 -4.15 -1.68
N GLN A 27 -6.85 -5.45 -1.43
CA GLN A 27 -7.62 -6.42 -2.20
C GLN A 27 -9.12 -6.21 -1.98
N LYS A 28 -9.49 -5.92 -0.74
CA LYS A 28 -10.89 -5.69 -0.38
C LYS A 28 -11.49 -4.56 -1.22
N THR A 29 -10.81 -3.42 -1.22
CA THR A 29 -11.27 -2.26 -1.98
C THR A 29 -10.11 -1.33 -2.34
N GLN A 30 -10.11 -0.84 -3.57
CA GLN A 30 -9.05 0.04 -4.04
C GLN A 30 -9.11 1.38 -3.31
N TYR A 31 -10.31 1.79 -2.93
CA TYR A 31 -10.50 3.05 -2.22
C TYR A 31 -10.99 2.81 -0.79
N LEU A 32 -10.65 3.73 0.11
CA LEU A 32 -11.05 3.60 1.51
C LEU A 32 -11.78 4.86 1.97
N ALA A 33 -12.83 4.67 2.77
CA ALA A 33 -13.61 5.79 3.27
C ALA A 33 -12.80 6.62 4.27
N LEU A 34 -13.38 7.72 4.72
CA LEU A 34 -12.71 8.60 5.67
C LEU A 34 -12.29 7.84 6.93
N PRO A 35 -13.28 7.26 7.63
CA PRO A 35 -13.03 6.48 8.85
C PRO A 35 -12.32 5.16 8.57
N GLU A 36 -12.49 4.66 7.34
CA GLU A 36 -11.87 3.40 6.94
C GLU A 36 -10.35 3.55 6.83
N ARG A 37 -9.92 4.66 6.24
CA ARG A 37 -8.51 4.93 6.06
C ARG A 37 -7.83 5.19 7.40
N ALA A 38 -8.51 5.92 8.27
CA ALA A 38 -7.98 6.23 9.59
C ALA A 38 -7.80 4.97 10.42
N GLU A 39 -8.65 3.97 10.18
CA GLU A 39 -8.57 2.71 10.91
C GLU A 39 -7.20 2.07 10.75
N LEU A 40 -6.70 2.05 9.51
CA LEU A 40 -5.39 1.47 9.23
C LEU A 40 -4.28 2.23 9.93
N ALA A 41 -4.45 3.54 10.04
CA ALA A 41 -3.46 4.39 10.69
C ALA A 41 -3.50 4.20 12.21
N ALA A 42 -4.66 3.85 12.73
CA ALA A 42 -4.84 3.63 14.16
C ALA A 42 -4.38 2.23 14.56
N SER A 43 -4.77 1.24 13.77
CA SER A 43 -4.41 -0.15 14.05
C SER A 43 -2.92 -0.39 13.75
N LEU A 44 -2.53 -0.12 12.52
CA LEU A 44 -1.15 -0.30 12.09
C LEU A 44 -0.22 0.70 12.80
N GLY A 45 -0.82 1.70 13.43
CA GLY A 45 -0.04 2.71 14.12
C GLY A 45 0.57 3.73 13.18
N LEU A 46 -0.04 3.89 12.01
CA LEU A 46 0.45 4.83 11.01
C LEU A 46 -0.44 6.06 10.94
N THR A 47 -0.07 7.01 10.09
CA THR A 47 -0.84 8.23 9.92
C THR A 47 -1.56 8.25 8.59
N GLN A 48 -2.61 9.07 8.49
CA GLN A 48 -3.38 9.17 7.25
C GLN A 48 -2.48 9.54 6.08
N THR A 49 -1.40 10.26 6.37
CA THR A 49 -0.46 10.67 5.34
C THR A 49 0.38 9.48 4.85
N GLN A 50 0.40 8.42 5.65
CA GLN A 50 1.15 7.22 5.29
C GLN A 50 0.29 6.22 4.55
N VAL A 51 -0.89 5.94 5.10
CA VAL A 51 -1.81 4.99 4.49
C VAL A 51 -2.38 5.56 3.18
N LYS A 52 -2.40 6.88 3.07
CA LYS A 52 -2.92 7.53 1.87
C LYS A 52 -2.00 7.28 0.68
N ILE A 53 -0.71 7.48 0.88
CA ILE A 53 0.27 7.28 -0.18
C ILE A 53 0.40 5.80 -0.53
N TRP A 54 0.49 4.95 0.48
CA TRP A 54 0.61 3.51 0.28
C TRP A 54 -0.46 3.01 -0.69
N PHE A 55 -1.67 3.55 -0.55
CA PHE A 55 -2.78 3.15 -1.42
C PHE A 55 -2.67 3.80 -2.79
N GLN A 56 -2.32 5.09 -2.81
CA GLN A 56 -2.18 5.82 -4.05
C GLN A 56 -1.11 5.19 -4.94
N ASN A 57 0.11 5.12 -4.42
CA ASN A 57 1.23 4.53 -5.16
C ASN A 57 0.86 3.16 -5.69
N LYS A 58 0.56 2.24 -4.79
CA LYS A 58 0.19 0.88 -5.18
C LYS A 58 -0.63 0.88 -6.46
N ARG A 59 -1.64 1.73 -6.52
CA ARG A 59 -2.50 1.83 -7.69
C ARG A 59 -1.68 2.13 -8.94
N SER A 60 -0.74 3.08 -8.82
CA SER A 60 0.11 3.45 -9.94
C SER A 60 0.97 2.28 -10.39
N LYS A 61 1.36 1.43 -9.44
CA LYS A 61 2.18 0.27 -9.74
C LYS A 61 1.40 -0.76 -10.55
N ILE A 62 0.10 -0.85 -10.28
CA ILE A 62 -0.77 -1.79 -10.99
C ILE A 62 -0.42 -1.84 -12.48
N LYS A 63 0.25 -2.91 -12.88
CA LYS A 63 0.65 -3.08 -14.28
C LYS A 63 -0.48 -2.65 -15.22
N LYS A 64 -1.71 -3.02 -14.86
CA LYS A 64 -2.88 -2.67 -15.66
C LYS A 64 -3.04 -1.15 -15.77
N SER A 65 -3.08 -0.65 -16.99
CA SER A 65 -3.21 0.78 -17.23
C SER A 65 -4.68 1.16 -17.40
N GLY A 66 -5.06 2.32 -16.86
CA GLY A 66 -6.43 2.77 -16.96
C GLY A 66 -6.57 4.05 -17.75
N PRO A 67 -7.81 4.50 -17.97
CA PRO A 67 -8.09 5.72 -18.73
C PRO A 67 -7.68 6.98 -17.97
N SER A 68 -6.53 7.52 -18.32
CA SER A 68 -6.01 8.73 -17.67
C SER A 68 -4.98 9.43 -18.55
N SER A 69 -5.29 10.65 -18.97
CA SER A 69 -4.39 11.42 -19.81
C SER A 69 -4.11 12.79 -19.21
N GLY A 70 -3.90 12.82 -17.89
CA GLY A 70 -3.63 14.07 -17.21
C GLY A 70 -2.55 14.88 -17.89
N GLY A 1 10.48 -5.90 -22.57
CA GLY A 1 10.13 -6.58 -21.33
C GLY A 1 11.26 -7.40 -20.76
N SER A 2 11.63 -7.11 -19.53
CA SER A 2 12.72 -7.83 -18.86
C SER A 2 12.65 -7.65 -17.34
N SER A 3 12.50 -8.76 -16.64
CA SER A 3 12.43 -8.72 -15.18
C SER A 3 13.05 -9.98 -14.57
N GLY A 4 13.72 -9.80 -13.44
CA GLY A 4 14.35 -10.93 -12.77
C GLY A 4 14.62 -10.65 -11.30
N SER A 5 15.05 -9.43 -11.00
CA SER A 5 15.35 -9.05 -9.62
C SER A 5 14.08 -8.66 -8.87
N SER A 6 13.36 -9.66 -8.38
CA SER A 6 12.12 -9.42 -7.64
C SER A 6 12.23 -8.16 -6.80
N GLY A 7 13.35 -8.00 -6.12
CA GLY A 7 13.55 -6.83 -5.29
C GLY A 7 13.27 -7.10 -3.81
N ARG A 8 14.20 -7.79 -3.15
CA ARG A 8 14.04 -8.12 -1.74
C ARG A 8 15.07 -7.38 -0.89
N LYS A 9 14.62 -6.32 -0.23
CA LYS A 9 15.51 -5.52 0.62
C LYS A 9 15.01 -5.52 2.06
N PRO A 10 15.96 -5.52 3.01
CA PRO A 10 15.64 -5.52 4.45
C PRO A 10 15.05 -4.20 4.90
N ARG A 11 14.19 -4.26 5.92
CA ARG A 11 13.56 -3.06 6.45
C ARG A 11 12.71 -2.36 5.39
N THR A 12 11.92 -3.15 4.66
CA THR A 12 11.07 -2.62 3.61
C THR A 12 10.45 -1.29 4.03
N ILE A 13 10.04 -0.49 3.05
CA ILE A 13 9.43 0.81 3.32
C ILE A 13 8.32 0.67 4.35
N TYR A 14 7.83 -0.54 4.54
CA TYR A 14 6.76 -0.80 5.49
C TYR A 14 7.00 -2.10 6.25
N SER A 15 6.67 -2.11 7.53
CA SER A 15 6.85 -3.28 8.37
C SER A 15 5.92 -4.41 7.93
N SER A 16 6.42 -5.65 8.04
CA SER A 16 5.64 -6.81 7.63
C SER A 16 4.24 -6.78 8.25
N PHE A 17 4.18 -6.49 9.55
CA PHE A 17 2.91 -6.42 10.25
C PHE A 17 2.00 -5.36 9.65
N GLN A 18 2.58 -4.21 9.34
CA GLN A 18 1.83 -3.11 8.75
C GLN A 18 1.35 -3.46 7.35
N LEU A 19 2.20 -4.16 6.60
CA LEU A 19 1.87 -4.56 5.24
C LEU A 19 0.76 -5.60 5.24
N ALA A 20 0.98 -6.70 5.95
CA ALA A 20 0.00 -7.78 6.04
C ALA A 20 -1.42 -7.22 6.02
N ALA A 21 -1.68 -6.25 6.89
CA ALA A 21 -3.01 -5.63 6.97
C ALA A 21 -3.27 -4.76 5.75
N LEU A 22 -2.33 -3.87 5.44
CA LEU A 22 -2.47 -2.98 4.30
C LEU A 22 -2.91 -3.74 3.05
N GLN A 23 -2.10 -4.72 2.65
CA GLN A 23 -2.40 -5.53 1.49
C GLN A 23 -3.76 -6.21 1.62
N ARG A 24 -4.07 -6.66 2.84
CA ARG A 24 -5.34 -7.33 3.11
C ARG A 24 -6.52 -6.45 2.70
N ARG A 25 -6.48 -5.20 3.12
CA ARG A 25 -7.55 -4.25 2.80
C ARG A 25 -7.49 -3.84 1.34
N PHE A 26 -6.28 -3.57 0.86
CA PHE A 26 -6.09 -3.16 -0.53
C PHE A 26 -6.93 -4.00 -1.47
N GLN A 27 -6.87 -5.32 -1.30
CA GLN A 27 -7.63 -6.24 -2.14
C GLN A 27 -9.14 -5.94 -2.04
N LYS A 28 -9.62 -5.80 -0.82
CA LYS A 28 -11.03 -5.51 -0.58
C LYS A 28 -11.49 -4.32 -1.42
N THR A 29 -10.84 -3.18 -1.22
CA THR A 29 -11.18 -1.97 -1.95
C THR A 29 -9.97 -1.04 -2.09
N GLN A 30 -9.81 -0.45 -3.26
CA GLN A 30 -8.70 0.45 -3.52
C GLN A 30 -8.87 1.76 -2.75
N TYR A 31 -10.11 2.19 -2.60
CA TYR A 31 -10.41 3.43 -1.88
C TYR A 31 -11.00 3.14 -0.51
N LEU A 32 -10.65 3.96 0.47
CA LEU A 32 -11.14 3.80 1.83
C LEU A 32 -11.82 5.07 2.33
N ALA A 33 -12.94 4.90 3.01
CA ALA A 33 -13.69 6.04 3.55
C ALA A 33 -12.87 6.80 4.59
N LEU A 34 -13.35 7.96 4.98
CA LEU A 34 -12.67 8.79 5.97
C LEU A 34 -12.17 7.93 7.13
N PRO A 35 -13.11 7.27 7.83
CA PRO A 35 -12.79 6.41 8.97
C PRO A 35 -12.06 5.13 8.55
N GLU A 36 -12.49 4.55 7.44
CA GLU A 36 -11.88 3.33 6.93
C GLU A 36 -10.37 3.48 6.81
N ARG A 37 -9.94 4.62 6.26
CA ARG A 37 -8.51 4.89 6.10
C ARG A 37 -7.83 5.08 7.45
N ALA A 38 -8.45 5.87 8.32
CA ALA A 38 -7.91 6.13 9.64
C ALA A 38 -7.70 4.83 10.42
N GLU A 39 -8.65 3.91 10.28
CA GLU A 39 -8.58 2.62 10.96
C GLU A 39 -7.20 2.00 10.79
N LEU A 40 -6.72 1.95 9.55
CA LEU A 40 -5.42 1.38 9.26
C LEU A 40 -4.30 2.17 9.94
N ALA A 41 -4.50 3.49 10.04
CA ALA A 41 -3.52 4.35 10.67
C ALA A 41 -3.48 4.15 12.18
N ALA A 42 -4.66 3.97 12.78
CA ALA A 42 -4.76 3.75 14.21
C ALA A 42 -4.46 2.29 14.58
N SER A 43 -4.71 1.39 13.62
CA SER A 43 -4.48 -0.03 13.84
C SER A 43 -3.02 -0.39 13.58
N LEU A 44 -2.54 -0.08 12.38
CA LEU A 44 -1.16 -0.37 12.02
C LEU A 44 -0.20 0.59 12.69
N GLY A 45 -0.76 1.64 13.30
CA GLY A 45 0.08 2.62 13.99
C GLY A 45 0.62 3.68 13.04
N LEU A 46 0.04 3.77 11.86
CA LEU A 46 0.47 4.74 10.86
C LEU A 46 -0.47 5.94 10.82
N THR A 47 -0.12 6.93 10.03
CA THR A 47 -0.93 8.14 9.90
C THR A 47 -1.67 8.17 8.57
N GLN A 48 -2.72 8.98 8.49
CA GLN A 48 -3.51 9.10 7.27
C GLN A 48 -2.62 9.46 6.08
N THR A 49 -1.56 10.21 6.35
CA THR A 49 -0.63 10.62 5.29
C THR A 49 0.22 9.45 4.83
N GLN A 50 0.27 8.40 5.64
CA GLN A 50 1.05 7.21 5.31
C GLN A 50 0.20 6.18 4.56
N VAL A 51 -0.93 5.83 5.14
CA VAL A 51 -1.84 4.86 4.52
C VAL A 51 -2.35 5.38 3.19
N LYS A 52 -2.38 6.69 3.03
CA LYS A 52 -2.86 7.32 1.80
C LYS A 52 -1.86 7.09 0.66
N ILE A 53 -0.62 7.51 0.87
CA ILE A 53 0.42 7.35 -0.13
C ILE A 53 0.61 5.87 -0.49
N TRP A 54 0.55 5.01 0.51
CA TRP A 54 0.72 3.58 0.30
C TRP A 54 -0.29 3.06 -0.72
N PHE A 55 -1.56 3.36 -0.49
CA PHE A 55 -2.62 2.93 -1.40
C PHE A 55 -2.47 3.57 -2.77
N GLN A 56 -2.27 4.88 -2.78
CA GLN A 56 -2.11 5.62 -4.03
C GLN A 56 -1.00 4.99 -4.89
N ASN A 57 0.22 5.02 -4.38
CA ASN A 57 1.36 4.47 -5.10
C ASN A 57 1.08 3.03 -5.54
N LYS A 58 0.29 2.32 -4.74
CA LYS A 58 -0.05 0.94 -5.04
C LYS A 58 -1.01 0.86 -6.24
N ARG A 59 -2.02 1.72 -6.23
CA ARG A 59 -3.00 1.76 -7.31
C ARG A 59 -2.30 1.76 -8.67
N SER A 60 -1.32 2.64 -8.82
CA SER A 60 -0.58 2.74 -10.08
C SER A 60 -0.10 1.38 -10.54
N LYS A 61 0.44 0.60 -9.60
CA LYS A 61 0.95 -0.73 -9.91
C LYS A 61 -0.13 -1.58 -10.56
N ILE A 62 -1.38 -1.39 -10.13
CA ILE A 62 -2.50 -2.14 -10.67
C ILE A 62 -2.48 -2.13 -12.20
N LYS A 63 -1.96 -3.20 -12.80
CA LYS A 63 -1.89 -3.30 -14.24
C LYS A 63 -3.28 -3.40 -14.85
N LYS A 64 -3.60 -2.47 -15.75
CA LYS A 64 -4.91 -2.45 -16.41
C LYS A 64 -4.83 -3.14 -17.77
N SER A 65 -6.00 -3.48 -18.31
CA SER A 65 -6.07 -4.15 -19.61
C SER A 65 -5.98 -3.13 -20.75
N GLY A 66 -5.24 -3.50 -21.79
CA GLY A 66 -5.09 -2.62 -22.94
C GLY A 66 -5.75 -3.15 -24.18
N PRO A 67 -7.07 -2.90 -24.31
CA PRO A 67 -7.86 -3.36 -25.46
C PRO A 67 -7.49 -2.61 -26.74
N SER A 68 -8.15 -2.97 -27.84
CA SER A 68 -7.89 -2.34 -29.13
C SER A 68 -8.45 -0.92 -29.16
N SER A 69 -7.79 -0.04 -29.91
CA SER A 69 -8.21 1.35 -30.03
C SER A 69 -9.07 1.56 -31.27
N GLY A 70 -10.09 2.39 -31.15
CA GLY A 70 -10.97 2.66 -32.28
C GLY A 70 -11.79 1.45 -32.68
N GLY A 1 4.38 14.29 -5.19
CA GLY A 1 5.24 13.43 -5.97
C GLY A 1 6.54 14.10 -6.36
N SER A 2 7.14 13.63 -7.46
CA SER A 2 8.39 14.19 -7.94
C SER A 2 9.51 13.97 -6.93
N SER A 3 9.55 12.77 -6.35
CA SER A 3 10.56 12.42 -5.37
C SER A 3 11.38 11.21 -5.83
N GLY A 4 12.66 11.44 -6.11
CA GLY A 4 13.53 10.37 -6.56
C GLY A 4 14.19 9.65 -5.40
N SER A 5 13.94 8.35 -5.30
CA SER A 5 14.50 7.54 -4.22
C SER A 5 14.30 6.05 -4.49
N SER A 6 15.39 5.28 -4.41
CA SER A 6 15.33 3.85 -4.64
C SER A 6 15.37 3.08 -3.33
N GLY A 7 15.29 1.76 -3.41
CA GLY A 7 15.31 0.92 -2.22
C GLY A 7 16.65 0.24 -2.03
N ARG A 8 17.26 0.44 -0.86
CA ARG A 8 18.54 -0.16 -0.55
C ARG A 8 18.50 -0.86 0.80
N LYS A 9 17.93 -0.18 1.80
CA LYS A 9 17.84 -0.73 3.14
C LYS A 9 17.27 -2.16 3.10
N PRO A 10 17.61 -2.95 4.12
CA PRO A 10 17.15 -4.34 4.22
C PRO A 10 15.65 -4.43 4.54
N ARG A 11 15.19 -3.57 5.43
CA ARG A 11 13.78 -3.55 5.81
C ARG A 11 12.95 -2.76 4.81
N THR A 12 11.77 -3.27 4.49
CA THR A 12 10.88 -2.61 3.54
C THR A 12 10.30 -1.33 4.12
N ILE A 13 9.89 -0.42 3.25
CA ILE A 13 9.31 0.84 3.68
C ILE A 13 8.20 0.62 4.70
N TYR A 14 7.69 -0.61 4.75
CA TYR A 14 6.62 -0.96 5.68
C TYR A 14 6.86 -2.34 6.29
N SER A 15 6.74 -2.42 7.61
CA SER A 15 6.95 -3.68 8.32
C SER A 15 5.98 -4.74 7.83
N SER A 16 6.42 -6.00 7.86
CA SER A 16 5.60 -7.11 7.41
C SER A 16 4.26 -7.12 8.13
N PHE A 17 4.25 -6.59 9.35
CA PHE A 17 3.03 -6.54 10.14
C PHE A 17 2.08 -5.45 9.62
N GLN A 18 2.64 -4.30 9.29
CA GLN A 18 1.85 -3.19 8.78
C GLN A 18 1.32 -3.50 7.38
N LEU A 19 2.09 -4.25 6.61
CA LEU A 19 1.68 -4.61 5.25
C LEU A 19 0.61 -5.69 5.29
N ALA A 20 0.91 -6.81 5.95
CA ALA A 20 -0.04 -7.91 6.05
C ALA A 20 -1.48 -7.40 6.11
N ALA A 21 -1.68 -6.31 6.85
CA ALA A 21 -3.01 -5.72 7.00
C ALA A 21 -3.32 -4.80 5.83
N LEU A 22 -2.39 -3.92 5.50
CA LEU A 22 -2.56 -2.98 4.40
C LEU A 22 -3.01 -3.70 3.14
N GLN A 23 -2.25 -4.70 2.72
CA GLN A 23 -2.57 -5.48 1.54
C GLN A 23 -3.93 -6.16 1.67
N ARG A 24 -4.15 -6.79 2.83
CA ARG A 24 -5.40 -7.47 3.09
C ARG A 24 -6.59 -6.56 2.86
N ARG A 25 -6.37 -5.26 3.00
CA ARG A 25 -7.42 -4.27 2.80
C ARG A 25 -7.47 -3.81 1.35
N PHE A 26 -6.30 -3.61 0.77
CA PHE A 26 -6.20 -3.15 -0.63
C PHE A 26 -7.01 -4.08 -1.55
N GLN A 27 -6.71 -5.37 -1.49
CA GLN A 27 -7.39 -6.35 -2.31
C GLN A 27 -8.91 -6.20 -2.19
N LYS A 28 -9.38 -6.05 -0.96
CA LYS A 28 -10.82 -5.90 -0.71
C LYS A 28 -11.38 -4.72 -1.49
N THR A 29 -10.79 -3.54 -1.30
CA THR A 29 -11.23 -2.34 -1.98
C THR A 29 -10.05 -1.45 -2.35
N GLN A 30 -10.01 -1.03 -3.61
CA GLN A 30 -8.93 -0.17 -4.09
C GLN A 30 -8.89 1.15 -3.32
N TYR A 31 -10.06 1.63 -2.92
CA TYR A 31 -10.16 2.88 -2.17
C TYR A 31 -10.71 2.63 -0.77
N LEU A 32 -10.29 3.47 0.17
CA LEU A 32 -10.73 3.34 1.55
C LEU A 32 -11.51 4.59 2.00
N ALA A 33 -12.60 4.37 2.70
CA ALA A 33 -13.43 5.47 3.19
C ALA A 33 -12.67 6.31 4.20
N LEU A 34 -13.19 7.51 4.46
CA LEU A 34 -12.56 8.42 5.41
C LEU A 34 -12.25 7.71 6.73
N PRO A 35 -13.30 7.19 7.38
CA PRO A 35 -13.16 6.48 8.66
C PRO A 35 -12.48 5.13 8.49
N GLU A 36 -12.45 4.64 7.26
CA GLU A 36 -11.83 3.35 6.96
C GLU A 36 -10.30 3.46 7.02
N ARG A 37 -9.75 4.37 6.23
CA ARG A 37 -8.31 4.57 6.19
C ARG A 37 -7.77 4.96 7.56
N ALA A 38 -8.54 5.78 8.28
CA ALA A 38 -8.15 6.22 9.61
C ALA A 38 -7.85 5.04 10.52
N GLU A 39 -8.69 4.01 10.44
CA GLU A 39 -8.52 2.82 11.26
C GLU A 39 -7.13 2.20 11.04
N LEU A 40 -6.76 2.05 9.79
CA LEU A 40 -5.45 1.47 9.45
C LEU A 40 -4.32 2.25 10.11
N ALA A 41 -4.46 3.57 10.13
CA ALA A 41 -3.44 4.43 10.75
C ALA A 41 -3.44 4.28 12.27
N ALA A 42 -4.63 4.15 12.84
CA ALA A 42 -4.76 3.99 14.28
C ALA A 42 -4.47 2.56 14.71
N SER A 43 -4.60 1.62 13.78
CA SER A 43 -4.35 0.22 14.06
C SER A 43 -2.89 -0.15 13.77
N LEU A 44 -2.47 0.06 12.53
CA LEU A 44 -1.10 -0.24 12.12
C LEU A 44 -0.11 0.73 12.77
N GLY A 45 -0.64 1.73 13.48
CA GLY A 45 0.20 2.70 14.13
C GLY A 45 0.74 3.75 13.17
N LEU A 46 0.13 3.83 11.99
CA LEU A 46 0.55 4.80 10.98
C LEU A 46 -0.36 6.02 10.98
N THR A 47 -0.07 6.96 10.08
CA THR A 47 -0.87 8.17 9.98
C THR A 47 -1.63 8.22 8.66
N GLN A 48 -2.65 9.07 8.60
CA GLN A 48 -3.47 9.20 7.39
C GLN A 48 -2.61 9.56 6.20
N THR A 49 -1.47 10.19 6.46
CA THR A 49 -0.56 10.59 5.39
C THR A 49 0.29 9.41 4.92
N GLN A 50 0.23 8.32 5.67
CA GLN A 50 1.00 7.13 5.32
C GLN A 50 0.14 6.14 4.54
N VAL A 51 -1.04 5.85 5.05
CA VAL A 51 -1.96 4.92 4.40
C VAL A 51 -2.47 5.48 3.08
N LYS A 52 -2.43 6.81 2.95
CA LYS A 52 -2.88 7.47 1.74
C LYS A 52 -1.91 7.23 0.59
N ILE A 53 -0.65 7.60 0.79
CA ILE A 53 0.37 7.42 -0.24
C ILE A 53 0.50 5.94 -0.63
N TRP A 54 0.56 5.08 0.37
CA TRP A 54 0.68 3.64 0.14
C TRP A 54 -0.36 3.17 -0.88
N PHE A 55 -1.61 3.59 -0.66
CA PHE A 55 -2.70 3.21 -1.55
C PHE A 55 -2.57 3.90 -2.90
N GLN A 56 -2.16 5.17 -2.87
CA GLN A 56 -2.00 5.94 -4.10
C GLN A 56 -0.93 5.32 -5.00
N ASN A 57 0.31 5.30 -4.51
CA ASN A 57 1.42 4.74 -5.27
C ASN A 57 1.06 3.36 -5.83
N LYS A 58 0.51 2.51 -4.97
CA LYS A 58 0.11 1.17 -5.37
C LYS A 58 -0.79 1.20 -6.60
N ARG A 59 -1.86 1.98 -6.52
CA ARG A 59 -2.80 2.11 -7.63
C ARG A 59 -2.13 2.80 -8.82
N SER A 60 -1.01 3.46 -8.56
CA SER A 60 -0.29 4.17 -9.61
C SER A 60 0.84 3.30 -10.18
N LYS A 61 1.12 2.20 -9.50
CA LYS A 61 2.17 1.28 -9.95
C LYS A 61 1.56 -0.05 -10.42
N ILE A 62 0.35 0.03 -10.96
CA ILE A 62 -0.32 -1.17 -11.46
C ILE A 62 0.03 -1.43 -12.92
N LYS A 63 0.78 -0.51 -13.52
CA LYS A 63 1.19 -0.66 -14.90
C LYS A 63 1.59 -2.09 -15.21
N LYS A 64 2.61 -2.58 -14.52
CA LYS A 64 3.08 -3.95 -14.73
C LYS A 64 2.63 -4.85 -13.59
N SER A 65 2.55 -6.16 -13.87
CA SER A 65 2.12 -7.13 -12.86
C SER A 65 3.08 -7.13 -11.67
N GLY A 66 2.52 -7.23 -10.47
CA GLY A 66 3.34 -7.24 -9.27
C GLY A 66 3.82 -8.63 -8.91
N PRO A 67 4.67 -8.72 -7.88
CA PRO A 67 5.22 -9.99 -7.42
C PRO A 67 4.16 -10.88 -6.76
N SER A 68 4.25 -12.18 -7.01
CA SER A 68 3.30 -13.13 -6.45
C SER A 68 4.01 -14.14 -5.56
N SER A 69 4.94 -13.66 -4.75
CA SER A 69 5.70 -14.52 -3.85
C SER A 69 6.14 -15.79 -4.56
N GLY A 70 6.58 -15.65 -5.80
CA GLY A 70 7.03 -16.79 -6.58
C GLY A 70 6.76 -16.64 -8.06
N GLY A 1 16.26 -4.77 -21.35
CA GLY A 1 15.80 -3.40 -21.23
C GLY A 1 16.79 -2.52 -20.49
N SER A 2 16.27 -1.69 -19.59
CA SER A 2 17.12 -0.79 -18.81
C SER A 2 16.55 -0.56 -17.42
N SER A 3 17.28 -1.01 -16.40
CA SER A 3 16.84 -0.86 -15.01
C SER A 3 18.00 -1.06 -14.06
N GLY A 4 17.81 -0.66 -12.80
CA GLY A 4 18.85 -0.81 -11.80
C GLY A 4 18.29 -1.00 -10.41
N SER A 5 19.13 -0.76 -9.40
CA SER A 5 18.71 -0.92 -8.02
C SER A 5 18.07 -2.28 -7.79
N SER A 6 18.66 -3.32 -8.38
CA SER A 6 18.15 -4.68 -8.25
C SER A 6 18.31 -5.18 -6.82
N GLY A 7 17.74 -6.35 -6.55
CA GLY A 7 17.84 -6.92 -5.22
C GLY A 7 16.79 -6.36 -4.27
N ARG A 8 16.95 -6.65 -2.98
CA ARG A 8 16.02 -6.17 -1.97
C ARG A 8 16.76 -5.73 -0.72
N LYS A 9 16.03 -5.09 0.20
CA LYS A 9 16.62 -4.60 1.44
C LYS A 9 16.04 -5.36 2.64
N PRO A 10 16.82 -5.40 3.73
CA PRO A 10 16.41 -6.09 4.97
C PRO A 10 15.27 -5.36 5.68
N ARG A 11 14.89 -4.20 5.15
CA ARG A 11 13.81 -3.41 5.73
C ARG A 11 12.99 -2.73 4.65
N THR A 12 11.66 -2.88 4.73
CA THR A 12 10.76 -2.28 3.76
C THR A 12 10.16 -0.99 4.30
N ILE A 13 9.64 -0.17 3.39
CA ILE A 13 9.03 1.09 3.76
C ILE A 13 7.91 0.90 4.79
N TYR A 14 7.45 -0.34 4.91
CA TYR A 14 6.39 -0.67 5.85
C TYR A 14 6.66 -2.01 6.53
N SER A 15 6.43 -2.05 7.85
CA SER A 15 6.66 -3.27 8.61
C SER A 15 5.76 -4.39 8.12
N SER A 16 6.24 -5.63 8.25
CA SER A 16 5.47 -6.80 7.81
C SER A 16 4.08 -6.80 8.43
N PHE A 17 4.00 -6.43 9.71
CA PHE A 17 2.73 -6.38 10.41
C PHE A 17 1.80 -5.34 9.78
N GLN A 18 2.33 -4.14 9.56
CA GLN A 18 1.55 -3.07 8.98
C GLN A 18 1.11 -3.42 7.56
N LEU A 19 1.98 -4.11 6.83
CA LEU A 19 1.70 -4.51 5.46
C LEU A 19 0.62 -5.59 5.42
N ALA A 20 0.82 -6.65 6.21
CA ALA A 20 -0.13 -7.74 6.27
C ALA A 20 -1.57 -7.24 6.20
N ALA A 21 -1.81 -6.09 6.84
CA ALA A 21 -3.15 -5.50 6.85
C ALA A 21 -3.36 -4.61 5.62
N LEU A 22 -2.38 -3.78 5.31
CA LEU A 22 -2.46 -2.89 4.16
C LEU A 22 -2.82 -3.66 2.89
N GLN A 23 -2.08 -4.73 2.64
CA GLN A 23 -2.31 -5.56 1.46
C GLN A 23 -3.66 -6.27 1.55
N ARG A 24 -4.11 -6.53 2.78
CA ARG A 24 -5.38 -7.20 3.00
C ARG A 24 -6.54 -6.28 2.68
N ARG A 25 -6.40 -5.00 3.01
CA ARG A 25 -7.44 -4.02 2.75
C ARG A 25 -7.40 -3.55 1.30
N PHE A 26 -6.19 -3.46 0.75
CA PHE A 26 -6.01 -3.01 -0.62
C PHE A 26 -6.79 -3.90 -1.59
N GLN A 27 -6.56 -5.20 -1.50
CA GLN A 27 -7.24 -6.16 -2.37
C GLN A 27 -8.75 -6.01 -2.26
N LYS A 28 -9.24 -5.84 -1.03
CA LYS A 28 -10.66 -5.69 -0.79
C LYS A 28 -11.21 -4.48 -1.52
N THR A 29 -10.61 -3.31 -1.28
CA THR A 29 -11.03 -2.08 -1.92
C THR A 29 -9.87 -1.12 -2.09
N GLN A 30 -9.80 -0.47 -3.25
CA GLN A 30 -8.73 0.48 -3.53
C GLN A 30 -8.94 1.78 -2.78
N TYR A 31 -10.21 2.15 -2.57
CA TYR A 31 -10.53 3.38 -1.87
C TYR A 31 -11.04 3.08 -0.46
N LEU A 32 -10.67 3.91 0.50
CA LEU A 32 -11.08 3.73 1.88
C LEU A 32 -11.81 4.97 2.40
N ALA A 33 -12.89 4.75 3.15
CA ALA A 33 -13.67 5.84 3.70
C ALA A 33 -12.86 6.63 4.73
N LEU A 34 -13.45 7.71 5.24
CA LEU A 34 -12.78 8.55 6.23
C LEU A 34 -12.27 7.71 7.40
N PRO A 35 -13.20 7.03 8.08
CA PRO A 35 -12.86 6.17 9.22
C PRO A 35 -12.11 4.91 8.81
N GLU A 36 -12.38 4.44 7.60
CA GLU A 36 -11.72 3.24 7.08
C GLU A 36 -10.21 3.46 6.96
N ARG A 37 -9.82 4.58 6.36
CA ARG A 37 -8.41 4.91 6.19
C ARG A 37 -7.72 5.10 7.54
N ALA A 38 -8.42 5.77 8.46
CA ALA A 38 -7.88 6.01 9.79
C ALA A 38 -7.69 4.72 10.57
N GLU A 39 -8.56 3.74 10.30
CA GLU A 39 -8.49 2.45 10.97
C GLU A 39 -7.12 1.82 10.79
N LEU A 40 -6.56 1.97 9.60
CA LEU A 40 -5.24 1.41 9.29
C LEU A 40 -4.14 2.20 9.98
N ALA A 41 -4.31 3.52 10.03
CA ALA A 41 -3.32 4.38 10.68
C ALA A 41 -3.33 4.20 12.19
N ALA A 42 -4.50 3.86 12.74
CA ALA A 42 -4.64 3.65 14.17
C ALA A 42 -4.31 2.21 14.55
N SER A 43 -4.82 1.26 13.77
CA SER A 43 -4.58 -0.16 14.02
C SER A 43 -3.13 -0.52 13.76
N LEU A 44 -2.64 -0.16 12.58
CA LEU A 44 -1.27 -0.45 12.19
C LEU A 44 -0.30 0.50 12.90
N GLY A 45 -0.80 1.66 13.31
CA GLY A 45 0.03 2.63 13.99
C GLY A 45 0.65 3.64 13.04
N LEU A 46 0.11 3.71 11.83
CA LEU A 46 0.61 4.64 10.82
C LEU A 46 -0.26 5.89 10.75
N THR A 47 0.13 6.81 9.87
CA THR A 47 -0.63 8.05 9.71
C THR A 47 -1.36 8.08 8.37
N GLN A 48 -2.47 8.81 8.32
CA GLN A 48 -3.27 8.91 7.11
C GLN A 48 -2.40 9.28 5.92
N THR A 49 -1.39 10.11 6.17
CA THR A 49 -0.47 10.54 5.12
C THR A 49 0.33 9.38 4.57
N GLN A 50 0.57 8.37 5.41
CA GLN A 50 1.33 7.20 5.02
C GLN A 50 0.43 6.16 4.36
N VAL A 51 -0.70 5.88 4.99
CA VAL A 51 -1.66 4.91 4.47
C VAL A 51 -2.27 5.39 3.16
N LYS A 52 -2.30 6.71 2.98
CA LYS A 52 -2.87 7.30 1.78
C LYS A 52 -1.97 7.04 0.57
N ILE A 53 -0.71 7.43 0.68
CA ILE A 53 0.25 7.24 -0.39
C ILE A 53 0.40 5.76 -0.73
N TRP A 54 0.43 4.93 0.30
CA TRP A 54 0.57 3.48 0.11
C TRP A 54 -0.52 2.94 -0.80
N PHE A 55 -1.73 3.45 -0.63
CA PHE A 55 -2.86 3.02 -1.44
C PHE A 55 -2.82 3.66 -2.83
N GLN A 56 -2.59 4.97 -2.86
CA GLN A 56 -2.53 5.70 -4.12
C GLN A 56 -1.40 5.18 -5.00
N ASN A 57 -0.16 5.36 -4.53
CA ASN A 57 1.00 4.90 -5.28
C ASN A 57 0.83 3.45 -5.72
N LYS A 58 0.10 2.68 -4.94
CA LYS A 58 -0.15 1.27 -5.25
C LYS A 58 -1.02 1.13 -6.49
N ARG A 59 -2.09 1.93 -6.55
CA ARG A 59 -3.01 1.90 -7.68
C ARG A 59 -2.26 2.10 -8.98
N SER A 60 -1.41 3.13 -9.03
CA SER A 60 -0.64 3.44 -10.22
C SER A 60 0.18 2.23 -10.66
N LYS A 61 0.64 1.44 -9.70
CA LYS A 61 1.43 0.26 -9.99
C LYS A 61 0.59 -0.79 -10.72
N ILE A 62 -0.67 -0.94 -10.30
CA ILE A 62 -1.57 -1.90 -10.92
C ILE A 62 -1.51 -1.82 -12.44
N LYS A 63 -0.70 -2.70 -13.03
CA LYS A 63 -0.55 -2.73 -14.49
C LYS A 63 -1.84 -3.18 -15.16
N LYS A 64 -2.37 -4.31 -14.73
CA LYS A 64 -3.60 -4.85 -15.28
C LYS A 64 -4.79 -3.98 -14.89
N SER A 65 -5.96 -4.29 -15.45
CA SER A 65 -7.17 -3.54 -15.17
C SER A 65 -8.08 -4.30 -14.20
N GLY A 66 -8.91 -3.57 -13.48
CA GLY A 66 -9.81 -4.19 -12.54
C GLY A 66 -11.16 -3.50 -12.47
N PRO A 67 -11.31 -2.58 -11.51
CA PRO A 67 -12.55 -1.82 -11.32
C PRO A 67 -12.80 -0.83 -12.45
N SER A 68 -11.80 -0.63 -13.30
CA SER A 68 -11.91 0.30 -14.41
C SER A 68 -11.93 -0.45 -15.74
N SER A 69 -12.44 0.21 -16.78
CA SER A 69 -12.52 -0.40 -18.10
C SER A 69 -12.54 0.68 -19.19
N GLY A 70 -11.99 0.33 -20.35
CA GLY A 70 -11.94 1.27 -21.46
C GLY A 70 -10.75 1.04 -22.36
N GLY A 1 21.93 -5.94 -16.37
CA GLY A 1 20.92 -4.95 -16.04
C GLY A 1 21.25 -4.19 -14.77
N SER A 2 21.52 -2.90 -14.91
CA SER A 2 21.86 -2.06 -13.77
C SER A 2 21.00 -0.80 -13.74
N SER A 3 19.72 -0.96 -14.05
CA SER A 3 18.79 0.16 -14.07
C SER A 3 18.44 0.60 -12.65
N GLY A 4 17.99 -0.36 -11.84
CA GLY A 4 17.63 -0.06 -10.47
C GLY A 4 18.35 -0.94 -9.47
N SER A 5 17.89 -0.92 -8.22
CA SER A 5 18.49 -1.72 -7.17
C SER A 5 17.60 -2.88 -6.79
N SER A 6 16.32 -2.59 -6.53
CA SER A 6 15.36 -3.62 -6.15
C SER A 6 15.67 -4.18 -4.78
N GLY A 7 16.03 -3.29 -3.85
CA GLY A 7 16.34 -3.71 -2.50
C GLY A 7 17.43 -2.87 -1.87
N ARG A 8 17.25 -1.55 -1.90
CA ARG A 8 18.24 -0.64 -1.33
C ARG A 8 18.41 -0.89 0.17
N LYS A 9 17.32 -0.75 0.91
CA LYS A 9 17.34 -0.96 2.35
C LYS A 9 17.02 -2.41 2.70
N PRO A 10 17.52 -2.87 3.86
CA PRO A 10 17.29 -4.23 4.33
C PRO A 10 15.84 -4.48 4.74
N ARG A 11 15.08 -3.40 4.87
CA ARG A 11 13.68 -3.49 5.26
C ARG A 11 12.78 -2.76 4.25
N THR A 12 11.56 -3.25 4.09
CA THR A 12 10.61 -2.64 3.16
C THR A 12 10.07 -1.32 3.72
N ILE A 13 9.61 -0.45 2.83
CA ILE A 13 9.06 0.83 3.23
C ILE A 13 8.04 0.67 4.35
N TYR A 14 7.54 -0.55 4.51
CA TYR A 14 6.55 -0.84 5.55
C TYR A 14 6.83 -2.19 6.20
N SER A 15 6.61 -2.27 7.51
CA SER A 15 6.84 -3.51 8.25
C SER A 15 5.86 -4.59 7.80
N SER A 16 6.27 -5.84 7.94
CA SER A 16 5.44 -6.98 7.55
C SER A 16 4.08 -6.92 8.24
N PHE A 17 4.09 -6.48 9.50
CA PHE A 17 2.87 -6.38 10.29
C PHE A 17 1.93 -5.33 9.70
N GLN A 18 2.50 -4.18 9.33
CA GLN A 18 1.71 -3.09 8.76
C GLN A 18 1.23 -3.44 7.36
N LEU A 19 2.10 -4.09 6.59
CA LEU A 19 1.77 -4.49 5.23
C LEU A 19 0.67 -5.54 5.22
N ALA A 20 0.88 -6.62 5.97
CA ALA A 20 -0.10 -7.70 6.05
C ALA A 20 -1.52 -7.15 6.04
N ALA A 21 -1.79 -6.18 6.92
CA ALA A 21 -3.11 -5.57 7.00
C ALA A 21 -3.38 -4.68 5.79
N LEU A 22 -2.44 -3.80 5.50
CA LEU A 22 -2.58 -2.87 4.37
C LEU A 22 -3.02 -3.63 3.11
N GLN A 23 -2.19 -4.57 2.67
CA GLN A 23 -2.48 -5.36 1.49
C GLN A 23 -3.85 -6.03 1.60
N ARG A 24 -4.09 -6.66 2.74
CA ARG A 24 -5.36 -7.34 2.98
C ARG A 24 -6.54 -6.44 2.61
N ARG A 25 -6.46 -5.18 3.03
CA ARG A 25 -7.52 -4.22 2.75
C ARG A 25 -7.47 -3.76 1.29
N PHE A 26 -6.26 -3.55 0.78
CA PHE A 26 -6.07 -3.11 -0.60
C PHE A 26 -6.85 -4.00 -1.56
N GLN A 27 -6.60 -5.30 -1.48
CA GLN A 27 -7.28 -6.26 -2.35
C GLN A 27 -8.80 -6.10 -2.27
N LYS A 28 -9.31 -6.07 -1.05
CA LYS A 28 -10.74 -5.91 -0.82
C LYS A 28 -11.27 -4.66 -1.52
N THR A 29 -10.68 -3.51 -1.20
CA THR A 29 -11.08 -2.25 -1.80
C THR A 29 -9.90 -1.31 -1.96
N GLN A 30 -9.90 -0.56 -3.06
CA GLN A 30 -8.82 0.39 -3.32
C GLN A 30 -9.08 1.72 -2.64
N TYR A 31 -10.35 2.08 -2.51
CA TYR A 31 -10.73 3.33 -1.87
C TYR A 31 -11.32 3.09 -0.49
N LEU A 32 -10.78 3.79 0.51
CA LEU A 32 -11.25 3.64 1.88
C LEU A 32 -11.97 4.90 2.35
N ALA A 33 -13.01 4.72 3.16
CA ALA A 33 -13.78 5.85 3.68
C ALA A 33 -12.98 6.63 4.72
N LEU A 34 -13.54 7.75 5.16
CA LEU A 34 -12.89 8.59 6.16
C LEU A 34 -12.48 7.77 7.37
N PRO A 35 -13.48 7.16 8.04
CA PRO A 35 -13.24 6.34 9.22
C PRO A 35 -12.52 5.04 8.89
N GLU A 36 -12.55 4.65 7.62
CA GLU A 36 -11.91 3.42 7.17
C GLU A 36 -10.40 3.61 7.08
N ARG A 37 -9.97 4.66 6.38
CA ARG A 37 -8.55 4.94 6.21
C ARG A 37 -7.87 5.13 7.57
N ALA A 38 -8.58 5.74 8.50
CA ALA A 38 -8.05 5.99 9.84
C ALA A 38 -7.75 4.67 10.54
N GLU A 39 -8.73 3.77 10.54
CA GLU A 39 -8.57 2.47 11.18
C GLU A 39 -7.16 1.92 10.96
N LEU A 40 -6.70 1.99 9.72
CA LEU A 40 -5.38 1.49 9.37
C LEU A 40 -4.28 2.29 10.09
N ALA A 41 -4.44 3.61 10.12
CA ALA A 41 -3.48 4.49 10.78
C ALA A 41 -3.59 4.37 12.29
N ALA A 42 -4.71 3.84 12.77
CA ALA A 42 -4.94 3.67 14.20
C ALA A 42 -4.59 2.26 14.65
N SER A 43 -4.68 1.30 13.72
CA SER A 43 -4.38 -0.08 14.02
C SER A 43 -2.91 -0.40 13.74
N LEU A 44 -2.48 -0.10 12.52
CA LEU A 44 -1.10 -0.35 12.12
C LEU A 44 -0.15 0.63 12.80
N GLY A 45 -0.69 1.72 13.32
CA GLY A 45 0.12 2.71 14.00
C GLY A 45 0.69 3.74 13.03
N LEU A 46 0.06 3.89 11.88
CA LEU A 46 0.52 4.83 10.87
C LEU A 46 -0.39 6.06 10.83
N THR A 47 -0.06 7.00 9.95
CA THR A 47 -0.84 8.22 9.81
C THR A 47 -1.57 8.24 8.47
N GLN A 48 -2.63 9.04 8.39
CA GLN A 48 -3.42 9.16 7.17
C GLN A 48 -2.54 9.52 5.98
N THR A 49 -1.44 10.23 6.26
CA THR A 49 -0.50 10.62 5.22
C THR A 49 0.34 9.45 4.75
N GLN A 50 0.42 8.41 5.57
CA GLN A 50 1.20 7.23 5.24
C GLN A 50 0.35 6.21 4.50
N VAL A 51 -0.81 5.90 5.06
CA VAL A 51 -1.73 4.94 4.45
C VAL A 51 -2.25 5.44 3.12
N LYS A 52 -2.23 6.76 2.93
CA LYS A 52 -2.70 7.36 1.70
C LYS A 52 -1.70 7.13 0.56
N ILE A 53 -0.45 7.54 0.78
CA ILE A 53 0.59 7.36 -0.22
C ILE A 53 0.77 5.89 -0.58
N TRP A 54 0.50 5.02 0.38
CA TRP A 54 0.64 3.58 0.17
C TRP A 54 -0.40 3.08 -0.83
N PHE A 55 -1.67 3.42 -0.58
CA PHE A 55 -2.75 3.01 -1.46
C PHE A 55 -2.61 3.63 -2.84
N GLN A 56 -2.21 4.90 -2.87
CA GLN A 56 -2.04 5.61 -4.13
C GLN A 56 -0.92 4.99 -4.96
N ASN A 57 0.30 5.05 -4.44
CA ASN A 57 1.46 4.48 -5.13
C ASN A 57 1.17 3.05 -5.59
N LYS A 58 0.42 2.31 -4.78
CA LYS A 58 0.08 0.94 -5.09
C LYS A 58 -0.90 0.87 -6.26
N ARG A 59 -1.90 1.74 -6.24
CA ARG A 59 -2.90 1.78 -7.31
C ARG A 59 -2.24 2.02 -8.66
N SER A 60 -1.18 2.82 -8.66
CA SER A 60 -0.45 3.13 -9.89
C SER A 60 0.34 1.92 -10.38
N LYS A 61 0.42 0.90 -9.54
CA LYS A 61 1.14 -0.32 -9.88
C LYS A 61 0.18 -1.44 -10.26
N ILE A 62 -1.01 -1.07 -10.71
CA ILE A 62 -2.02 -2.04 -11.11
C ILE A 62 -2.51 -1.78 -12.53
N LYS A 63 -3.30 -2.70 -13.05
CA LYS A 63 -3.84 -2.57 -14.40
C LYS A 63 -5.02 -1.60 -14.43
N LYS A 64 -4.82 -0.43 -13.85
CA LYS A 64 -5.86 0.60 -13.80
C LYS A 64 -5.50 1.77 -14.71
N SER A 65 -6.47 2.19 -15.52
CA SER A 65 -6.26 3.31 -16.45
C SER A 65 -6.17 4.62 -15.69
N GLY A 66 -5.15 5.42 -15.99
CA GLY A 66 -4.97 6.70 -15.34
C GLY A 66 -3.60 7.30 -15.59
N PRO A 67 -3.55 8.64 -15.67
CA PRO A 67 -2.29 9.36 -15.91
C PRO A 67 -1.34 9.29 -14.72
N SER A 68 -0.09 8.93 -15.00
CA SER A 68 0.92 8.83 -13.94
C SER A 68 2.15 9.67 -14.29
N SER A 69 2.99 9.92 -13.28
CA SER A 69 4.19 10.71 -13.47
C SER A 69 4.85 10.37 -14.82
N GLY A 70 5.04 9.08 -15.06
CA GLY A 70 5.66 8.65 -16.30
C GLY A 70 7.01 7.98 -16.08
N GLY A 1 15.29 -10.26 -19.79
CA GLY A 1 16.23 -9.34 -19.17
C GLY A 1 15.98 -9.15 -17.70
N SER A 2 16.43 -10.11 -16.90
CA SER A 2 16.25 -10.06 -15.44
C SER A 2 17.58 -9.81 -14.74
N SER A 3 17.58 -8.84 -13.82
CA SER A 3 18.79 -8.52 -13.07
C SER A 3 19.24 -9.69 -12.22
N GLY A 4 18.32 -10.21 -11.40
CA GLY A 4 18.64 -11.32 -10.53
C GLY A 4 18.50 -10.99 -9.07
N SER A 5 19.17 -11.75 -8.21
CA SER A 5 19.11 -11.53 -6.78
C SER A 5 19.89 -10.29 -6.38
N SER A 6 19.21 -9.35 -5.72
CA SER A 6 19.85 -8.11 -5.28
C SER A 6 20.28 -8.20 -3.82
N GLY A 7 19.31 -8.44 -2.94
CA GLY A 7 19.60 -8.56 -1.53
C GLY A 7 20.30 -7.32 -0.99
N ARG A 8 20.54 -7.30 0.32
CA ARG A 8 21.20 -6.17 0.96
C ARG A 8 20.33 -4.92 0.89
N LYS A 9 19.03 -5.08 1.11
CA LYS A 9 18.10 -3.97 1.06
C LYS A 9 17.56 -3.64 2.45
N PRO A 10 17.36 -2.34 2.71
CA PRO A 10 16.84 -1.87 4.01
C PRO A 10 15.38 -2.26 4.22
N ARG A 11 14.99 -2.35 5.50
CA ARG A 11 13.62 -2.71 5.85
C ARG A 11 12.62 -2.01 4.93
N THR A 12 11.80 -2.79 4.25
CA THR A 12 10.80 -2.24 3.34
C THR A 12 10.20 -0.96 3.88
N ILE A 13 9.68 -0.12 3.00
CA ILE A 13 9.08 1.15 3.39
C ILE A 13 8.02 0.93 4.47
N TYR A 14 7.57 -0.31 4.62
CA TYR A 14 6.56 -0.64 5.62
C TYR A 14 6.87 -1.98 6.28
N SER A 15 6.56 -2.08 7.57
CA SER A 15 6.80 -3.30 8.33
C SER A 15 5.91 -4.44 7.84
N SER A 16 6.39 -5.66 7.97
CA SER A 16 5.64 -6.83 7.54
C SER A 16 4.27 -6.88 8.22
N PHE A 17 4.22 -6.45 9.47
CA PHE A 17 2.98 -6.44 10.24
C PHE A 17 2.02 -5.40 9.68
N GLN A 18 2.50 -4.17 9.53
CA GLN A 18 1.68 -3.08 9.01
C GLN A 18 1.18 -3.41 7.61
N LEU A 19 2.01 -4.09 6.83
CA LEU A 19 1.66 -4.45 5.46
C LEU A 19 0.61 -5.55 5.45
N ALA A 20 0.89 -6.65 6.16
CA ALA A 20 -0.03 -7.77 6.23
C ALA A 20 -1.48 -7.30 6.21
N ALA A 21 -1.74 -6.18 6.90
CA ALA A 21 -3.09 -5.62 6.96
C ALA A 21 -3.37 -4.73 5.75
N LEU A 22 -2.38 -3.93 5.37
CA LEU A 22 -2.53 -3.04 4.22
C LEU A 22 -2.86 -3.81 2.96
N GLN A 23 -1.99 -4.75 2.60
CA GLN A 23 -2.19 -5.57 1.41
C GLN A 23 -3.53 -6.31 1.48
N ARG A 24 -3.82 -6.86 2.65
CA ARG A 24 -5.07 -7.61 2.85
C ARG A 24 -6.27 -6.67 2.81
N ARG A 25 -6.02 -5.39 3.06
CA ARG A 25 -7.08 -4.39 3.06
C ARG A 25 -7.29 -3.82 1.66
N PHE A 26 -6.20 -3.69 0.91
CA PHE A 26 -6.27 -3.16 -0.45
C PHE A 26 -7.23 -3.98 -1.30
N GLN A 27 -6.96 -5.28 -1.42
CA GLN A 27 -7.80 -6.17 -2.21
C GLN A 27 -9.28 -5.90 -1.96
N LYS A 28 -9.64 -5.79 -0.69
CA LYS A 28 -11.03 -5.53 -0.31
C LYS A 28 -11.59 -4.34 -1.08
N THR A 29 -10.81 -3.26 -1.14
CA THR A 29 -11.23 -2.06 -1.85
C THR A 29 -10.03 -1.18 -2.20
N GLN A 30 -10.05 -0.61 -3.39
CA GLN A 30 -8.97 0.25 -3.85
C GLN A 30 -8.97 1.58 -3.09
N TYR A 31 -10.16 2.06 -2.76
CA TYR A 31 -10.31 3.33 -2.04
C TYR A 31 -11.01 3.11 -0.70
N LEU A 32 -10.43 3.66 0.36
CA LEU A 32 -11.01 3.54 1.69
C LEU A 32 -11.70 4.83 2.12
N ALA A 33 -12.81 4.70 2.82
CA ALA A 33 -13.57 5.85 3.29
C ALA A 33 -12.79 6.62 4.35
N LEU A 34 -13.41 7.66 4.89
CA LEU A 34 -12.76 8.48 5.91
C LEU A 34 -12.36 7.64 7.11
N PRO A 35 -13.36 7.01 7.76
CA PRO A 35 -13.13 6.17 8.93
C PRO A 35 -12.42 4.88 8.58
N GLU A 36 -12.32 4.58 7.29
CA GLU A 36 -11.65 3.38 6.82
C GLU A 36 -10.14 3.58 6.75
N ARG A 37 -9.73 4.71 6.17
CA ARG A 37 -8.31 5.03 6.03
C ARG A 37 -7.66 5.22 7.40
N ALA A 38 -8.39 5.86 8.30
CA ALA A 38 -7.89 6.10 9.66
C ALA A 38 -7.73 4.80 10.42
N GLU A 39 -8.50 3.78 10.04
CA GLU A 39 -8.44 2.49 10.69
C GLU A 39 -7.05 1.87 10.57
N LEU A 40 -6.49 1.92 9.35
CA LEU A 40 -5.17 1.37 9.10
C LEU A 40 -4.09 2.17 9.84
N ALA A 41 -4.32 3.47 9.98
CA ALA A 41 -3.38 4.33 10.68
C ALA A 41 -3.52 4.20 12.19
N ALA A 42 -4.74 3.95 12.64
CA ALA A 42 -5.02 3.80 14.07
C ALA A 42 -4.78 2.37 14.52
N SER A 43 -4.89 1.43 13.60
CA SER A 43 -4.70 0.01 13.91
C SER A 43 -3.24 -0.39 13.71
N LEU A 44 -2.73 -0.15 12.50
CA LEU A 44 -1.35 -0.48 12.18
C LEU A 44 -0.38 0.46 12.87
N GLY A 45 -0.89 1.58 13.37
CA GLY A 45 -0.07 2.55 14.06
C GLY A 45 0.54 3.56 13.11
N LEU A 46 -0.04 3.67 11.92
CA LEU A 46 0.46 4.61 10.91
C LEU A 46 -0.41 5.86 10.88
N THR A 47 -0.06 6.79 9.99
CA THR A 47 -0.80 8.04 9.85
C THR A 47 -1.51 8.10 8.50
N GLN A 48 -2.57 8.90 8.44
CA GLN A 48 -3.33 9.05 7.20
C GLN A 48 -2.42 9.46 6.04
N THR A 49 -1.33 10.15 6.37
CA THR A 49 -0.39 10.61 5.36
C THR A 49 0.47 9.45 4.85
N GLN A 50 0.53 8.38 5.64
CA GLN A 50 1.31 7.21 5.26
C GLN A 50 0.46 6.20 4.50
N VAL A 51 -0.70 5.88 5.06
CA VAL A 51 -1.60 4.93 4.41
C VAL A 51 -2.17 5.50 3.11
N LYS A 52 -2.21 6.82 3.01
CA LYS A 52 -2.71 7.49 1.82
C LYS A 52 -1.78 7.28 0.63
N ILE A 53 -0.49 7.57 0.85
CA ILE A 53 0.51 7.42 -0.21
C ILE A 53 0.65 5.95 -0.61
N TRP A 54 0.47 5.05 0.35
CA TRP A 54 0.58 3.62 0.10
C TRP A 54 -0.52 3.16 -0.85
N PHE A 55 -1.76 3.57 -0.57
CA PHE A 55 -2.90 3.20 -1.40
C PHE A 55 -2.86 3.92 -2.74
N GLN A 56 -2.33 5.14 -2.74
CA GLN A 56 -2.23 5.93 -3.96
C GLN A 56 -1.18 5.34 -4.90
N ASN A 57 -0.04 4.96 -4.34
CA ASN A 57 1.05 4.39 -5.13
C ASN A 57 0.68 2.99 -5.62
N LYS A 58 0.13 2.18 -4.73
CA LYS A 58 -0.26 0.83 -5.07
C LYS A 58 -1.20 0.81 -6.26
N ARG A 59 -2.15 1.74 -6.28
CA ARG A 59 -3.11 1.84 -7.38
C ARG A 59 -2.39 2.13 -8.70
N SER A 60 -1.34 2.93 -8.64
CA SER A 60 -0.58 3.28 -9.82
C SER A 60 0.29 2.12 -10.28
N LYS A 61 0.21 1.02 -9.55
CA LYS A 61 1.00 -0.17 -9.88
C LYS A 61 0.09 -1.31 -10.36
N ILE A 62 -1.21 -1.05 -10.39
CA ILE A 62 -2.18 -2.04 -10.82
C ILE A 62 -1.92 -2.47 -12.26
N LYS A 63 -1.40 -3.68 -12.43
CA LYS A 63 -1.11 -4.21 -13.75
C LYS A 63 -2.23 -3.86 -14.74
N LYS A 64 -1.93 -2.98 -15.68
CA LYS A 64 -2.90 -2.57 -16.69
C LYS A 64 -2.72 -3.37 -17.98
N SER A 65 -3.75 -3.37 -18.81
CA SER A 65 -3.71 -4.09 -20.08
C SER A 65 -3.09 -3.24 -21.17
N GLY A 66 -2.45 -3.88 -22.13
CA GLY A 66 -1.83 -3.16 -23.23
C GLY A 66 -2.66 -3.20 -24.50
N PRO A 67 -2.00 -2.98 -25.65
CA PRO A 67 -2.66 -2.99 -26.96
C PRO A 67 -3.13 -4.38 -27.36
N SER A 68 -2.31 -5.39 -27.05
CA SER A 68 -2.64 -6.76 -27.40
C SER A 68 -4.11 -7.05 -27.14
N SER A 69 -4.90 -7.08 -28.21
CA SER A 69 -6.33 -7.35 -28.11
C SER A 69 -6.93 -6.60 -26.92
N GLY A 70 -6.53 -5.34 -26.75
CA GLY A 70 -7.04 -4.54 -25.66
C GLY A 70 -8.30 -3.80 -26.03
N GLY A 1 12.40 -1.96 -19.27
CA GLY A 1 12.08 -2.63 -18.03
C GLY A 1 12.57 -1.88 -16.81
N SER A 2 13.25 -2.59 -15.92
CA SER A 2 13.77 -1.98 -14.69
C SER A 2 15.09 -2.61 -14.29
N SER A 3 15.86 -1.90 -13.47
CA SER A 3 17.16 -2.40 -13.01
C SER A 3 16.99 -3.69 -12.23
N GLY A 4 17.83 -4.68 -12.54
CA GLY A 4 17.77 -5.96 -11.87
C GLY A 4 18.60 -5.99 -10.61
N SER A 5 18.15 -6.75 -9.61
CA SER A 5 18.88 -6.86 -8.34
C SER A 5 19.09 -8.31 -7.97
N SER A 6 20.29 -8.62 -7.48
CA SER A 6 20.63 -9.99 -7.09
C SER A 6 20.25 -10.24 -5.63
N GLY A 7 20.54 -9.28 -4.77
CA GLY A 7 20.22 -9.42 -3.36
C GLY A 7 19.19 -8.39 -2.90
N ARG A 8 18.59 -8.66 -1.75
CA ARG A 8 17.58 -7.75 -1.20
C ARG A 8 17.73 -7.62 0.31
N LYS A 9 17.01 -6.68 0.90
CA LYS A 9 17.07 -6.45 2.33
C LYS A 9 15.68 -6.55 2.96
N PRO A 10 15.63 -7.01 4.22
CA PRO A 10 14.37 -7.16 4.95
C PRO A 10 13.76 -5.81 5.32
N ARG A 11 14.59 -4.86 5.71
CA ARG A 11 14.12 -3.54 6.08
C ARG A 11 13.34 -2.89 4.94
N THR A 12 12.03 -3.06 4.96
CA THR A 12 11.17 -2.49 3.93
C THR A 12 10.50 -1.21 4.41
N ILE A 13 10.14 -0.35 3.47
CA ILE A 13 9.49 0.91 3.80
C ILE A 13 8.37 0.71 4.82
N TYR A 14 7.88 -0.53 4.90
CA TYR A 14 6.81 -0.87 5.84
C TYR A 14 7.07 -2.21 6.51
N SER A 15 6.59 -2.35 7.74
CA SER A 15 6.78 -3.59 8.50
C SER A 15 5.84 -4.68 7.99
N SER A 16 6.24 -5.93 8.21
CA SER A 16 5.44 -7.06 7.76
C SER A 16 4.05 -7.05 8.43
N PHE A 17 4.01 -6.60 9.67
CA PHE A 17 2.76 -6.52 10.42
C PHE A 17 1.82 -5.50 9.80
N GLN A 18 2.36 -4.35 9.44
CA GLN A 18 1.57 -3.28 8.84
C GLN A 18 1.16 -3.65 7.41
N LEU A 19 2.13 -4.11 6.63
CA LEU A 19 1.87 -4.49 5.24
C LEU A 19 0.77 -5.55 5.17
N ALA A 20 0.97 -6.65 5.89
CA ALA A 20 0.00 -7.74 5.90
C ALA A 20 -1.44 -7.20 5.82
N ALA A 21 -1.84 -6.48 6.86
CA ALA A 21 -3.18 -5.91 6.91
C ALA A 21 -3.43 -4.97 5.72
N LEU A 22 -2.43 -4.15 5.40
CA LEU A 22 -2.54 -3.22 4.29
C LEU A 22 -2.92 -3.94 3.00
N GLN A 23 -2.02 -4.79 2.52
CA GLN A 23 -2.26 -5.55 1.30
C GLN A 23 -3.64 -6.21 1.33
N ARG A 24 -3.98 -6.80 2.48
CA ARG A 24 -5.26 -7.47 2.64
C ARG A 24 -6.42 -6.49 2.43
N ARG A 25 -6.23 -5.26 2.90
CA ARG A 25 -7.26 -4.23 2.77
C ARG A 25 -7.31 -3.69 1.35
N PHE A 26 -6.14 -3.53 0.74
CA PHE A 26 -6.04 -3.02 -0.63
C PHE A 26 -6.87 -3.88 -1.59
N GLN A 27 -6.59 -5.17 -1.60
CA GLN A 27 -7.31 -6.09 -2.47
C GLN A 27 -8.81 -5.92 -2.33
N LYS A 28 -9.29 -5.94 -1.08
CA LYS A 28 -10.72 -5.79 -0.81
C LYS A 28 -11.27 -4.55 -1.52
N THR A 29 -10.56 -3.43 -1.42
CA THR A 29 -10.98 -2.19 -2.05
C THR A 29 -9.81 -1.22 -2.19
N GLN A 30 -9.78 -0.49 -3.29
CA GLN A 30 -8.72 0.47 -3.54
C GLN A 30 -9.01 1.79 -2.84
N TYR A 31 -10.29 2.13 -2.72
CA TYR A 31 -10.71 3.36 -2.07
C TYR A 31 -11.18 3.09 -0.64
N LEU A 32 -10.74 3.94 0.29
CA LEU A 32 -11.11 3.80 1.68
C LEU A 32 -11.92 5.00 2.16
N ALA A 33 -12.78 4.78 3.15
CA ALA A 33 -13.61 5.85 3.69
C ALA A 33 -12.87 6.63 4.78
N LEU A 34 -13.33 7.84 5.06
CA LEU A 34 -12.70 8.68 6.08
C LEU A 34 -12.23 7.84 7.26
N PRO A 35 -13.17 7.14 7.90
CA PRO A 35 -12.87 6.28 9.06
C PRO A 35 -12.08 5.04 8.67
N GLU A 36 -12.42 4.46 7.52
CA GLU A 36 -11.73 3.27 7.04
C GLU A 36 -10.23 3.49 6.98
N ARG A 37 -9.82 4.62 6.40
CA ARG A 37 -8.41 4.95 6.28
C ARG A 37 -7.78 5.14 7.65
N ALA A 38 -8.44 5.90 8.51
CA ALA A 38 -7.94 6.16 9.85
C ALA A 38 -7.74 4.85 10.62
N GLU A 39 -8.63 3.90 10.41
CA GLU A 39 -8.54 2.60 11.08
C GLU A 39 -7.16 1.99 10.89
N LEU A 40 -6.61 2.12 9.69
CA LEU A 40 -5.30 1.58 9.38
C LEU A 40 -4.20 2.38 10.07
N ALA A 41 -4.37 3.70 10.09
CA ALA A 41 -3.40 4.59 10.72
C ALA A 41 -3.39 4.40 12.23
N ALA A 42 -4.55 4.12 12.80
CA ALA A 42 -4.68 3.92 14.24
C ALA A 42 -4.37 2.48 14.61
N SER A 43 -4.79 1.55 13.76
CA SER A 43 -4.57 0.13 14.01
C SER A 43 -3.12 -0.25 13.73
N LEU A 44 -2.63 0.16 12.56
CA LEU A 44 -1.25 -0.14 12.16
C LEU A 44 -0.29 0.88 12.76
N GLY A 45 -0.81 1.81 13.54
CA GLY A 45 0.02 2.83 14.16
C GLY A 45 0.63 3.78 13.13
N LEU A 46 0.02 3.84 11.96
CA LEU A 46 0.51 4.72 10.89
C LEU A 46 -0.28 6.02 10.84
N THR A 47 0.08 6.88 9.90
CA THR A 47 -0.61 8.16 9.74
C THR A 47 -1.38 8.22 8.43
N GLN A 48 -2.46 8.99 8.42
CA GLN A 48 -3.30 9.12 7.23
C GLN A 48 -2.45 9.49 6.01
N THR A 49 -1.38 10.26 6.25
CA THR A 49 -0.50 10.68 5.18
C THR A 49 0.30 9.51 4.63
N GLN A 50 0.47 8.47 5.44
CA GLN A 50 1.21 7.29 5.04
C GLN A 50 0.29 6.27 4.37
N VAL A 51 -0.79 5.93 5.06
CA VAL A 51 -1.76 4.96 4.52
C VAL A 51 -2.38 5.46 3.23
N LYS A 52 -2.37 6.77 3.05
CA LYS A 52 -2.94 7.38 1.85
C LYS A 52 -2.05 7.11 0.63
N ILE A 53 -0.78 7.49 0.74
CA ILE A 53 0.17 7.30 -0.34
C ILE A 53 0.34 5.81 -0.67
N TRP A 54 0.39 4.99 0.37
CA TRP A 54 0.54 3.55 0.21
C TRP A 54 -0.57 2.98 -0.67
N PHE A 55 -1.79 3.45 -0.44
CA PHE A 55 -2.94 2.97 -1.21
C PHE A 55 -2.90 3.55 -2.63
N GLN A 56 -2.66 4.85 -2.73
CA GLN A 56 -2.61 5.51 -4.03
C GLN A 56 -1.45 4.99 -4.86
N ASN A 57 -0.23 5.22 -4.37
CA ASN A 57 0.97 4.77 -5.07
C ASN A 57 0.83 3.32 -5.53
N LYS A 58 0.08 2.53 -4.76
CA LYS A 58 -0.14 1.13 -5.09
C LYS A 58 -1.01 1.00 -6.34
N ARG A 59 -2.12 1.72 -6.37
CA ARG A 59 -3.03 1.68 -7.51
C ARG A 59 -2.26 1.72 -8.82
N SER A 60 -1.32 2.65 -8.92
CA SER A 60 -0.51 2.79 -10.13
C SER A 60 0.09 1.46 -10.54
N LYS A 61 0.70 0.76 -9.58
CA LYS A 61 1.31 -0.53 -9.85
C LYS A 61 0.32 -1.48 -10.50
N ILE A 62 -0.90 -1.49 -10.00
CA ILE A 62 -1.95 -2.36 -10.53
C ILE A 62 -2.00 -2.28 -12.06
N LYS A 63 -1.33 -3.21 -12.71
CA LYS A 63 -1.29 -3.26 -14.17
C LYS A 63 -2.66 -3.65 -14.73
N LYS A 64 -3.11 -2.90 -15.73
CA LYS A 64 -4.41 -3.16 -16.37
C LYS A 64 -4.31 -4.37 -17.29
N SER A 65 -5.26 -5.29 -17.14
CA SER A 65 -5.29 -6.50 -17.97
C SER A 65 -6.03 -6.24 -19.28
N GLY A 66 -5.65 -6.96 -20.32
CA GLY A 66 -6.28 -6.80 -21.61
C GLY A 66 -6.79 -8.11 -22.18
N PRO A 67 -7.98 -8.54 -21.73
CA PRO A 67 -8.60 -9.79 -22.19
C PRO A 67 -9.06 -9.71 -23.63
N SER A 68 -9.59 -10.82 -24.13
CA SER A 68 -10.07 -10.88 -25.52
C SER A 68 -10.98 -9.70 -25.82
N SER A 69 -10.61 -8.93 -26.85
CA SER A 69 -11.39 -7.76 -27.24
C SER A 69 -11.27 -6.65 -26.22
N GLY A 70 -10.03 -6.27 -25.90
CA GLY A 70 -9.78 -5.22 -24.94
C GLY A 70 -9.40 -3.91 -25.59
N GLY A 1 7.11 -0.38 -13.76
CA GLY A 1 7.27 -1.82 -13.80
C GLY A 1 8.69 -2.26 -13.48
N SER A 2 8.82 -3.24 -12.62
CA SER A 2 10.13 -3.75 -12.22
C SER A 2 10.35 -5.16 -12.75
N SER A 3 11.58 -5.45 -13.16
CA SER A 3 11.93 -6.76 -13.69
C SER A 3 12.83 -7.52 -12.72
N GLY A 4 12.35 -8.67 -12.24
CA GLY A 4 13.12 -9.47 -11.31
C GLY A 4 13.08 -8.92 -9.90
N SER A 5 11.89 -8.94 -9.30
CA SER A 5 11.72 -8.44 -7.93
C SER A 5 11.24 -9.55 -7.00
N SER A 6 10.25 -10.31 -7.46
CA SER A 6 9.70 -11.40 -6.67
C SER A 6 9.53 -10.98 -5.22
N GLY A 7 9.08 -9.73 -5.02
CA GLY A 7 8.87 -9.24 -3.67
C GLY A 7 9.88 -9.78 -2.68
N ARG A 8 11.06 -9.17 -2.64
CA ARG A 8 12.12 -9.62 -1.73
C ARG A 8 12.92 -8.42 -1.23
N LYS A 9 12.97 -8.27 0.09
CA LYS A 9 13.72 -7.17 0.71
C LYS A 9 13.76 -7.33 2.22
N PRO A 10 14.94 -7.08 2.81
CA PRO A 10 15.14 -7.19 4.26
C PRO A 10 14.42 -6.10 5.02
N ARG A 11 14.61 -4.85 4.60
CA ARG A 11 13.97 -3.71 5.25
C ARG A 11 13.07 -2.96 4.27
N THR A 12 11.78 -3.30 4.26
CA THR A 12 10.83 -2.66 3.38
C THR A 12 10.33 -1.34 3.96
N ILE A 13 9.80 -0.48 3.10
CA ILE A 13 9.30 0.82 3.53
C ILE A 13 8.23 0.66 4.61
N TYR A 14 7.71 -0.56 4.75
CA TYR A 14 6.68 -0.84 5.74
C TYR A 14 6.92 -2.20 6.40
N SER A 15 6.70 -2.27 7.71
CA SER A 15 6.89 -3.50 8.45
C SER A 15 5.98 -4.60 7.92
N SER A 16 6.33 -5.85 8.19
CA SER A 16 5.54 -6.99 7.75
C SER A 16 4.14 -6.95 8.36
N PHE A 17 4.06 -6.51 9.61
CA PHE A 17 2.78 -6.41 10.30
C PHE A 17 1.89 -5.36 9.67
N GLN A 18 2.47 -4.19 9.40
CA GLN A 18 1.72 -3.09 8.80
C GLN A 18 1.30 -3.44 7.37
N LEU A 19 2.17 -4.14 6.65
CA LEU A 19 1.89 -4.54 5.28
C LEU A 19 0.79 -5.61 5.24
N ALA A 20 0.94 -6.63 6.07
CA ALA A 20 -0.04 -7.71 6.12
C ALA A 20 -1.46 -7.16 6.08
N ALA A 21 -1.75 -6.21 6.95
CA ALA A 21 -3.08 -5.60 7.01
C ALA A 21 -3.32 -4.70 5.80
N LEU A 22 -2.35 -3.87 5.47
CA LEU A 22 -2.46 -2.97 4.34
C LEU A 22 -2.88 -3.72 3.07
N GLN A 23 -2.04 -4.65 2.64
CA GLN A 23 -2.33 -5.44 1.46
C GLN A 23 -3.69 -6.11 1.56
N ARG A 24 -3.97 -6.69 2.72
CA ARG A 24 -5.24 -7.37 2.95
C ARG A 24 -6.41 -6.47 2.57
N ARG A 25 -6.34 -5.21 2.98
CA ARG A 25 -7.40 -4.25 2.69
C ARG A 25 -7.33 -3.81 1.22
N PHE A 26 -6.12 -3.64 0.71
CA PHE A 26 -5.92 -3.22 -0.67
C PHE A 26 -6.76 -4.07 -1.62
N GLN A 27 -6.78 -5.38 -1.37
CA GLN A 27 -7.54 -6.30 -2.21
C GLN A 27 -9.04 -6.05 -2.07
N LYS A 28 -9.53 -6.08 -0.84
CA LYS A 28 -10.95 -5.86 -0.58
C LYS A 28 -11.45 -4.60 -1.29
N THR A 29 -10.70 -3.50 -1.12
CA THR A 29 -11.06 -2.24 -1.75
C THR A 29 -9.83 -1.34 -1.92
N GLN A 30 -9.65 -0.83 -3.13
CA GLN A 30 -8.52 0.04 -3.44
C GLN A 30 -8.76 1.44 -2.90
N TYR A 31 -10.03 1.82 -2.80
CA TYR A 31 -10.39 3.14 -2.31
C TYR A 31 -10.97 3.06 -0.90
N LEU A 32 -10.22 3.56 0.07
CA LEU A 32 -10.65 3.54 1.47
C LEU A 32 -11.38 4.83 1.82
N ALA A 33 -12.42 4.72 2.63
CA ALA A 33 -13.21 5.87 3.06
C ALA A 33 -12.44 6.70 4.07
N LEU A 34 -13.04 7.81 4.50
CA LEU A 34 -12.42 8.70 5.48
C LEU A 34 -12.11 7.95 6.77
N PRO A 35 -13.14 7.39 7.39
CA PRO A 35 -13.02 6.64 8.65
C PRO A 35 -12.29 5.31 8.44
N GLU A 36 -12.34 4.79 7.22
CA GLU A 36 -11.70 3.52 6.90
C GLU A 36 -10.19 3.68 6.83
N ARG A 37 -9.74 4.77 6.20
CA ARG A 37 -8.32 5.04 6.07
C ARG A 37 -7.67 5.19 7.44
N ALA A 38 -8.32 5.94 8.33
CA ALA A 38 -7.80 6.16 9.67
C ALA A 38 -7.57 4.84 10.40
N GLU A 39 -8.52 3.92 10.25
CA GLU A 39 -8.42 2.62 10.90
C GLU A 39 -7.04 2.03 10.73
N LEU A 40 -6.54 2.02 9.50
CA LEU A 40 -5.22 1.49 9.20
C LEU A 40 -4.13 2.28 9.92
N ALA A 41 -4.41 3.56 10.17
CA ALA A 41 -3.46 4.43 10.86
C ALA A 41 -3.62 4.33 12.37
N ALA A 42 -4.74 3.76 12.80
CA ALA A 42 -5.01 3.60 14.23
C ALA A 42 -4.65 2.19 14.71
N SER A 43 -4.78 1.22 13.82
CA SER A 43 -4.47 -0.16 14.14
C SER A 43 -3.01 -0.49 13.81
N LEU A 44 -2.62 -0.21 12.57
CA LEU A 44 -1.26 -0.47 12.12
C LEU A 44 -0.26 0.45 12.83
N GLY A 45 -0.77 1.57 13.33
CA GLY A 45 0.09 2.53 14.03
C GLY A 45 0.68 3.56 13.10
N LEU A 46 0.09 3.68 11.91
CA LEU A 46 0.56 4.65 10.92
C LEU A 46 -0.35 5.86 10.86
N THR A 47 -0.02 6.81 9.99
CA THR A 47 -0.81 8.03 9.84
C THR A 47 -1.47 8.09 8.47
N GLN A 48 -2.66 8.68 8.41
CA GLN A 48 -3.39 8.80 7.16
C GLN A 48 -2.46 9.23 6.02
N THR A 49 -1.55 10.16 6.33
CA THR A 49 -0.61 10.65 5.33
C THR A 49 0.19 9.50 4.72
N GLN A 50 0.51 8.50 5.54
CA GLN A 50 1.28 7.36 5.08
C GLN A 50 0.37 6.34 4.39
N VAL A 51 -0.72 6.00 5.06
CA VAL A 51 -1.68 5.03 4.51
C VAL A 51 -2.33 5.56 3.24
N LYS A 52 -2.35 6.88 3.11
CA LYS A 52 -2.94 7.52 1.93
C LYS A 52 -2.08 7.28 0.69
N ILE A 53 -0.78 7.49 0.83
CA ILE A 53 0.15 7.29 -0.28
C ILE A 53 0.30 5.82 -0.61
N TRP A 54 0.37 4.98 0.42
CA TRP A 54 0.51 3.55 0.23
C TRP A 54 -0.59 2.99 -0.66
N PHE A 55 -1.78 3.58 -0.53
CA PHE A 55 -2.93 3.15 -1.32
C PHE A 55 -2.95 3.85 -2.69
N GLN A 56 -2.38 5.05 -2.73
CA GLN A 56 -2.34 5.81 -3.97
C GLN A 56 -1.33 5.22 -4.94
N ASN A 57 -0.05 5.27 -4.57
CA ASN A 57 1.01 4.73 -5.40
C ASN A 57 0.75 3.28 -5.77
N LYS A 58 0.03 2.57 -4.90
CA LYS A 58 -0.31 1.18 -5.14
C LYS A 58 -1.32 1.05 -6.27
N ARG A 59 -2.36 1.87 -6.22
CA ARG A 59 -3.40 1.84 -7.24
C ARG A 59 -2.82 2.13 -8.62
N SER A 60 -1.99 3.16 -8.70
CA SER A 60 -1.36 3.55 -9.96
C SER A 60 -0.70 2.34 -10.63
N LYS A 61 0.10 1.61 -9.85
CA LYS A 61 0.79 0.44 -10.37
C LYS A 61 -0.19 -0.53 -11.02
N ILE A 62 -1.34 -0.73 -10.37
CA ILE A 62 -2.36 -1.62 -10.90
C ILE A 62 -2.39 -1.60 -12.42
N LYS A 63 -2.42 -0.40 -12.98
CA LYS A 63 -2.44 -0.23 -14.44
C LYS A 63 -1.14 -0.70 -15.06
N LYS A 64 -1.24 -1.58 -16.05
CA LYS A 64 -0.07 -2.11 -16.74
C LYS A 64 0.22 -1.31 -18.00
N SER A 65 1.43 -0.79 -18.10
CA SER A 65 1.84 0.00 -19.26
C SER A 65 2.53 -0.88 -20.30
N GLY A 66 2.47 -0.46 -21.56
CA GLY A 66 3.09 -1.23 -22.63
C GLY A 66 4.53 -1.56 -22.34
N PRO A 67 5.45 -0.72 -22.82
CA PRO A 67 6.89 -0.91 -22.62
C PRO A 67 7.31 -0.69 -21.17
N SER A 68 8.31 -1.44 -20.72
CA SER A 68 8.80 -1.32 -19.36
C SER A 68 10.11 -0.55 -19.31
N SER A 69 10.36 0.14 -18.21
CA SER A 69 11.57 0.92 -18.05
C SER A 69 12.70 0.07 -17.48
N GLY A 70 12.43 -0.58 -16.36
CA GLY A 70 13.43 -1.42 -15.72
C GLY A 70 12.82 -2.58 -14.95
N GLY A 1 0.11 -12.77 -18.56
CA GLY A 1 1.26 -12.67 -17.67
C GLY A 1 1.08 -13.47 -16.40
N SER A 2 1.76 -13.04 -15.34
CA SER A 2 1.67 -13.73 -14.05
C SER A 2 1.20 -12.77 -12.95
N SER A 3 0.33 -13.27 -12.09
CA SER A 3 -0.21 -12.45 -11.00
C SER A 3 0.86 -12.20 -9.95
N GLY A 4 1.38 -13.27 -9.36
CA GLY A 4 2.40 -13.14 -8.33
C GLY A 4 2.00 -13.80 -7.03
N SER A 5 2.98 -14.04 -6.17
CA SER A 5 2.73 -14.67 -4.88
C SER A 5 3.43 -13.91 -3.75
N SER A 6 4.75 -13.81 -3.84
CA SER A 6 5.54 -13.11 -2.84
C SER A 6 6.95 -12.84 -3.33
N GLY A 7 7.47 -11.65 -3.03
CA GLY A 7 8.81 -11.30 -3.46
C GLY A 7 9.86 -11.66 -2.43
N ARG A 8 11.10 -11.29 -2.70
CA ARG A 8 12.20 -11.59 -1.79
C ARG A 8 12.93 -10.31 -1.38
N LYS A 9 12.79 -9.94 -0.11
CA LYS A 9 13.43 -8.73 0.41
C LYS A 9 13.49 -8.77 1.94
N PRO A 10 14.64 -8.36 2.49
CA PRO A 10 14.86 -8.34 3.94
C PRO A 10 14.03 -7.25 4.63
N ARG A 11 14.13 -6.03 4.11
CA ARG A 11 13.40 -4.91 4.68
C ARG A 11 12.57 -4.19 3.61
N THR A 12 11.48 -3.57 4.03
CA THR A 12 10.59 -2.86 3.11
C THR A 12 10.15 -1.52 3.68
N ILE A 13 9.65 -0.65 2.82
CA ILE A 13 9.19 0.67 3.25
C ILE A 13 8.16 0.55 4.38
N TYR A 14 7.59 -0.64 4.53
CA TYR A 14 6.59 -0.88 5.56
C TYR A 14 6.84 -2.22 6.25
N SER A 15 6.61 -2.26 7.56
CA SER A 15 6.82 -3.48 8.34
C SER A 15 5.88 -4.58 7.87
N SER A 16 6.39 -5.80 7.80
CA SER A 16 5.60 -6.95 7.37
C SER A 16 4.23 -6.94 8.01
N PHE A 17 4.17 -6.54 9.29
CA PHE A 17 2.92 -6.49 10.02
C PHE A 17 1.99 -5.43 9.43
N GLN A 18 2.50 -4.21 9.32
CA GLN A 18 1.71 -3.11 8.78
C GLN A 18 1.21 -3.43 7.37
N LEU A 19 2.04 -4.13 6.61
CA LEU A 19 1.70 -4.51 5.24
C LEU A 19 0.62 -5.59 5.23
N ALA A 20 0.92 -6.72 5.88
CA ALA A 20 -0.02 -7.83 5.95
C ALA A 20 -1.46 -7.33 6.03
N ALA A 21 -1.66 -6.23 6.75
CA ALA A 21 -2.98 -5.65 6.91
C ALA A 21 -3.30 -4.70 5.76
N LEU A 22 -2.33 -3.87 5.40
CA LEU A 22 -2.51 -2.90 4.32
C LEU A 22 -2.85 -3.60 3.01
N GLN A 23 -2.01 -4.55 2.62
CA GLN A 23 -2.22 -5.31 1.39
C GLN A 23 -3.55 -6.06 1.44
N ARG A 24 -3.86 -6.62 2.60
CA ARG A 24 -5.10 -7.38 2.78
C ARG A 24 -6.32 -6.47 2.56
N ARG A 25 -6.23 -5.24 3.06
CA ARG A 25 -7.31 -4.29 2.93
C ARG A 25 -7.43 -3.78 1.49
N PHE A 26 -6.29 -3.57 0.86
CA PHE A 26 -6.26 -3.09 -0.53
C PHE A 26 -7.06 -4.01 -1.44
N GLN A 27 -6.83 -5.31 -1.29
CA GLN A 27 -7.54 -6.30 -2.10
C GLN A 27 -9.04 -6.11 -2.04
N LYS A 28 -9.55 -5.90 -0.83
CA LYS A 28 -10.98 -5.68 -0.63
C LYS A 28 -11.48 -4.51 -1.45
N THR A 29 -10.82 -3.36 -1.30
CA THR A 29 -11.20 -2.16 -2.03
C THR A 29 -9.98 -1.29 -2.32
N GLN A 30 -9.97 -0.65 -3.49
CA GLN A 30 -8.87 0.21 -3.88
C GLN A 30 -8.91 1.52 -3.10
N TYR A 31 -10.11 2.01 -2.82
CA TYR A 31 -10.29 3.25 -2.09
C TYR A 31 -10.97 3.00 -0.74
N LEU A 32 -10.49 3.67 0.29
CA LEU A 32 -11.05 3.53 1.63
C LEU A 32 -11.89 4.75 2.00
N ALA A 33 -12.75 4.59 3.00
CA ALA A 33 -13.61 5.68 3.46
C ALA A 33 -12.88 6.56 4.47
N LEU A 34 -13.59 7.54 5.02
CA LEU A 34 -13.01 8.45 5.99
C LEU A 34 -12.55 7.69 7.23
N PRO A 35 -13.48 7.01 7.91
CA PRO A 35 -13.18 6.22 9.11
C PRO A 35 -12.34 4.98 8.80
N GLU A 36 -12.55 4.42 7.61
CA GLU A 36 -11.81 3.23 7.20
C GLU A 36 -10.32 3.51 7.15
N ARG A 37 -9.94 4.55 6.40
CA ARG A 37 -8.53 4.91 6.27
C ARG A 37 -7.88 5.08 7.63
N ALA A 38 -8.48 5.92 8.46
CA ALA A 38 -7.96 6.18 9.81
C ALA A 38 -7.78 4.88 10.58
N GLU A 39 -8.59 3.88 10.25
CA GLU A 39 -8.51 2.59 10.92
C GLU A 39 -7.14 1.96 10.74
N LEU A 40 -6.59 2.07 9.53
CA LEU A 40 -5.28 1.51 9.22
C LEU A 40 -4.18 2.30 9.92
N ALA A 41 -4.39 3.61 10.07
CA ALA A 41 -3.42 4.47 10.72
C ALA A 41 -3.44 4.28 12.23
N ALA A 42 -4.63 4.10 12.78
CA ALA A 42 -4.78 3.90 14.22
C ALA A 42 -4.46 2.46 14.61
N SER A 43 -4.89 1.51 13.79
CA SER A 43 -4.65 0.10 14.06
C SER A 43 -3.18 -0.26 13.79
N LEU A 44 -2.75 -0.10 12.55
CA LEU A 44 -1.38 -0.40 12.17
C LEU A 44 -0.40 0.55 12.86
N GLY A 45 -0.94 1.64 13.41
CA GLY A 45 -0.10 2.61 14.08
C GLY A 45 0.54 3.61 13.12
N LEU A 46 -0.10 3.79 11.97
CA LEU A 46 0.41 4.72 10.97
C LEU A 46 -0.46 5.97 10.89
N THR A 47 -0.09 6.89 10.00
CA THR A 47 -0.83 8.13 9.84
C THR A 47 -1.51 8.20 8.48
N GLN A 48 -2.61 8.93 8.40
CA GLN A 48 -3.35 9.06 7.15
C GLN A 48 -2.42 9.42 6.00
N THR A 49 -1.50 10.35 6.24
CA THR A 49 -0.55 10.79 5.24
C THR A 49 0.29 9.61 4.73
N GLN A 50 0.41 8.59 5.57
CA GLN A 50 1.19 7.40 5.20
C GLN A 50 0.32 6.39 4.48
N VAL A 51 -0.80 6.00 5.10
CA VAL A 51 -1.72 5.04 4.52
C VAL A 51 -2.28 5.55 3.19
N LYS A 52 -2.31 6.86 3.04
CA LYS A 52 -2.81 7.48 1.81
C LYS A 52 -1.84 7.29 0.66
N ILE A 53 -0.61 7.77 0.84
CA ILE A 53 0.42 7.64 -0.19
C ILE A 53 0.63 6.18 -0.58
N TRP A 54 0.49 5.29 0.40
CA TRP A 54 0.67 3.87 0.16
C TRP A 54 -0.38 3.35 -0.82
N PHE A 55 -1.65 3.44 -0.44
CA PHE A 55 -2.74 2.98 -1.30
C PHE A 55 -2.62 3.57 -2.70
N GLN A 56 -2.08 4.78 -2.79
CA GLN A 56 -1.91 5.45 -4.07
C GLN A 56 -0.79 4.81 -4.87
N ASN A 57 0.27 4.38 -4.19
CA ASN A 57 1.40 3.75 -4.84
C ASN A 57 1.03 2.39 -5.40
N LYS A 58 0.60 1.49 -4.52
CA LYS A 58 0.19 0.14 -4.94
C LYS A 58 -0.63 0.19 -6.21
N ARG A 59 -1.72 0.95 -6.19
CA ARG A 59 -2.59 1.09 -7.34
C ARG A 59 -1.78 1.24 -8.62
N SER A 60 -0.63 1.91 -8.51
CA SER A 60 0.23 2.13 -9.67
C SER A 60 1.08 0.89 -9.95
N LYS A 61 1.43 0.17 -8.90
CA LYS A 61 2.24 -1.04 -9.03
C LYS A 61 1.53 -2.24 -8.42
N ILE A 62 0.23 -2.35 -8.69
CA ILE A 62 -0.57 -3.46 -8.17
C ILE A 62 0.00 -4.80 -8.61
N LYS A 63 0.10 -4.99 -9.92
CA LYS A 63 0.63 -6.23 -10.48
C LYS A 63 2.15 -6.26 -10.39
N LYS A 64 2.68 -6.68 -9.25
CA LYS A 64 4.12 -6.76 -9.05
C LYS A 64 4.76 -7.74 -10.03
N SER A 65 5.87 -7.33 -10.63
CA SER A 65 6.58 -8.17 -11.59
C SER A 65 7.52 -9.14 -10.87
N GLY A 66 7.09 -10.40 -10.77
CA GLY A 66 7.91 -11.40 -10.10
C GLY A 66 7.55 -12.81 -10.53
N PRO A 67 7.92 -13.16 -11.77
CA PRO A 67 7.65 -14.49 -12.34
C PRO A 67 8.48 -15.58 -11.67
N SER A 68 7.81 -16.61 -11.17
CA SER A 68 8.49 -17.73 -10.51
C SER A 68 8.60 -18.93 -11.44
N SER A 69 9.61 -19.76 -11.20
CA SER A 69 9.83 -20.94 -12.02
C SER A 69 8.93 -22.09 -11.57
N GLY A 70 7.67 -21.77 -11.26
CA GLY A 70 6.74 -22.79 -10.82
C GLY A 70 7.34 -23.72 -9.78
N GLY A 1 7.65 11.75 -2.41
CA GLY A 1 8.30 11.88 -3.70
C GLY A 1 9.57 11.05 -3.79
N SER A 2 10.32 11.24 -4.87
CA SER A 2 11.57 10.50 -5.08
C SER A 2 12.77 11.43 -4.99
N SER A 3 13.43 11.42 -3.83
CA SER A 3 14.60 12.27 -3.61
C SER A 3 15.75 11.46 -3.02
N GLY A 4 15.94 10.24 -3.55
CA GLY A 4 17.01 9.39 -3.07
C GLY A 4 17.00 9.25 -1.56
N SER A 5 15.86 8.85 -1.01
CA SER A 5 15.72 8.68 0.43
C SER A 5 15.98 7.24 0.84
N SER A 6 17.25 6.90 1.02
CA SER A 6 17.64 5.55 1.41
C SER A 6 18.17 5.53 2.84
N GLY A 7 17.25 5.45 3.80
CA GLY A 7 17.66 5.42 5.20
C GLY A 7 18.07 4.03 5.65
N ARG A 8 17.44 3.54 6.72
CA ARG A 8 17.75 2.22 7.25
C ARG A 8 17.45 1.14 6.22
N LYS A 9 16.23 1.13 5.71
CA LYS A 9 15.83 0.15 4.71
C LYS A 9 16.26 -1.26 5.12
N PRO A 10 15.86 -1.67 6.33
CA PRO A 10 16.20 -2.99 6.87
C PRO A 10 15.48 -4.12 6.14
N ARG A 11 14.17 -3.97 5.99
CA ARG A 11 13.37 -4.98 5.31
C ARG A 11 12.58 -4.36 4.15
N THR A 12 11.70 -3.42 4.47
CA THR A 12 10.89 -2.76 3.46
C THR A 12 10.35 -1.43 3.97
N ILE A 13 9.98 -0.54 3.05
CA ILE A 13 9.44 0.76 3.42
C ILE A 13 8.36 0.62 4.49
N TYR A 14 7.81 -0.58 4.61
CA TYR A 14 6.76 -0.84 5.59
C TYR A 14 6.99 -2.18 6.28
N SER A 15 6.69 -2.23 7.59
CA SER A 15 6.87 -3.44 8.36
C SER A 15 5.92 -4.53 7.89
N SER A 16 6.36 -5.79 8.01
CA SER A 16 5.54 -6.92 7.60
C SER A 16 4.15 -6.85 8.23
N PHE A 17 4.12 -6.56 9.52
CA PHE A 17 2.85 -6.46 10.25
C PHE A 17 1.95 -5.41 9.63
N GLN A 18 2.49 -4.22 9.37
CA GLN A 18 1.72 -3.14 8.78
C GLN A 18 1.24 -3.51 7.39
N LEU A 19 2.14 -4.08 6.58
CA LEU A 19 1.80 -4.49 5.23
C LEU A 19 0.70 -5.54 5.23
N ALA A 20 0.94 -6.65 5.94
CA ALA A 20 -0.03 -7.72 6.03
C ALA A 20 -1.46 -7.18 6.06
N ALA A 21 -1.71 -6.26 6.97
CA ALA A 21 -3.03 -5.65 7.11
C ALA A 21 -3.36 -4.77 5.91
N LEU A 22 -2.40 -3.96 5.50
CA LEU A 22 -2.58 -3.07 4.36
C LEU A 22 -3.04 -3.84 3.13
N GLN A 23 -2.19 -4.76 2.67
CA GLN A 23 -2.51 -5.58 1.50
C GLN A 23 -3.89 -6.22 1.64
N ARG A 24 -4.16 -6.77 2.83
CA ARG A 24 -5.43 -7.41 3.10
C ARG A 24 -6.60 -6.50 2.75
N ARG A 25 -6.43 -5.20 3.02
CA ARG A 25 -7.47 -4.22 2.74
C ARG A 25 -7.46 -3.83 1.26
N PHE A 26 -6.27 -3.52 0.74
CA PHE A 26 -6.12 -3.14 -0.65
C PHE A 26 -6.94 -4.05 -1.56
N GLN A 27 -6.70 -5.36 -1.44
CA GLN A 27 -7.41 -6.33 -2.25
C GLN A 27 -8.92 -6.11 -2.19
N LYS A 28 -9.39 -5.67 -1.03
CA LYS A 28 -10.82 -5.42 -0.83
C LYS A 28 -11.25 -4.15 -1.56
N THR A 29 -10.48 -3.08 -1.37
CA THR A 29 -10.79 -1.80 -2.00
C THR A 29 -9.58 -0.88 -1.99
N GLN A 30 -9.51 0.04 -2.96
CA GLN A 30 -8.41 0.98 -3.04
C GLN A 30 -8.79 2.33 -2.45
N TYR A 31 -10.09 2.64 -2.47
CA TYR A 31 -10.58 3.89 -1.92
C TYR A 31 -11.26 3.67 -0.58
N LEU A 32 -10.50 3.83 0.49
CA LEU A 32 -11.02 3.66 1.85
C LEU A 32 -11.79 4.89 2.29
N ALA A 33 -12.83 4.68 3.10
CA ALA A 33 -13.64 5.77 3.60
C ALA A 33 -12.89 6.58 4.65
N LEU A 34 -13.52 7.65 5.13
CA LEU A 34 -12.91 8.51 6.14
C LEU A 34 -12.48 7.69 7.36
N PRO A 35 -13.45 7.03 8.00
CA PRO A 35 -13.20 6.21 9.19
C PRO A 35 -12.43 4.94 8.86
N GLU A 36 -12.46 4.54 7.60
CA GLU A 36 -11.77 3.34 7.15
C GLU A 36 -10.27 3.58 7.10
N ARG A 37 -9.85 4.61 6.36
CA ARG A 37 -8.45 4.94 6.23
C ARG A 37 -7.79 5.10 7.59
N ALA A 38 -8.46 5.83 8.49
CA ALA A 38 -7.94 6.05 9.83
C ALA A 38 -7.73 4.73 10.57
N GLU A 39 -8.59 3.76 10.29
CA GLU A 39 -8.49 2.45 10.93
C GLU A 39 -7.10 1.85 10.73
N LEU A 40 -6.57 1.97 9.52
CA LEU A 40 -5.25 1.44 9.21
C LEU A 40 -4.16 2.27 9.88
N ALA A 41 -4.43 3.56 10.06
CA ALA A 41 -3.48 4.46 10.69
C ALA A 41 -3.44 4.25 12.21
N ALA A 42 -4.59 3.93 12.77
CA ALA A 42 -4.70 3.71 14.22
C ALA A 42 -4.38 2.26 14.56
N SER A 43 -4.75 1.34 13.67
CA SER A 43 -4.50 -0.08 13.89
C SER A 43 -3.04 -0.43 13.59
N LEU A 44 -2.56 -0.01 12.43
CA LEU A 44 -1.19 -0.27 12.02
C LEU A 44 -0.23 0.72 12.69
N GLY A 45 -0.79 1.73 13.34
CA GLY A 45 0.04 2.73 14.00
C GLY A 45 0.62 3.74 13.03
N LEU A 46 -0.02 3.87 11.87
CA LEU A 46 0.45 4.81 10.85
C LEU A 46 -0.43 6.07 10.83
N THR A 47 -0.10 6.98 9.93
CA THR A 47 -0.85 8.23 9.80
C THR A 47 -1.61 8.28 8.47
N GLN A 48 -2.65 9.10 8.42
CA GLN A 48 -3.46 9.23 7.21
C GLN A 48 -2.59 9.58 6.02
N THR A 49 -1.51 10.32 6.27
CA THR A 49 -0.59 10.72 5.20
C THR A 49 0.25 9.54 4.73
N GLN A 50 0.32 8.50 5.56
CA GLN A 50 1.09 7.31 5.22
C GLN A 50 0.23 6.28 4.50
N VAL A 51 -0.90 5.93 5.12
CA VAL A 51 -1.81 4.96 4.53
C VAL A 51 -2.37 5.45 3.19
N LYS A 52 -2.38 6.77 3.02
CA LYS A 52 -2.87 7.38 1.79
C LYS A 52 -1.92 7.12 0.63
N ILE A 53 -0.66 7.50 0.82
CA ILE A 53 0.35 7.31 -0.22
C ILE A 53 0.52 5.83 -0.55
N TRP A 54 0.45 4.99 0.47
CA TRP A 54 0.60 3.55 0.29
C TRP A 54 -0.44 3.01 -0.69
N PHE A 55 -1.69 3.43 -0.50
CA PHE A 55 -2.78 3.00 -1.37
C PHE A 55 -2.65 3.62 -2.76
N GLN A 56 -2.23 4.87 -2.81
CA GLN A 56 -2.07 5.58 -4.07
C GLN A 56 -1.00 4.91 -4.93
N ASN A 57 0.22 4.85 -4.42
CA ASN A 57 1.33 4.23 -5.14
C ASN A 57 0.98 2.81 -5.55
N LYS A 58 0.60 1.98 -4.58
CA LYS A 58 0.24 0.60 -4.84
C LYS A 58 -0.64 0.49 -6.07
N ARG A 59 -1.73 1.25 -6.10
CA ARG A 59 -2.65 1.24 -7.23
C ARG A 59 -1.88 1.22 -8.55
N SER A 60 -1.01 2.19 -8.73
CA SER A 60 -0.22 2.29 -9.96
C SER A 60 0.33 0.93 -10.36
N LYS A 61 0.66 0.11 -9.36
CA LYS A 61 1.19 -1.22 -9.60
C LYS A 61 0.18 -2.08 -10.37
N ILE A 62 -1.08 -1.96 -10.01
CA ILE A 62 -2.14 -2.72 -10.67
C ILE A 62 -1.85 -2.90 -12.15
N LYS A 63 -1.50 -4.13 -12.54
CA LYS A 63 -1.19 -4.43 -13.92
C LYS A 63 -2.24 -5.36 -14.53
N LYS A 64 -2.37 -5.32 -15.84
CA LYS A 64 -3.35 -6.15 -16.54
C LYS A 64 -2.81 -7.57 -16.74
N SER A 65 -3.70 -8.55 -16.66
CA SER A 65 -3.32 -9.94 -16.82
C SER A 65 -3.58 -10.42 -18.25
N GLY A 66 -2.66 -11.22 -18.78
CA GLY A 66 -2.80 -11.73 -20.13
C GLY A 66 -2.85 -13.24 -20.18
N PRO A 67 -1.89 -13.85 -20.88
CA PRO A 67 -1.80 -15.30 -21.02
C PRO A 67 -1.41 -15.99 -19.72
N SER A 68 -2.40 -16.47 -18.99
CA SER A 68 -2.17 -17.15 -17.72
C SER A 68 -2.17 -18.66 -17.90
N SER A 69 -1.35 -19.35 -17.11
CA SER A 69 -1.26 -20.80 -17.18
C SER A 69 -2.14 -21.46 -16.13
N GLY A 70 -2.27 -22.78 -16.22
CA GLY A 70 -3.08 -23.50 -15.26
C GLY A 70 -2.51 -23.48 -13.86
N GLY A 1 9.42 -7.68 -12.13
CA GLY A 1 10.46 -7.75 -13.14
C GLY A 1 11.71 -8.47 -12.66
N SER A 2 12.21 -9.40 -13.46
CA SER A 2 13.40 -10.16 -13.09
C SER A 2 14.58 -9.22 -12.85
N SER A 3 14.80 -8.87 -11.59
CA SER A 3 15.90 -7.98 -11.21
C SER A 3 16.93 -8.71 -10.37
N GLY A 4 18.21 -8.49 -10.69
CA GLY A 4 19.28 -9.14 -9.95
C GLY A 4 19.17 -8.91 -8.46
N SER A 5 20.01 -9.59 -7.70
CA SER A 5 20.00 -9.47 -6.24
C SER A 5 20.41 -8.06 -5.81
N SER A 6 21.56 -7.61 -6.31
CA SER A 6 22.05 -6.28 -5.98
C SER A 6 21.74 -5.93 -4.53
N GLY A 7 21.89 -6.91 -3.64
CA GLY A 7 21.62 -6.68 -2.24
C GLY A 7 20.15 -6.41 -1.97
N ARG A 8 19.50 -7.33 -1.24
CA ARG A 8 18.09 -7.19 -0.91
C ARG A 8 17.90 -6.84 0.55
N LYS A 9 17.71 -5.56 0.84
CA LYS A 9 17.51 -5.10 2.20
C LYS A 9 16.35 -5.83 2.87
N PRO A 10 16.62 -6.43 4.04
CA PRO A 10 15.60 -7.16 4.80
C PRO A 10 14.54 -6.25 5.39
N ARG A 11 14.66 -4.95 5.12
CA ARG A 11 13.70 -3.97 5.63
C ARG A 11 12.98 -3.28 4.48
N THR A 12 11.67 -3.44 4.43
CA THR A 12 10.86 -2.82 3.39
C THR A 12 10.26 -1.51 3.86
N ILE A 13 9.87 -0.66 2.91
CA ILE A 13 9.29 0.64 3.22
C ILE A 13 8.21 0.50 4.29
N TYR A 14 7.69 -0.72 4.45
CA TYR A 14 6.65 -0.97 5.43
C TYR A 14 6.88 -2.31 6.13
N SER A 15 6.68 -2.33 7.44
CA SER A 15 6.87 -3.55 8.22
C SER A 15 5.90 -4.63 7.78
N SER A 16 6.32 -5.89 7.93
CA SER A 16 5.49 -7.02 7.54
C SER A 16 4.13 -6.96 8.22
N PHE A 17 4.13 -6.57 9.50
CA PHE A 17 2.91 -6.47 10.27
C PHE A 17 2.00 -5.37 9.72
N GLN A 18 2.61 -4.26 9.31
CA GLN A 18 1.87 -3.13 8.78
C GLN A 18 1.39 -3.43 7.37
N LEU A 19 2.17 -4.21 6.63
CA LEU A 19 1.81 -4.57 5.26
C LEU A 19 0.66 -5.57 5.24
N ALA A 20 0.88 -6.73 5.87
CA ALA A 20 -0.14 -7.77 5.93
C ALA A 20 -1.54 -7.17 5.99
N ALA A 21 -1.74 -6.23 6.92
CA ALA A 21 -3.03 -5.57 7.08
C ALA A 21 -3.33 -4.66 5.89
N LEU A 22 -2.38 -3.80 5.56
CA LEU A 22 -2.55 -2.87 4.45
C LEU A 22 -3.00 -3.60 3.18
N GLN A 23 -2.21 -4.59 2.77
CA GLN A 23 -2.53 -5.36 1.58
C GLN A 23 -3.90 -6.02 1.71
N ARG A 24 -4.12 -6.68 2.84
CA ARG A 24 -5.39 -7.35 3.10
C ARG A 24 -6.57 -6.43 2.80
N ARG A 25 -6.44 -5.17 3.20
CA ARG A 25 -7.50 -4.19 2.98
C ARG A 25 -7.46 -3.68 1.54
N PHE A 26 -6.26 -3.46 1.02
CA PHE A 26 -6.10 -2.96 -0.35
C PHE A 26 -6.77 -3.91 -1.35
N GLN A 27 -6.42 -5.18 -1.26
CA GLN A 27 -6.99 -6.19 -2.16
C GLN A 27 -8.51 -6.15 -2.14
N LYS A 28 -9.07 -5.68 -1.02
CA LYS A 28 -10.51 -5.59 -0.87
C LYS A 28 -11.06 -4.34 -1.56
N THR A 29 -10.48 -3.19 -1.23
CA THR A 29 -10.91 -1.93 -1.81
C THR A 29 -9.72 -1.00 -2.05
N GLN A 30 -9.69 -0.39 -3.23
CA GLN A 30 -8.60 0.51 -3.59
C GLN A 30 -8.79 1.87 -2.91
N TYR A 31 -10.04 2.22 -2.65
CA TYR A 31 -10.36 3.50 -2.02
C TYR A 31 -10.83 3.29 -0.58
N LEU A 32 -10.34 4.13 0.32
CA LEU A 32 -10.72 4.04 1.73
C LEU A 32 -11.40 5.32 2.19
N ALA A 33 -12.49 5.17 2.93
CA ALA A 33 -13.23 6.32 3.44
C ALA A 33 -12.49 7.00 4.57
N LEU A 34 -13.10 8.02 5.16
CA LEU A 34 -12.49 8.76 6.26
C LEU A 34 -12.16 7.83 7.42
N PRO A 35 -13.20 7.18 7.96
CA PRO A 35 -13.03 6.25 9.10
C PRO A 35 -12.32 4.97 8.69
N GLU A 36 -12.46 4.59 7.42
CA GLU A 36 -11.83 3.38 6.89
C GLU A 36 -10.32 3.54 6.83
N ARG A 37 -9.87 4.66 6.26
CA ARG A 37 -8.45 4.94 6.13
C ARG A 37 -7.80 5.12 7.50
N ALA A 38 -8.49 5.83 8.38
CA ALA A 38 -7.98 6.07 9.73
C ALA A 38 -7.75 4.76 10.47
N GLU A 39 -8.71 3.84 10.35
CA GLU A 39 -8.61 2.55 11.02
C GLU A 39 -7.21 1.95 10.84
N LEU A 40 -6.73 1.96 9.61
CA LEU A 40 -5.40 1.43 9.30
C LEU A 40 -4.31 2.23 10.01
N ALA A 41 -4.51 3.54 10.10
CA ALA A 41 -3.55 4.42 10.75
C ALA A 41 -3.65 4.31 12.27
N ALA A 42 -4.79 3.84 12.75
CA ALA A 42 -5.02 3.68 14.18
C ALA A 42 -4.65 2.28 14.65
N SER A 43 -4.79 1.30 13.75
CA SER A 43 -4.47 -0.07 14.08
C SER A 43 -3.00 -0.38 13.78
N LEU A 44 -2.58 -0.08 12.57
CA LEU A 44 -1.20 -0.32 12.15
C LEU A 44 -0.24 0.63 12.86
N GLY A 45 -0.78 1.75 13.34
CA GLY A 45 0.03 2.73 14.04
C GLY A 45 0.60 3.78 13.11
N LEU A 46 0.06 3.85 11.90
CA LEU A 46 0.53 4.82 10.91
C LEU A 46 -0.42 6.01 10.84
N THR A 47 -0.08 6.98 9.99
CA THR A 47 -0.90 8.17 9.82
C THR A 47 -1.61 8.17 8.47
N GLN A 48 -2.68 8.94 8.37
CA GLN A 48 -3.45 9.03 7.14
C GLN A 48 -2.55 9.43 5.97
N THR A 49 -1.44 10.09 6.29
CA THR A 49 -0.50 10.53 5.26
C THR A 49 0.33 9.37 4.74
N GLN A 50 0.42 8.31 5.55
CA GLN A 50 1.20 7.14 5.18
C GLN A 50 0.32 6.11 4.47
N VAL A 51 -0.89 5.89 5.00
CA VAL A 51 -1.81 4.94 4.42
C VAL A 51 -2.39 5.46 3.11
N LYS A 52 -2.33 6.77 2.93
CA LYS A 52 -2.85 7.40 1.72
C LYS A 52 -1.90 7.18 0.54
N ILE A 53 -0.61 7.43 0.77
CA ILE A 53 0.40 7.25 -0.27
C ILE A 53 0.56 5.78 -0.63
N TRP A 54 0.54 4.92 0.39
CA TRP A 54 0.68 3.49 0.17
C TRP A 54 -0.38 2.97 -0.78
N PHE A 55 -1.62 3.42 -0.60
CA PHE A 55 -2.73 3.00 -1.45
C PHE A 55 -2.62 3.63 -2.84
N GLN A 56 -2.49 4.96 -2.86
CA GLN A 56 -2.39 5.70 -4.12
C GLN A 56 -1.25 5.14 -4.98
N ASN A 57 -0.06 5.08 -4.40
CA ASN A 57 1.11 4.57 -5.11
C ASN A 57 0.86 3.16 -5.63
N LYS A 58 0.17 2.36 -4.82
CA LYS A 58 -0.14 0.98 -5.20
C LYS A 58 -0.99 0.94 -6.46
N ARG A 59 -2.11 1.65 -6.44
CA ARG A 59 -3.01 1.70 -7.58
C ARG A 59 -2.24 1.98 -8.87
N SER A 60 -1.54 3.11 -8.90
CA SER A 60 -0.76 3.49 -10.07
C SER A 60 -0.05 2.29 -10.67
N LYS A 61 0.54 1.47 -9.80
CA LYS A 61 1.25 0.28 -10.25
C LYS A 61 0.31 -0.72 -10.90
N ILE A 62 -0.83 -0.96 -10.24
CA ILE A 62 -1.83 -1.90 -10.76
C ILE A 62 -2.25 -1.53 -12.17
N LYS A 63 -1.70 -2.23 -13.16
CA LYS A 63 -2.04 -1.98 -14.56
C LYS A 63 -3.48 -1.54 -14.70
N LYS A 64 -3.69 -0.44 -15.41
CA LYS A 64 -5.04 0.09 -15.64
C LYS A 64 -5.67 -0.56 -16.86
N SER A 65 -6.99 -0.42 -16.98
CA SER A 65 -7.73 -0.99 -18.10
C SER A 65 -7.42 -0.24 -19.39
N GLY A 66 -6.84 -0.95 -20.35
CA GLY A 66 -6.49 -0.33 -21.62
C GLY A 66 -5.63 -1.22 -22.49
N PRO A 67 -6.28 -2.15 -23.22
CA PRO A 67 -5.59 -3.08 -24.11
C PRO A 67 -4.98 -2.39 -25.33
N SER A 68 -5.75 -1.47 -25.92
CA SER A 68 -5.29 -0.73 -27.09
C SER A 68 -3.98 0.00 -26.80
N SER A 69 -2.87 -0.60 -27.20
CA SER A 69 -1.56 -0.01 -26.99
C SER A 69 -1.31 1.13 -27.96
N GLY A 70 -1.50 0.86 -29.25
CA GLY A 70 -1.29 1.88 -30.25
C GLY A 70 -0.01 1.66 -31.04
N GLY A 1 24.03 1.67 -17.92
CA GLY A 1 23.80 2.74 -16.97
C GLY A 1 23.74 2.23 -15.54
N SER A 2 22.84 2.79 -14.75
CA SER A 2 22.68 2.38 -13.35
C SER A 2 21.36 1.66 -13.13
N SER A 3 21.25 0.97 -12.00
CA SER A 3 20.04 0.23 -11.67
C SER A 3 19.34 0.83 -10.47
N GLY A 4 20.09 1.02 -9.39
CA GLY A 4 19.53 1.60 -8.19
C GLY A 4 20.53 1.66 -7.04
N SER A 5 20.05 2.00 -5.85
CA SER A 5 20.92 2.09 -4.68
C SER A 5 20.10 2.03 -3.40
N SER A 6 20.78 1.74 -2.29
CA SER A 6 20.11 1.64 -1.00
C SER A 6 20.99 2.22 0.11
N GLY A 7 20.35 2.64 1.20
CA GLY A 7 21.09 3.21 2.31
C GLY A 7 20.45 2.89 3.65
N ARG A 8 19.19 3.27 3.82
CA ARG A 8 18.48 3.02 5.06
C ARG A 8 17.23 2.16 4.81
N LYS A 9 17.32 1.29 3.82
CA LYS A 9 16.21 0.41 3.48
C LYS A 9 16.49 -1.04 3.91
N PRO A 10 16.25 -1.33 5.20
CA PRO A 10 16.47 -2.66 5.76
C PRO A 10 15.47 -3.69 5.23
N ARG A 11 14.36 -3.83 5.94
CA ARG A 11 13.32 -4.78 5.55
C ARG A 11 12.50 -4.24 4.38
N THR A 12 11.69 -3.23 4.64
CA THR A 12 10.86 -2.62 3.62
C THR A 12 10.29 -1.28 4.08
N ILE A 13 9.90 -0.44 3.12
CA ILE A 13 9.35 0.87 3.44
C ILE A 13 8.29 0.77 4.53
N TYR A 14 7.75 -0.43 4.73
CA TYR A 14 6.73 -0.66 5.74
C TYR A 14 6.99 -1.95 6.51
N SER A 15 6.54 -1.99 7.75
CA SER A 15 6.72 -3.17 8.60
C SER A 15 5.82 -4.31 8.14
N SER A 16 6.38 -5.52 8.06
CA SER A 16 5.63 -6.69 7.64
C SER A 16 4.23 -6.69 8.26
N PHE A 17 4.18 -6.50 9.57
CA PHE A 17 2.90 -6.48 10.28
C PHE A 17 1.93 -5.49 9.62
N GLN A 18 2.38 -4.26 9.43
CA GLN A 18 1.55 -3.23 8.82
C GLN A 18 1.16 -3.62 7.39
N LEU A 19 2.16 -3.98 6.60
CA LEU A 19 1.93 -4.37 5.21
C LEU A 19 0.84 -5.44 5.12
N ALA A 20 0.98 -6.49 5.93
CA ALA A 20 0.01 -7.57 5.94
C ALA A 20 -1.42 -7.04 5.81
N ALA A 21 -1.90 -6.38 6.86
CA ALA A 21 -3.24 -5.81 6.86
C ALA A 21 -3.46 -4.92 5.64
N LEU A 22 -2.50 -4.05 5.38
CA LEU A 22 -2.59 -3.13 4.23
C LEU A 22 -2.99 -3.88 2.96
N GLN A 23 -2.12 -4.80 2.54
CA GLN A 23 -2.38 -5.59 1.34
C GLN A 23 -3.78 -6.19 1.36
N ARG A 24 -4.12 -6.83 2.48
CA ARG A 24 -5.43 -7.44 2.64
C ARG A 24 -6.54 -6.42 2.43
N ARG A 25 -6.31 -5.21 2.93
CA ARG A 25 -7.30 -4.14 2.80
C ARG A 25 -7.35 -3.62 1.38
N PHE A 26 -6.19 -3.54 0.73
CA PHE A 26 -6.10 -3.05 -0.64
C PHE A 26 -6.98 -3.88 -1.57
N GLN A 27 -6.72 -5.18 -1.61
CA GLN A 27 -7.50 -6.08 -2.46
C GLN A 27 -8.96 -6.08 -2.07
N LYS A 28 -9.23 -5.96 -0.77
CA LYS A 28 -10.58 -5.94 -0.27
C LYS A 28 -11.32 -4.68 -0.71
N THR A 29 -10.56 -3.62 -0.96
CA THR A 29 -11.14 -2.35 -1.39
C THR A 29 -10.06 -1.42 -1.95
N GLN A 30 -10.37 -0.79 -3.08
CA GLN A 30 -9.43 0.13 -3.72
C GLN A 30 -9.53 1.53 -3.10
N TYR A 31 -10.69 1.83 -2.55
CA TYR A 31 -10.92 3.14 -1.93
C TYR A 31 -11.36 2.99 -0.47
N LEU A 32 -10.82 3.83 0.40
CA LEU A 32 -11.16 3.79 1.82
C LEU A 32 -11.84 5.08 2.24
N ALA A 33 -12.90 4.94 3.03
CA ALA A 33 -13.65 6.10 3.51
C ALA A 33 -12.84 6.88 4.54
N LEU A 34 -13.45 7.94 5.08
CA LEU A 34 -12.78 8.77 6.09
C LEU A 34 -12.30 7.92 7.26
N PRO A 35 -13.26 7.24 7.93
CA PRO A 35 -12.94 6.39 9.09
C PRO A 35 -12.19 5.12 8.68
N GLU A 36 -12.46 4.64 7.47
CA GLU A 36 -11.81 3.43 6.97
C GLU A 36 -10.29 3.63 6.91
N ARG A 37 -9.87 4.73 6.29
CA ARG A 37 -8.44 5.02 6.15
C ARG A 37 -7.80 5.18 7.53
N ALA A 38 -8.47 5.92 8.41
CA ALA A 38 -7.96 6.15 9.76
C ALA A 38 -7.77 4.83 10.51
N GLU A 39 -8.69 3.90 10.29
CA GLU A 39 -8.63 2.60 10.94
C GLU A 39 -7.24 1.97 10.77
N LEU A 40 -6.70 2.06 9.57
CA LEU A 40 -5.38 1.50 9.28
C LEU A 40 -4.28 2.28 10.00
N ALA A 41 -4.45 3.60 10.07
CA ALA A 41 -3.49 4.46 10.74
C ALA A 41 -3.54 4.28 12.25
N ALA A 42 -4.71 3.90 12.75
CA ALA A 42 -4.89 3.69 14.18
C ALA A 42 -4.56 2.26 14.58
N SER A 43 -4.87 1.31 13.70
CA SER A 43 -4.60 -0.09 13.96
C SER A 43 -3.15 -0.44 13.64
N LEU A 44 -2.74 -0.15 12.41
CA LEU A 44 -1.38 -0.43 11.99
C LEU A 44 -0.38 0.49 12.69
N GLY A 45 -0.90 1.56 13.29
CA GLY A 45 -0.05 2.51 13.98
C GLY A 45 0.58 3.53 13.05
N LEU A 46 0.02 3.64 11.84
CA LEU A 46 0.53 4.58 10.85
C LEU A 46 -0.31 5.85 10.83
N THR A 47 0.05 6.78 9.95
CA THR A 47 -0.67 8.04 9.82
C THR A 47 -1.39 8.13 8.48
N GLN A 48 -2.46 8.93 8.45
CA GLN A 48 -3.23 9.10 7.22
C GLN A 48 -2.33 9.46 6.05
N THR A 49 -1.32 10.29 6.31
CA THR A 49 -0.38 10.71 5.29
C THR A 49 0.44 9.54 4.77
N GLN A 50 0.52 8.48 5.58
CA GLN A 50 1.28 7.29 5.21
C GLN A 50 0.39 6.28 4.49
N VAL A 51 -0.74 5.96 5.11
CA VAL A 51 -1.67 5.00 4.53
C VAL A 51 -2.27 5.52 3.23
N LYS A 52 -2.25 6.85 3.06
CA LYS A 52 -2.78 7.48 1.87
C LYS A 52 -1.87 7.24 0.67
N ILE A 53 -0.59 7.55 0.84
CA ILE A 53 0.39 7.37 -0.23
C ILE A 53 0.55 5.90 -0.58
N TRP A 54 0.53 5.04 0.43
CA TRP A 54 0.67 3.61 0.23
C TRP A 54 -0.42 3.09 -0.72
N PHE A 55 -1.64 3.52 -0.48
CA PHE A 55 -2.77 3.10 -1.31
C PHE A 55 -2.69 3.73 -2.70
N GLN A 56 -2.26 4.99 -2.74
CA GLN A 56 -2.15 5.71 -4.01
C GLN A 56 -1.19 5.00 -4.95
N ASN A 57 0.04 4.77 -4.48
CA ASN A 57 1.05 4.09 -5.29
C ASN A 57 0.55 2.73 -5.75
N LYS A 58 0.08 1.92 -4.82
CA LYS A 58 -0.43 0.59 -5.13
C LYS A 58 -1.35 0.64 -6.34
N ARG A 59 -2.33 1.55 -6.30
CA ARG A 59 -3.27 1.69 -7.39
C ARG A 59 -2.56 2.03 -8.70
N SER A 60 -1.38 2.62 -8.58
CA SER A 60 -0.60 3.00 -9.76
C SER A 60 0.31 1.86 -10.20
N LYS A 61 0.56 0.92 -9.28
CA LYS A 61 1.40 -0.23 -9.57
C LYS A 61 0.60 -1.53 -9.53
N ILE A 62 -0.63 -1.47 -10.03
CA ILE A 62 -1.50 -2.63 -10.05
C ILE A 62 -1.07 -3.63 -11.12
N LYS A 63 -0.51 -4.76 -10.70
CA LYS A 63 -0.06 -5.78 -11.62
C LYS A 63 -0.97 -5.85 -12.84
N LYS A 64 -0.51 -5.30 -13.96
CA LYS A 64 -1.28 -5.31 -15.20
C LYS A 64 -1.32 -6.71 -15.80
N SER A 65 -2.30 -6.94 -16.67
CA SER A 65 -2.46 -8.24 -17.32
C SER A 65 -2.13 -8.15 -18.80
N GLY A 66 -1.37 -9.13 -19.28
CA GLY A 66 -1.00 -9.14 -20.69
C GLY A 66 -0.38 -10.45 -21.11
N PRO A 67 0.93 -10.44 -21.36
CA PRO A 67 1.67 -11.63 -21.78
C PRO A 67 1.80 -12.66 -20.66
N SER A 68 1.22 -12.35 -19.51
CA SER A 68 1.27 -13.24 -18.36
C SER A 68 1.21 -14.70 -18.80
N SER A 69 2.25 -15.46 -18.47
CA SER A 69 2.32 -16.87 -18.84
C SER A 69 1.87 -17.75 -17.67
N GLY A 70 1.35 -18.93 -17.99
CA GLY A 70 0.90 -19.85 -16.97
C GLY A 70 -0.05 -20.90 -17.51
N GLY A 1 12.79 1.90 -17.24
CA GLY A 1 13.65 1.07 -16.41
C GLY A 1 12.97 0.71 -15.09
N SER A 2 12.12 -0.32 -15.13
CA SER A 2 11.42 -0.76 -13.93
C SER A 2 12.08 -1.99 -13.33
N SER A 3 13.42 -1.97 -13.29
CA SER A 3 14.17 -3.08 -12.73
C SER A 3 13.66 -3.47 -11.35
N GLY A 4 12.96 -4.59 -11.27
CA GLY A 4 12.42 -5.05 -10.01
C GLY A 4 13.25 -6.15 -9.39
N SER A 5 12.63 -6.95 -8.51
CA SER A 5 13.33 -8.04 -7.85
C SER A 5 14.76 -7.64 -7.51
N SER A 6 14.93 -6.41 -7.04
CA SER A 6 16.26 -5.91 -6.69
C SER A 6 16.34 -5.59 -5.19
N GLY A 7 15.46 -4.70 -4.74
CA GLY A 7 15.44 -4.33 -3.33
C GLY A 7 15.59 -5.54 -2.41
N ARG A 8 14.46 -6.13 -2.03
CA ARG A 8 14.47 -7.29 -1.15
C ARG A 8 15.13 -6.95 0.19
N LYS A 9 14.85 -5.75 0.69
CA LYS A 9 15.40 -5.30 1.95
C LYS A 9 14.44 -5.58 3.11
N PRO A 10 15.00 -5.94 4.27
CA PRO A 10 14.20 -6.25 5.47
C PRO A 10 13.55 -5.00 6.06
N ARG A 11 14.13 -3.85 5.78
CA ARG A 11 13.60 -2.58 6.29
C ARG A 11 12.72 -1.91 5.25
N THR A 12 11.87 -2.70 4.61
CA THR A 12 10.96 -2.18 3.58
C THR A 12 10.27 -0.92 4.05
N ILE A 13 9.85 -0.08 3.11
CA ILE A 13 9.17 1.16 3.44
C ILE A 13 8.08 0.93 4.48
N TYR A 14 7.64 -0.31 4.60
CA TYR A 14 6.60 -0.65 5.56
C TYR A 14 6.91 -1.99 6.24
N SER A 15 6.62 -2.07 7.53
CA SER A 15 6.86 -3.29 8.29
C SER A 15 5.99 -4.43 7.79
N SER A 16 6.52 -5.65 7.83
CA SER A 16 5.80 -6.82 7.37
C SER A 16 4.41 -6.88 7.99
N PHE A 17 4.35 -6.72 9.31
CA PHE A 17 3.08 -6.75 10.03
C PHE A 17 2.12 -5.70 9.47
N GLN A 18 2.61 -4.48 9.32
CA GLN A 18 1.79 -3.38 8.80
C GLN A 18 1.31 -3.69 7.38
N LEU A 19 2.21 -4.21 6.56
CA LEU A 19 1.88 -4.56 5.18
C LEU A 19 0.81 -5.64 5.13
N ALA A 20 1.08 -6.76 5.78
CA ALA A 20 0.14 -7.88 5.81
C ALA A 20 -1.30 -7.38 5.84
N ALA A 21 -1.59 -6.49 6.78
CA ALA A 21 -2.94 -5.93 6.91
C ALA A 21 -3.23 -4.94 5.78
N LEU A 22 -2.32 -4.00 5.56
CA LEU A 22 -2.49 -3.01 4.51
C LEU A 22 -2.94 -3.66 3.21
N GLN A 23 -2.14 -4.58 2.70
CA GLN A 23 -2.45 -5.28 1.46
C GLN A 23 -3.79 -6.00 1.57
N ARG A 24 -3.97 -6.72 2.68
CA ARG A 24 -5.21 -7.46 2.91
C ARG A 24 -6.43 -6.56 2.74
N ARG A 25 -6.28 -5.30 3.14
CA ARG A 25 -7.38 -4.34 3.04
C ARG A 25 -7.59 -3.91 1.59
N PHE A 26 -6.49 -3.56 0.92
CA PHE A 26 -6.56 -3.13 -0.48
C PHE A 26 -7.31 -4.14 -1.33
N GLN A 27 -7.02 -5.42 -1.11
CA GLN A 27 -7.66 -6.49 -1.86
C GLN A 27 -9.18 -6.33 -1.85
N LYS A 28 -9.72 -6.00 -0.68
CA LYS A 28 -11.17 -5.80 -0.54
C LYS A 28 -11.64 -4.63 -1.40
N THR A 29 -10.94 -3.51 -1.31
CA THR A 29 -11.29 -2.32 -2.07
C THR A 29 -10.06 -1.48 -2.37
N GLN A 30 -10.04 -0.85 -3.55
CA GLN A 30 -8.92 -0.01 -3.95
C GLN A 30 -8.93 1.31 -3.20
N TYR A 31 -10.13 1.78 -2.84
CA TYR A 31 -10.27 3.03 -2.11
C TYR A 31 -10.74 2.78 -0.69
N LEU A 32 -10.47 3.74 0.19
CA LEU A 32 -10.86 3.63 1.59
C LEU A 32 -11.60 4.88 2.05
N ALA A 33 -12.74 4.68 2.71
CA ALA A 33 -13.54 5.78 3.21
C ALA A 33 -12.78 6.58 4.27
N LEU A 34 -13.41 7.64 4.77
CA LEU A 34 -12.79 8.49 5.79
C LEU A 34 -12.43 7.67 7.02
N PRO A 35 -13.45 7.06 7.65
CA PRO A 35 -13.26 6.24 8.84
C PRO A 35 -12.52 4.94 8.54
N GLU A 36 -12.39 4.62 7.26
CA GLU A 36 -11.72 3.40 6.85
C GLU A 36 -10.20 3.60 6.82
N ARG A 37 -9.77 4.70 6.23
CA ARG A 37 -8.35 5.01 6.14
C ARG A 37 -7.74 5.18 7.52
N ALA A 38 -8.38 6.00 8.35
CA ALA A 38 -7.91 6.25 9.70
C ALA A 38 -7.77 4.95 10.49
N GLU A 39 -8.61 3.98 10.17
CA GLU A 39 -8.59 2.69 10.85
C GLU A 39 -7.20 2.07 10.77
N LEU A 40 -6.64 2.03 9.57
CA LEU A 40 -5.31 1.46 9.36
C LEU A 40 -4.25 2.28 10.08
N ALA A 41 -4.43 3.60 10.10
CA ALA A 41 -3.49 4.49 10.76
C ALA A 41 -3.61 4.39 12.27
N ALA A 42 -4.81 4.08 12.75
CA ALA A 42 -5.05 3.94 14.18
C ALA A 42 -4.81 2.52 14.65
N SER A 43 -4.95 1.57 13.73
CA SER A 43 -4.75 0.16 14.05
C SER A 43 -3.29 -0.24 13.88
N LEU A 44 -2.77 -0.04 12.68
CA LEU A 44 -1.38 -0.38 12.38
C LEU A 44 -0.43 0.57 13.08
N GLY A 45 -0.94 1.73 13.47
CA GLY A 45 -0.11 2.72 14.16
C GLY A 45 0.52 3.71 13.20
N LEU A 46 -0.06 3.82 11.99
CA LEU A 46 0.45 4.73 10.99
C LEU A 46 -0.40 5.99 10.91
N THR A 47 0.02 6.93 10.06
CA THR A 47 -0.71 8.19 9.89
C THR A 47 -1.46 8.21 8.57
N GLN A 48 -2.52 9.02 8.52
CA GLN A 48 -3.33 9.14 7.31
C GLN A 48 -2.46 9.48 6.10
N THR A 49 -1.33 10.14 6.37
CA THR A 49 -0.41 10.53 5.30
C THR A 49 0.40 9.34 4.81
N GLN A 50 0.48 8.30 5.62
CA GLN A 50 1.22 7.10 5.28
C GLN A 50 0.34 6.12 4.50
N VAL A 51 -0.81 5.79 5.07
CA VAL A 51 -1.74 4.87 4.44
C VAL A 51 -2.21 5.39 3.09
N LYS A 52 -2.22 6.72 2.96
CA LYS A 52 -2.65 7.36 1.71
C LYS A 52 -1.63 7.12 0.60
N ILE A 53 -0.40 7.60 0.82
CA ILE A 53 0.65 7.44 -0.17
C ILE A 53 0.82 5.98 -0.56
N TRP A 54 0.51 5.08 0.37
CA TRP A 54 0.63 3.65 0.12
C TRP A 54 -0.42 3.18 -0.89
N PHE A 55 -1.68 3.51 -0.62
CA PHE A 55 -2.78 3.12 -1.50
C PHE A 55 -2.66 3.83 -2.84
N GLN A 56 -2.22 5.08 -2.81
CA GLN A 56 -2.07 5.88 -4.02
C GLN A 56 -0.95 5.32 -4.90
N ASN A 57 0.24 5.22 -4.32
CA ASN A 57 1.41 4.71 -5.05
C ASN A 57 1.09 3.36 -5.69
N LYS A 58 0.51 2.47 -4.90
CA LYS A 58 0.15 1.13 -5.39
C LYS A 58 -0.71 1.23 -6.65
N ARG A 59 -1.81 1.97 -6.55
CA ARG A 59 -2.72 2.13 -7.68
C ARG A 59 -1.98 2.65 -8.90
N SER A 60 -0.80 3.21 -8.68
CA SER A 60 0.02 3.74 -9.76
C SER A 60 0.91 2.66 -10.36
N LYS A 61 1.33 1.72 -9.52
CA LYS A 61 2.19 0.62 -9.96
C LYS A 61 1.35 -0.52 -10.53
N ILE A 62 0.08 -0.56 -10.16
CA ILE A 62 -0.83 -1.60 -10.63
C ILE A 62 -0.77 -1.73 -12.15
N LYS A 63 -0.12 -2.79 -12.63
CA LYS A 63 0.00 -3.02 -14.06
C LYS A 63 -1.36 -3.36 -14.67
N LYS A 64 -1.86 -2.45 -15.50
CA LYS A 64 -3.15 -2.65 -16.15
C LYS A 64 -3.11 -3.86 -17.09
N SER A 65 -4.21 -4.60 -17.14
CA SER A 65 -4.30 -5.78 -17.99
C SER A 65 -4.42 -5.39 -19.45
N GLY A 66 -3.53 -5.93 -20.28
CA GLY A 66 -3.56 -5.62 -21.70
C GLY A 66 -2.18 -5.74 -22.34
N PRO A 67 -1.43 -4.62 -22.35
CA PRO A 67 -0.09 -4.58 -22.92
C PRO A 67 0.93 -5.38 -22.11
N SER A 68 1.43 -6.46 -22.70
CA SER A 68 2.40 -7.31 -22.03
C SER A 68 3.59 -6.49 -21.54
N SER A 69 4.43 -7.11 -20.72
CA SER A 69 5.60 -6.44 -20.16
C SER A 69 6.80 -6.58 -21.11
N GLY A 70 7.86 -5.84 -20.82
CA GLY A 70 9.05 -5.91 -21.64
C GLY A 70 10.30 -6.23 -20.85
N GLY A 1 0.97 -11.76 -19.27
CA GLY A 1 2.18 -11.08 -18.87
C GLY A 1 3.36 -12.02 -18.70
N SER A 2 4.55 -11.45 -18.58
CA SER A 2 5.76 -12.25 -18.43
C SER A 2 6.32 -12.12 -17.01
N SER A 3 5.42 -12.13 -16.02
CA SER A 3 5.81 -12.01 -14.63
C SER A 3 5.85 -13.37 -13.94
N GLY A 4 6.67 -13.49 -12.91
CA GLY A 4 6.78 -14.74 -12.19
C GLY A 4 7.73 -14.65 -11.01
N SER A 5 8.98 -14.27 -11.27
CA SER A 5 9.97 -14.15 -10.22
C SER A 5 9.72 -12.91 -9.37
N SER A 6 10.32 -12.90 -8.18
CA SER A 6 10.15 -11.78 -7.26
C SER A 6 11.35 -11.66 -6.32
N GLY A 7 11.59 -10.44 -5.83
CA GLY A 7 12.71 -10.22 -4.93
C GLY A 7 12.26 -10.02 -3.49
N ARG A 8 12.97 -10.66 -2.56
CA ARG A 8 12.65 -10.54 -1.15
C ARG A 8 13.64 -9.65 -0.42
N LYS A 9 13.13 -8.74 0.39
CA LYS A 9 13.96 -7.81 1.15
C LYS A 9 13.50 -7.71 2.59
N PRO A 10 14.45 -7.75 3.53
CA PRO A 10 14.17 -7.66 4.97
C PRO A 10 13.70 -6.27 5.37
N ARG A 11 14.34 -5.25 4.82
CA ARG A 11 13.98 -3.86 5.13
C ARG A 11 13.13 -3.27 4.02
N THR A 12 11.83 -3.17 4.27
CA THR A 12 10.89 -2.62 3.29
C THR A 12 10.27 -1.33 3.80
N ILE A 13 9.83 -0.48 2.87
CA ILE A 13 9.22 0.79 3.23
C ILE A 13 8.20 0.61 4.35
N TYR A 14 7.73 -0.62 4.52
CA TYR A 14 6.75 -0.93 5.56
C TYR A 14 7.05 -2.27 6.21
N SER A 15 6.66 -2.42 7.47
CA SER A 15 6.90 -3.66 8.20
C SER A 15 5.90 -4.73 7.79
N SER A 16 6.27 -5.98 8.00
CA SER A 16 5.40 -7.11 7.64
C SER A 16 4.06 -7.00 8.33
N PHE A 17 4.07 -6.50 9.57
CA PHE A 17 2.85 -6.35 10.34
C PHE A 17 1.92 -5.31 9.71
N GLN A 18 2.47 -4.14 9.40
CA GLN A 18 1.70 -3.07 8.79
C GLN A 18 1.25 -3.45 7.39
N LEU A 19 2.12 -4.14 6.66
CA LEU A 19 1.82 -4.56 5.30
C LEU A 19 0.73 -5.64 5.30
N ALA A 20 0.99 -6.74 6.01
CA ALA A 20 0.04 -7.83 6.09
C ALA A 20 -1.40 -7.30 6.13
N ALA A 21 -1.60 -6.20 6.83
CA ALA A 21 -2.92 -5.58 6.93
C ALA A 21 -3.21 -4.69 5.74
N LEU A 22 -2.22 -3.92 5.33
CA LEU A 22 -2.36 -3.00 4.19
C LEU A 22 -2.72 -3.77 2.92
N GLN A 23 -1.87 -4.74 2.57
CA GLN A 23 -2.09 -5.54 1.37
C GLN A 23 -3.42 -6.30 1.46
N ARG A 24 -3.81 -6.63 2.68
CA ARG A 24 -5.06 -7.36 2.90
C ARG A 24 -6.26 -6.48 2.60
N ARG A 25 -6.16 -5.20 2.95
CA ARG A 25 -7.24 -4.25 2.71
C ARG A 25 -7.24 -3.78 1.26
N PHE A 26 -6.05 -3.57 0.71
CA PHE A 26 -5.92 -3.13 -0.67
C PHE A 26 -6.84 -3.91 -1.59
N GLN A 27 -6.69 -5.23 -1.59
CA GLN A 27 -7.52 -6.09 -2.43
C GLN A 27 -9.00 -5.85 -2.17
N LYS A 28 -9.35 -5.67 -0.91
CA LYS A 28 -10.73 -5.43 -0.52
C LYS A 28 -11.26 -4.15 -1.18
N THR A 29 -10.48 -3.08 -1.12
CA THR A 29 -10.88 -1.82 -1.71
C THR A 29 -9.67 -0.89 -1.88
N GLN A 30 -9.47 -0.39 -3.08
CA GLN A 30 -8.37 0.51 -3.38
C GLN A 30 -8.58 1.87 -2.73
N TYR A 31 -9.84 2.25 -2.57
CA TYR A 31 -10.19 3.53 -1.98
C TYR A 31 -10.80 3.34 -0.60
N LEU A 32 -10.29 4.07 0.39
CA LEU A 32 -10.79 3.98 1.74
C LEU A 32 -11.51 5.27 2.15
N ALA A 33 -12.62 5.12 2.86
CA ALA A 33 -13.40 6.27 3.31
C ALA A 33 -12.67 7.04 4.40
N LEU A 34 -13.30 8.09 4.91
CA LEU A 34 -12.71 8.91 5.96
C LEU A 34 -12.35 8.05 7.17
N PRO A 35 -13.37 7.41 7.77
CA PRO A 35 -13.19 6.55 8.94
C PRO A 35 -12.44 5.26 8.60
N GLU A 36 -12.56 4.83 7.35
CA GLU A 36 -11.90 3.60 6.91
C GLU A 36 -10.38 3.78 6.93
N ARG A 37 -9.92 4.97 6.57
CA ARG A 37 -8.49 5.27 6.54
C ARG A 37 -7.92 5.32 7.95
N ALA A 38 -8.50 6.19 8.78
CA ALA A 38 -8.04 6.34 10.16
C ALA A 38 -7.91 4.99 10.84
N GLU A 39 -8.71 4.03 10.40
CA GLU A 39 -8.67 2.68 10.98
C GLU A 39 -7.28 2.07 10.83
N LEU A 40 -6.81 1.97 9.60
CA LEU A 40 -5.50 1.40 9.32
C LEU A 40 -4.40 2.19 10.02
N ALA A 41 -4.54 3.52 10.02
CA ALA A 41 -3.56 4.38 10.66
C ALA A 41 -3.58 4.21 12.18
N ALA A 42 -4.71 3.72 12.69
CA ALA A 42 -4.85 3.52 14.13
C ALA A 42 -4.32 2.15 14.54
N SER A 43 -4.66 1.12 13.77
CA SER A 43 -4.21 -0.23 14.06
C SER A 43 -2.74 -0.41 13.70
N LEU A 44 -2.42 -0.14 12.44
CA LEU A 44 -1.04 -0.27 11.96
C LEU A 44 -0.13 0.74 12.65
N GLY A 45 -0.74 1.74 13.29
CA GLY A 45 0.03 2.75 13.96
C GLY A 45 0.60 3.79 13.01
N LEU A 46 -0.01 3.90 11.84
CA LEU A 46 0.45 4.86 10.82
C LEU A 46 -0.46 6.08 10.80
N THR A 47 -0.11 7.05 9.97
CA THR A 47 -0.89 8.28 9.84
C THR A 47 -1.71 8.28 8.56
N GLN A 48 -2.74 9.11 8.52
CA GLN A 48 -3.62 9.21 7.35
C GLN A 48 -2.82 9.59 6.11
N THR A 49 -1.61 10.11 6.33
CA THR A 49 -0.74 10.51 5.22
C THR A 49 0.14 9.37 4.76
N GLN A 50 0.18 8.30 5.56
CA GLN A 50 0.99 7.13 5.23
C GLN A 50 0.15 6.07 4.50
N VAL A 51 -1.05 5.83 5.00
CA VAL A 51 -1.95 4.85 4.41
C VAL A 51 -2.49 5.36 3.07
N LYS A 52 -2.46 6.66 2.88
CA LYS A 52 -2.96 7.28 1.66
C LYS A 52 -1.98 7.06 0.51
N ILE A 53 -0.71 7.34 0.76
CA ILE A 53 0.32 7.18 -0.25
C ILE A 53 0.53 5.70 -0.59
N TRP A 54 0.40 4.85 0.41
CA TRP A 54 0.58 3.41 0.22
C TRP A 54 -0.47 2.87 -0.74
N PHE A 55 -1.73 3.23 -0.51
CA PHE A 55 -2.83 2.76 -1.35
C PHE A 55 -2.74 3.39 -2.74
N GLN A 56 -2.35 4.67 -2.78
CA GLN A 56 -2.23 5.39 -4.04
C GLN A 56 -1.08 4.84 -4.88
N ASN A 57 0.13 4.95 -4.35
CA ASN A 57 1.32 4.47 -5.04
C ASN A 57 1.16 3.02 -5.45
N LYS A 58 0.30 2.30 -4.74
CA LYS A 58 0.05 0.89 -5.02
C LYS A 58 -0.83 0.74 -6.27
N ARG A 59 -1.92 1.50 -6.31
CA ARG A 59 -2.84 1.45 -7.45
C ARG A 59 -2.07 1.39 -8.76
N SER A 60 -1.05 2.22 -8.89
CA SER A 60 -0.24 2.27 -10.10
C SER A 60 0.43 0.92 -10.34
N LYS A 61 0.93 0.30 -9.27
CA LYS A 61 1.60 -0.99 -9.38
C LYS A 61 0.67 -2.04 -9.96
N ILE A 62 -0.60 -1.99 -9.56
CA ILE A 62 -1.59 -2.94 -10.05
C ILE A 62 -1.38 -3.25 -11.52
N LYS A 63 -0.70 -4.37 -11.80
CA LYS A 63 -0.43 -4.77 -13.17
C LYS A 63 -1.72 -4.86 -13.97
N LYS A 64 -2.04 -3.79 -14.70
CA LYS A 64 -3.25 -3.76 -15.53
C LYS A 64 -3.03 -4.49 -16.84
N SER A 65 -4.08 -5.17 -17.31
CA SER A 65 -4.00 -5.91 -18.56
C SER A 65 -4.38 -5.02 -19.75
N GLY A 66 -3.38 -4.65 -20.54
CA GLY A 66 -3.62 -3.81 -21.70
C GLY A 66 -2.35 -3.21 -22.27
N PRO A 67 -1.80 -2.21 -21.58
CA PRO A 67 -0.56 -1.54 -22.00
C PRO A 67 0.67 -2.43 -21.85
N SER A 68 1.67 -2.20 -22.69
CA SER A 68 2.89 -2.97 -22.65
C SER A 68 3.86 -2.42 -21.62
N SER A 69 4.03 -1.10 -21.62
CA SER A 69 4.93 -0.44 -20.69
C SER A 69 4.22 -0.13 -19.37
N GLY A 70 3.10 0.56 -19.46
CA GLY A 70 2.34 0.90 -18.27
C GLY A 70 2.18 -0.26 -17.32
N GLY A 1 12.57 13.40 -15.87
CA GLY A 1 13.96 13.57 -15.48
C GLY A 1 14.21 13.16 -14.04
N SER A 2 14.69 11.93 -13.86
CA SER A 2 14.97 11.42 -12.52
C SER A 2 15.73 10.10 -12.60
N SER A 3 16.78 9.98 -11.80
CA SER A 3 17.58 8.76 -11.79
C SER A 3 18.17 8.52 -10.40
N GLY A 4 18.31 7.25 -10.04
CA GLY A 4 18.86 6.90 -8.74
C GLY A 4 18.44 5.52 -8.28
N SER A 5 19.03 5.05 -7.18
CA SER A 5 18.72 3.74 -6.65
C SER A 5 18.54 3.79 -5.14
N SER A 6 17.40 3.28 -4.66
CA SER A 6 17.11 3.27 -3.23
C SER A 6 16.38 1.99 -2.84
N GLY A 7 17.02 1.19 -1.99
CA GLY A 7 16.42 -0.06 -1.55
C GLY A 7 17.42 -1.19 -1.46
N ARG A 8 18.51 -0.95 -0.72
CA ARG A 8 19.56 -1.96 -0.56
C ARG A 8 19.24 -2.88 0.61
N LYS A 9 19.00 -2.28 1.79
CA LYS A 9 18.70 -3.05 2.99
C LYS A 9 17.48 -3.94 2.76
N PRO A 10 17.42 -5.07 3.49
CA PRO A 10 16.33 -6.03 3.38
C PRO A 10 15.02 -5.48 3.96
N ARG A 11 15.10 -4.29 4.54
CA ARG A 11 13.92 -3.65 5.13
C ARG A 11 13.08 -2.97 4.06
N THR A 12 11.76 -3.03 4.23
CA THR A 12 10.84 -2.41 3.28
C THR A 12 10.23 -1.13 3.85
N ILE A 13 9.80 -0.25 2.95
CA ILE A 13 9.19 1.00 3.37
C ILE A 13 8.13 0.78 4.44
N TYR A 14 7.65 -0.46 4.54
CA TYR A 14 6.63 -0.80 5.52
C TYR A 14 6.91 -2.17 6.13
N SER A 15 6.69 -2.29 7.44
CA SER A 15 6.92 -3.54 8.15
C SER A 15 5.93 -4.61 7.69
N SER A 16 6.34 -5.87 7.80
CA SER A 16 5.49 -6.98 7.40
C SER A 16 4.14 -6.91 8.10
N PHE A 17 4.15 -6.53 9.38
CA PHE A 17 2.93 -6.43 10.16
C PHE A 17 1.99 -5.38 9.56
N GLN A 18 2.55 -4.20 9.28
CA GLN A 18 1.77 -3.11 8.71
C GLN A 18 1.29 -3.45 7.31
N LEU A 19 2.14 -4.15 6.56
CA LEU A 19 1.80 -4.55 5.20
C LEU A 19 0.69 -5.59 5.19
N ALA A 20 0.97 -6.74 5.81
CA ALA A 20 0.00 -7.82 5.88
C ALA A 20 -1.42 -7.28 5.99
N ALA A 21 -1.60 -6.26 6.82
CA ALA A 21 -2.91 -5.66 7.00
C ALA A 21 -3.26 -4.73 5.84
N LEU A 22 -2.33 -3.86 5.49
CA LEU A 22 -2.54 -2.92 4.39
C LEU A 22 -3.04 -3.64 3.14
N GLN A 23 -2.26 -4.60 2.66
CA GLN A 23 -2.63 -5.36 1.48
C GLN A 23 -3.98 -6.03 1.66
N ARG A 24 -4.21 -6.58 2.84
CA ARG A 24 -5.46 -7.26 3.15
C ARG A 24 -6.65 -6.37 2.78
N ARG A 25 -6.63 -5.13 3.23
CA ARG A 25 -7.69 -4.18 2.94
C ARG A 25 -7.64 -3.71 1.50
N PHE A 26 -6.43 -3.46 1.00
CA PHE A 26 -6.24 -3.00 -0.37
C PHE A 26 -6.92 -3.95 -1.35
N GLN A 27 -6.53 -5.22 -1.31
CA GLN A 27 -7.10 -6.21 -2.21
C GLN A 27 -8.62 -6.10 -2.24
N LYS A 28 -9.23 -6.03 -1.07
CA LYS A 28 -10.68 -5.92 -0.96
C LYS A 28 -11.19 -4.68 -1.68
N THR A 29 -10.55 -3.54 -1.41
CA THR A 29 -10.93 -2.28 -2.03
C THR A 29 -9.76 -1.32 -2.10
N GLN A 30 -9.62 -0.65 -3.23
CA GLN A 30 -8.53 0.31 -3.43
C GLN A 30 -8.87 1.66 -2.81
N TYR A 31 -10.15 1.86 -2.52
CA TYR A 31 -10.61 3.11 -1.93
C TYR A 31 -11.15 2.89 -0.52
N LEU A 32 -10.73 3.73 0.41
CA LEU A 32 -11.18 3.62 1.80
C LEU A 32 -11.93 4.88 2.23
N ALA A 33 -12.97 4.69 3.03
CA ALA A 33 -13.78 5.81 3.52
C ALA A 33 -12.98 6.65 4.51
N LEU A 34 -13.64 7.65 5.10
CA LEU A 34 -13.00 8.52 6.07
C LEU A 34 -12.50 7.74 7.27
N PRO A 35 -13.43 7.07 7.97
CA PRO A 35 -13.11 6.26 9.15
C PRO A 35 -12.34 5.00 8.80
N GLU A 36 -12.54 4.51 7.59
CA GLU A 36 -11.87 3.30 7.12
C GLU A 36 -10.35 3.53 7.02
N ARG A 37 -9.97 4.64 6.40
CA ARG A 37 -8.57 4.99 6.24
C ARG A 37 -7.88 5.18 7.59
N ALA A 38 -8.54 5.93 8.47
CA ALA A 38 -8.00 6.19 9.81
C ALA A 38 -7.81 4.88 10.58
N GLU A 39 -8.67 3.90 10.30
CA GLU A 39 -8.59 2.61 10.98
C GLU A 39 -7.21 2.00 10.82
N LEU A 40 -6.70 2.01 9.60
CA LEU A 40 -5.38 1.45 9.31
C LEU A 40 -4.28 2.27 10.00
N ALA A 41 -4.48 3.58 10.05
CA ALA A 41 -3.51 4.47 10.68
C ALA A 41 -3.49 4.27 12.19
N ALA A 42 -4.66 4.03 12.77
CA ALA A 42 -4.78 3.83 14.21
C ALA A 42 -4.51 2.38 14.58
N SER A 43 -4.76 1.48 13.64
CA SER A 43 -4.56 0.05 13.87
C SER A 43 -3.09 -0.33 13.64
N LEU A 44 -2.60 -0.05 12.44
CA LEU A 44 -1.21 -0.36 12.10
C LEU A 44 -0.25 0.61 12.77
N GLY A 45 -0.81 1.66 13.38
CA GLY A 45 0.01 2.64 14.06
C GLY A 45 0.64 3.63 13.09
N LEU A 46 -0.02 3.85 11.96
CA LEU A 46 0.48 4.79 10.95
C LEU A 46 -0.39 6.04 10.89
N THR A 47 0.01 6.98 10.05
CA THR A 47 -0.74 8.22 9.89
C THR A 47 -1.50 8.26 8.57
N GLN A 48 -2.54 9.08 8.52
CA GLN A 48 -3.35 9.19 7.31
C GLN A 48 -2.49 9.53 6.10
N THR A 49 -1.42 10.29 6.33
CA THR A 49 -0.52 10.67 5.26
C THR A 49 0.34 9.49 4.80
N GLN A 50 0.34 8.43 5.60
CA GLN A 50 1.11 7.24 5.28
C GLN A 50 0.25 6.21 4.55
N VAL A 51 -0.91 5.91 5.11
CA VAL A 51 -1.82 4.95 4.51
C VAL A 51 -2.38 5.46 3.20
N LYS A 52 -2.35 6.78 3.02
CA LYS A 52 -2.86 7.40 1.80
C LYS A 52 -1.90 7.17 0.63
N ILE A 53 -0.63 7.53 0.83
CA ILE A 53 0.38 7.36 -0.21
C ILE A 53 0.54 5.89 -0.57
N TRP A 54 0.46 5.02 0.43
CA TRP A 54 0.59 3.58 0.21
C TRP A 54 -0.48 3.08 -0.76
N PHE A 55 -1.72 3.47 -0.51
CA PHE A 55 -2.84 3.06 -1.36
C PHE A 55 -2.75 3.71 -2.73
N GLN A 56 -2.03 4.83 -2.81
CA GLN A 56 -1.87 5.55 -4.06
C GLN A 56 -0.81 4.89 -4.93
N ASN A 57 0.40 4.75 -4.39
CA ASN A 57 1.51 4.14 -5.12
C ASN A 57 1.15 2.71 -5.54
N LYS A 58 0.30 2.07 -4.75
CA LYS A 58 -0.12 0.70 -5.04
C LYS A 58 -1.03 0.66 -6.27
N ARG A 59 -1.97 1.59 -6.33
CA ARG A 59 -2.91 1.66 -7.45
C ARG A 59 -2.16 1.76 -8.78
N SER A 60 -1.14 2.62 -8.82
CA SER A 60 -0.35 2.82 -10.02
C SER A 60 0.13 1.48 -10.58
N LYS A 61 0.64 0.62 -9.70
CA LYS A 61 1.13 -0.69 -10.09
C LYS A 61 0.01 -1.54 -10.68
N ILE A 62 -1.15 -1.52 -10.03
CA ILE A 62 -2.30 -2.28 -10.48
C ILE A 62 -2.35 -2.35 -12.00
N LYS A 63 -2.08 -3.53 -12.55
CA LYS A 63 -2.09 -3.72 -13.99
C LYS A 63 -3.32 -3.07 -14.62
N LYS A 64 -3.09 -2.31 -15.68
CA LYS A 64 -4.18 -1.62 -16.38
C LYS A 64 -4.99 -2.60 -17.21
N SER A 65 -6.28 -2.34 -17.33
CA SER A 65 -7.17 -3.21 -18.10
C SER A 65 -6.79 -3.21 -19.57
N GLY A 66 -6.69 -4.40 -20.16
CA GLY A 66 -6.33 -4.52 -21.56
C GLY A 66 -5.24 -5.54 -21.79
N PRO A 67 -4.66 -5.53 -23.00
CA PRO A 67 -3.58 -6.45 -23.37
C PRO A 67 -2.28 -6.16 -22.64
N SER A 68 -2.02 -4.87 -22.39
CA SER A 68 -0.81 -4.47 -21.70
C SER A 68 0.44 -4.87 -22.49
N SER A 69 0.29 -4.97 -23.80
CA SER A 69 1.39 -5.36 -24.67
C SER A 69 1.68 -4.26 -25.69
N GLY A 70 2.79 -4.42 -26.42
CA GLY A 70 3.16 -3.44 -27.42
C GLY A 70 4.60 -2.97 -27.28
N GLY A 1 10.94 14.83 -13.36
CA GLY A 1 10.19 13.63 -13.03
C GLY A 1 10.03 13.44 -11.54
N SER A 2 8.79 13.58 -11.05
CA SER A 2 8.51 13.43 -9.64
C SER A 2 8.18 11.98 -9.29
N SER A 3 8.94 11.05 -9.87
CA SER A 3 8.72 9.63 -9.64
C SER A 3 10.00 8.96 -9.17
N GLY A 4 9.90 7.68 -8.79
CA GLY A 4 11.06 6.94 -8.33
C GLY A 4 10.70 5.58 -7.77
N SER A 5 11.70 4.73 -7.61
CA SER A 5 11.48 3.38 -7.10
C SER A 5 12.33 3.14 -5.85
N SER A 6 12.02 2.06 -5.14
CA SER A 6 12.75 1.71 -3.92
C SER A 6 13.76 0.60 -4.20
N GLY A 7 13.27 -0.61 -4.42
CA GLY A 7 14.15 -1.74 -4.69
C GLY A 7 14.55 -2.48 -3.44
N ARG A 8 14.93 -1.73 -2.40
CA ARG A 8 15.34 -2.32 -1.13
C ARG A 8 14.36 -3.40 -0.69
N LYS A 9 14.71 -4.65 -0.93
CA LYS A 9 13.86 -5.78 -0.56
C LYS A 9 13.69 -5.85 0.96
N PRO A 10 14.82 -5.85 1.68
CA PRO A 10 14.83 -5.93 3.14
C PRO A 10 14.31 -4.64 3.78
N ARG A 11 14.05 -4.70 5.08
CA ARG A 11 13.55 -3.54 5.82
C ARG A 11 12.61 -2.72 4.95
N THR A 12 11.74 -3.39 4.21
CA THR A 12 10.78 -2.71 3.33
C THR A 12 10.30 -1.41 3.95
N ILE A 13 9.88 -0.48 3.10
CA ILE A 13 9.38 0.81 3.56
C ILE A 13 8.30 0.64 4.63
N TYR A 14 7.76 -0.56 4.71
CA TYR A 14 6.71 -0.86 5.69
C TYR A 14 6.94 -2.23 6.33
N SER A 15 6.76 -2.28 7.64
CA SER A 15 6.94 -3.53 8.39
C SER A 15 5.95 -4.59 7.93
N SER A 16 6.32 -5.85 8.11
CA SER A 16 5.47 -6.97 7.72
C SER A 16 4.09 -6.85 8.36
N PHE A 17 4.07 -6.60 9.67
CA PHE A 17 2.83 -6.46 10.41
C PHE A 17 1.96 -5.36 9.82
N GLN A 18 2.60 -4.28 9.37
CA GLN A 18 1.90 -3.15 8.79
C GLN A 18 1.43 -3.47 7.37
N LEU A 19 2.27 -4.18 6.62
CA LEU A 19 1.95 -4.55 5.25
C LEU A 19 0.81 -5.57 5.21
N ALA A 20 1.03 -6.70 5.88
CA ALA A 20 0.02 -7.76 5.93
C ALA A 20 -1.38 -7.18 5.93
N ALA A 21 -1.66 -6.30 6.90
CA ALA A 21 -2.97 -5.68 7.01
C ALA A 21 -3.23 -4.73 5.83
N LEU A 22 -2.25 -3.90 5.53
CA LEU A 22 -2.38 -2.96 4.42
C LEU A 22 -2.87 -3.65 3.16
N GLN A 23 -2.08 -4.59 2.66
CA GLN A 23 -2.44 -5.33 1.45
C GLN A 23 -3.81 -5.98 1.61
N ARG A 24 -4.02 -6.61 2.75
CA ARG A 24 -5.29 -7.28 3.03
C ARG A 24 -6.47 -6.37 2.71
N ARG A 25 -6.31 -5.08 2.99
CA ARG A 25 -7.35 -4.10 2.74
C ARG A 25 -7.44 -3.76 1.26
N PHE A 26 -6.27 -3.60 0.62
CA PHE A 26 -6.21 -3.27 -0.80
C PHE A 26 -6.99 -4.29 -1.62
N GLN A 27 -6.89 -5.55 -1.24
CA GLN A 27 -7.59 -6.63 -1.94
C GLN A 27 -9.09 -6.44 -1.88
N LYS A 28 -9.60 -6.12 -0.69
CA LYS A 28 -11.02 -5.90 -0.48
C LYS A 28 -11.53 -4.77 -1.36
N THR A 29 -10.89 -3.60 -1.24
CA THR A 29 -11.28 -2.44 -2.02
C THR A 29 -10.07 -1.58 -2.36
N GLN A 30 -10.12 -0.92 -3.51
CA GLN A 30 -9.02 -0.06 -3.95
C GLN A 30 -9.10 1.31 -3.27
N TYR A 31 -10.31 1.75 -2.98
CA TYR A 31 -10.52 3.04 -2.33
C TYR A 31 -11.00 2.86 -0.90
N LEU A 32 -10.58 3.77 -0.02
CA LEU A 32 -10.96 3.71 1.38
C LEU A 32 -11.66 4.99 1.80
N ALA A 33 -12.72 4.84 2.60
CA ALA A 33 -13.48 5.98 3.08
C ALA A 33 -12.69 6.78 4.11
N LEU A 34 -13.28 7.88 4.58
CA LEU A 34 -12.62 8.74 5.57
C LEU A 34 -12.23 7.93 6.81
N PRO A 35 -13.24 7.35 7.47
CA PRO A 35 -13.04 6.54 8.68
C PRO A 35 -12.34 5.22 8.37
N GLU A 36 -12.41 4.79 7.12
CA GLU A 36 -11.79 3.53 6.71
C GLU A 36 -10.26 3.67 6.69
N ARG A 37 -9.78 4.74 6.06
CA ARG A 37 -8.35 4.98 5.97
C ARG A 37 -7.73 5.17 7.35
N ALA A 38 -8.40 5.95 8.19
CA ALA A 38 -7.92 6.21 9.54
C ALA A 38 -7.70 4.90 10.30
N GLU A 39 -8.67 4.01 10.21
CA GLU A 39 -8.58 2.72 10.90
C GLU A 39 -7.18 2.12 10.75
N LEU A 40 -6.73 2.03 9.50
CA LEU A 40 -5.41 1.47 9.21
C LEU A 40 -4.33 2.21 9.98
N ALA A 41 -4.44 3.53 10.03
CA ALA A 41 -3.47 4.36 10.74
C ALA A 41 -3.58 4.17 12.25
N ALA A 42 -4.76 3.73 12.69
CA ALA A 42 -4.99 3.51 14.12
C ALA A 42 -4.53 2.12 14.54
N SER A 43 -4.72 1.15 13.65
CA SER A 43 -4.33 -0.23 13.93
C SER A 43 -2.86 -0.45 13.60
N LEU A 44 -2.47 -0.11 12.37
CA LEU A 44 -1.10 -0.27 11.92
C LEU A 44 -0.18 0.72 12.63
N GLY A 45 -0.77 1.62 13.41
CA GLY A 45 0.01 2.60 14.13
C GLY A 45 0.62 3.66 13.21
N LEU A 46 0.08 3.74 11.99
CA LEU A 46 0.58 4.71 11.02
C LEU A 46 -0.35 5.92 10.95
N THR A 47 0.00 6.88 10.10
CA THR A 47 -0.80 8.09 9.93
C THR A 47 -1.46 8.14 8.56
N GLN A 48 -2.55 8.88 8.46
CA GLN A 48 -3.26 9.01 7.20
C GLN A 48 -2.32 9.37 6.06
N THR A 49 -1.39 10.27 6.33
CA THR A 49 -0.41 10.71 5.34
C THR A 49 0.44 9.54 4.87
N GLN A 50 0.52 8.49 5.68
CA GLN A 50 1.30 7.31 5.34
C GLN A 50 0.45 6.28 4.61
N VAL A 51 -0.72 5.98 5.19
CA VAL A 51 -1.63 5.01 4.60
C VAL A 51 -2.26 5.55 3.32
N LYS A 52 -2.28 6.87 3.19
CA LYS A 52 -2.85 7.52 2.02
C LYS A 52 -1.96 7.32 0.79
N ILE A 53 -0.66 7.48 0.98
CA ILE A 53 0.31 7.32 -0.10
C ILE A 53 0.46 5.84 -0.48
N TRP A 54 0.45 4.97 0.53
CA TRP A 54 0.58 3.54 0.29
C TRP A 54 -0.51 3.04 -0.64
N PHE A 55 -1.71 3.61 -0.51
CA PHE A 55 -2.84 3.21 -1.34
C PHE A 55 -2.77 3.90 -2.71
N GLN A 56 -2.49 5.19 -2.70
CA GLN A 56 -2.39 5.97 -3.94
C GLN A 56 -1.39 5.33 -4.89
N ASN A 57 -0.15 5.21 -4.44
CA ASN A 57 0.91 4.64 -5.25
C ASN A 57 0.50 3.27 -5.80
N LYS A 58 0.15 2.36 -4.89
CA LYS A 58 -0.27 1.02 -5.27
C LYS A 58 -1.17 1.06 -6.50
N ARG A 59 -2.20 1.89 -6.45
CA ARG A 59 -3.13 2.03 -7.56
C ARG A 59 -2.39 2.34 -8.86
N SER A 60 -1.58 3.39 -8.83
CA SER A 60 -0.82 3.79 -10.00
C SER A 60 -0.15 2.59 -10.67
N LYS A 61 0.18 1.59 -9.86
CA LYS A 61 0.83 0.38 -10.35
C LYS A 61 -0.13 -0.42 -11.23
N ILE A 62 -1.32 -0.68 -10.71
CA ILE A 62 -2.32 -1.44 -11.46
C ILE A 62 -2.23 -1.15 -12.95
N LYS A 63 -1.66 -2.09 -13.69
CA LYS A 63 -1.51 -1.94 -15.14
C LYS A 63 -2.72 -1.24 -15.74
N LYS A 64 -2.47 -0.38 -16.72
CA LYS A 64 -3.54 0.36 -17.38
C LYS A 64 -4.15 -0.46 -18.51
N SER A 65 -5.47 -0.52 -18.55
CA SER A 65 -6.17 -1.27 -19.59
C SER A 65 -6.19 -0.50 -20.91
N GLY A 66 -6.33 -1.23 -22.01
CA GLY A 66 -6.36 -0.60 -23.31
C GLY A 66 -7.74 -0.12 -23.71
N PRO A 67 -8.45 -0.94 -24.49
CA PRO A 67 -9.80 -0.62 -24.95
C PRO A 67 -10.82 -0.66 -23.82
N SER A 68 -10.56 -1.50 -22.82
CA SER A 68 -11.46 -1.63 -21.68
C SER A 68 -12.04 -0.28 -21.28
N SER A 69 -13.36 -0.18 -21.28
CA SER A 69 -14.04 1.05 -20.92
C SER A 69 -14.16 1.19 -19.40
N GLY A 70 -14.66 0.14 -18.77
CA GLY A 70 -14.82 0.17 -17.32
C GLY A 70 -13.56 -0.26 -16.60
#